data_1O9M
# 
_entry.id   1O9M 
# 
_audit_conform.dict_name       mmcif_pdbx.dic 
_audit_conform.dict_version    5.382 
_audit_conform.dict_location   http://mmcif.pdb.org/dictionaries/ascii/mmcif_pdbx.dic 
# 
loop_
_database_2.database_id 
_database_2.database_code 
_database_2.pdbx_database_accession 
_database_2.pdbx_DOI 
PDB   1O9M         pdb_00001o9m 10.2210/pdb1o9m/pdb 
PDBE  EBI-11740    ?            ?                   
WWPDB D_1290011740 ?            ?                   
# 
_pdbx_database_status.status_code                     REL 
_pdbx_database_status.entry_id                        1O9M 
_pdbx_database_status.deposit_site                    PDBE 
_pdbx_database_status.process_site                    PDBE 
_pdbx_database_status.SG_entry                        . 
_pdbx_database_status.recvd_initial_deposition_date   2002-12-17 
_pdbx_database_status.pdb_format_compatible           Y 
_pdbx_database_status.status_code_sf                  ? 
_pdbx_database_status.status_code_mr                  ? 
_pdbx_database_status.status_code_cs                  ? 
_pdbx_database_status.methods_development_category    ? 
_pdbx_database_status.status_code_nmr_data            ? 
# 
loop_
_audit_author.name 
_audit_author.pdbx_ordinal 
'Russell, R.'  1 
'Murray, J.B.' 2 
# 
_citation.id                        primary 
_citation.title                     
'The Complex of a Designer Antibiotic with a Model Aminoacyl Site of the 30S Ribosomal Subunit Revealed by X-Ray Crystallography' 
_citation.journal_abbrev            J.Am.Chem.Soc. 
_citation.journal_volume            125 
_citation.page_first                3410 
_citation.page_last                 ? 
_citation.year                      2003 
_citation.journal_id_ASTM           JACSAT 
_citation.country                   US 
_citation.journal_id_ISSN           0002-7863 
_citation.journal_id_CSD            0004 
_citation.book_publisher            ? 
_citation.pdbx_database_id_PubMed   12643685 
_citation.pdbx_database_id_DOI      10.1021/JA029736H 
# 
loop_
_citation_author.citation_id 
_citation_author.name 
_citation_author.ordinal 
_citation_author.identifier_ORCID 
primary 'Russell, R.'   1 ? 
primary 'Murray, J.B.'  2 ? 
primary 'Lentzen, G.'   3 ? 
primary 'Haddad, J.'    4 ? 
primary 'Mobashery, S.' 5 ? 
# 
_cell.entry_id           1O9M 
_cell.length_a           32.800 
_cell.length_b           46.550 
_cell.length_c           88.810 
_cell.angle_alpha        90.00 
_cell.angle_beta         90.00 
_cell.angle_gamma        90.00 
_cell.Z_PDB              8 
_cell.pdbx_unique_axis   ? 
# 
_symmetry.entry_id                         1O9M 
_symmetry.space_group_name_H-M             'P 21 21 21' 
_symmetry.pdbx_full_space_group_name_H-M   ? 
_symmetry.cell_setting                     ? 
_symmetry.Int_Tables_number                19 
# 
loop_
_entity.id 
_entity.type 
_entity.src_method 
_entity.pdbx_description 
_entity.formula_weight 
_entity.pdbx_number_of_molecules 
_entity.pdbx_ec 
_entity.pdbx_mutation 
_entity.pdbx_fragment 
_entity.details 
1 polymer     syn 'EUBACTERIAL A-SITE'                          7048.259 2  ? ? ? ? 
2 non-polymer man 2,6-diamino-2,6-dideoxy-alpha-D-glucopyranose 178.186  1  ? ? ? ? 
3 non-polymer syn 'PAROMOMYCIN (RING 2)'                        146.188  1  ? ? ? ? 
4 non-polymer syn '1-(AMINOETHYL)AMINO-4-AMINOBUTANE'           131.219  1  ? ? ? ? 
5 non-polymer syn '4-AMINO-2-HYDROXYBUTANOIC ACID'              119.119  1  ? ? ? ? 
6 water       nat water                                         18.015   63 ? ? ? ? 
# 
_entity_poly.entity_id                      1 
_entity_poly.type                           polyribonucleotide 
_entity_poly.nstd_linkage                   no 
_entity_poly.nstd_monomer                   no 
_entity_poly.pdbx_seq_one_letter_code       CGCGUCACACCGGUGAAGUCGC 
_entity_poly.pdbx_seq_one_letter_code_can   CGCGUCACACCGGUGAAGUCGC 
_entity_poly.pdbx_strand_id                 A,B 
_entity_poly.pdbx_target_identifier         ? 
# 
loop_
_entity_poly_seq.entity_id 
_entity_poly_seq.num 
_entity_poly_seq.mon_id 
_entity_poly_seq.hetero 
1 1  C n 
1 2  G n 
1 3  C n 
1 4  G n 
1 5  U n 
1 6  C n 
1 7  A n 
1 8  C n 
1 9  A n 
1 10 C n 
1 11 C n 
1 12 G n 
1 13 G n 
1 14 U n 
1 15 G n 
1 16 A n 
1 17 A n 
1 18 G n 
1 19 U n 
1 20 C n 
1 21 G n 
1 22 C n 
# 
_pdbx_entity_src_syn.entity_id              1 
_pdbx_entity_src_syn.pdbx_src_id            1 
_pdbx_entity_src_syn.pdbx_alt_source_flag   sample 
_pdbx_entity_src_syn.pdbx_beg_seq_num       ? 
_pdbx_entity_src_syn.pdbx_end_seq_num       ? 
_pdbx_entity_src_syn.organism_scientific    'ESCHERICHIA COLI' 
_pdbx_entity_src_syn.organism_common_name   ? 
_pdbx_entity_src_syn.ncbi_taxonomy_id       562 
_pdbx_entity_src_syn.details                ? 
# 
_struct_ref.id                         1 
_struct_ref.db_name                    PDB 
_struct_ref.db_code                    1O9M 
_struct_ref.entity_id                  1 
_struct_ref.pdbx_seq_one_letter_code   ? 
_struct_ref.pdbx_align_begin           ? 
_struct_ref.pdbx_db_accession          1O9M 
_struct_ref.pdbx_db_isoform            ? 
# 
loop_
_struct_ref_seq.align_id 
_struct_ref_seq.ref_id 
_struct_ref_seq.pdbx_PDB_id_code 
_struct_ref_seq.pdbx_strand_id 
_struct_ref_seq.seq_align_beg 
_struct_ref_seq.pdbx_seq_align_beg_ins_code 
_struct_ref_seq.seq_align_end 
_struct_ref_seq.pdbx_seq_align_end_ins_code 
_struct_ref_seq.pdbx_db_accession 
_struct_ref_seq.db_align_beg 
_struct_ref_seq.pdbx_db_align_beg_ins_code 
_struct_ref_seq.db_align_end 
_struct_ref_seq.pdbx_db_align_end_ins_code 
_struct_ref_seq.pdbx_auth_seq_align_beg 
_struct_ref_seq.pdbx_auth_seq_align_end 
1 1 1O9M A 1  ? 11 ? 1O9M 1402 ? 1412 ? 1402 1412 
2 1 1O9M A 12 ? 22 ? 1O9M 1488 ? 1498 ? 1488 1498 
3 1 1O9M B 1  ? 11 ? 1O9M 1402 ? 1412 ? 1402 1412 
4 1 1O9M B 12 ? 22 ? 1O9M 1488 ? 1498 ? 1488 1498 
# 
loop_
_chem_comp.id 
_chem_comp.type 
_chem_comp.mon_nstd_flag 
_chem_comp.name 
_chem_comp.pdbx_synonyms 
_chem_comp.formula 
_chem_comp.formula_weight 
42B non-polymer                   . '4-AMINO-2-HYDROXYBUTANOIC ACID'              ? 'C4 H9 N O3'      119.119 
A   'RNA linking'                 y "ADENOSINE-5'-MONOPHOSPHATE"                  ? 'C10 H14 N5 O7 P' 347.221 
BDG 'D-saccharide, alpha linking' . 2,6-diamino-2,6-dideoxy-alpha-D-glucopyranose 
;O-2,6-DIAMINO-2,6-DIDEOXY-ALPHA-D-GLUCOPYRANOSE; 2,6-diamino-2,6-dideoxy-alpha-D-glucose; 2,6-diamino-2,6-dideoxy-D-glucose; 2,6-diamino-2,6-dideoxy-glucose
;
'C6 H14 N2 O4'    178.186 
C   'RNA linking'                 y "CYTIDINE-5'-MONOPHOSPHATE"                   ? 'C9 H14 N3 O8 P'  323.197 
G   'RNA linking'                 y "GUANOSINE-5'-MONOPHOSPHATE"                  ? 'C10 H14 N5 O8 P' 363.221 
HOH non-polymer                   . WATER                                         ? 'H2 O'            18.015  
P24 non-polymer                   . '1-(AMINOETHYL)AMINO-4-AMINOBUTANE'           'PA(24)' 'C6 H17 N3'       131.219 
PA2 non-polymer                   . 'PAROMOMYCIN (RING 2)'                        ? 'C6 H14 N2 O2'    146.188 
U   'RNA linking'                 y "URIDINE-5'-MONOPHOSPHATE"                    ? 'C9 H13 N2 O9 P'  324.181 
# 
_exptl.entry_id          1O9M 
_exptl.method            'X-RAY DIFFRACTION' 
_exptl.crystals_number   1 
# 
_exptl_crystal.id                    1 
_exptl_crystal.density_meas          ? 
_exptl_crystal.density_Matthews      2.40 
_exptl_crystal.density_percent_sol   48.85 
_exptl_crystal.description           ? 
# 
_exptl_crystal_grow.crystal_id      1 
_exptl_crystal_grow.method          ? 
_exptl_crystal_grow.temp            ? 
_exptl_crystal_grow.temp_details    ? 
_exptl_crystal_grow.pH              6.40 
_exptl_crystal_grow.pdbx_pH_range   ? 
_exptl_crystal_grow.pdbx_details    'MPD, NACL, MGSO4, GLYCEROL, NA CACODYLATE, pH 6.40' 
# 
_diffrn.id                     1 
_diffrn.ambient_temp           273.0 
_diffrn.ambient_temp_details   ? 
_diffrn.crystal_id             1 
# 
_diffrn_detector.diffrn_id              1 
_diffrn_detector.detector               CCD 
_diffrn_detector.type                   'ADSC CCD' 
_diffrn_detector.pdbx_collection_date   ? 
_diffrn_detector.details                ? 
# 
_diffrn_radiation.diffrn_id                        1 
_diffrn_radiation.wavelength_id                    1 
_diffrn_radiation.pdbx_monochromatic_or_laue_m_l   M 
_diffrn_radiation.monochromator                    ? 
_diffrn_radiation.pdbx_diffrn_protocol             'SINGLE WAVELENGTH' 
_diffrn_radiation.pdbx_scattering_type             x-ray 
# 
_diffrn_radiation_wavelength.id           1 
_diffrn_radiation_wavelength.wavelength   0.9795 
_diffrn_radiation_wavelength.wt           1.0 
# 
_diffrn_source.diffrn_id                   1 
_diffrn_source.source                      SYNCHROTRON 
_diffrn_source.type                        'ESRF BEAMLINE ID29' 
_diffrn_source.pdbx_synchrotron_site       ESRF 
_diffrn_source.pdbx_synchrotron_beamline   ID29 
_diffrn_source.pdbx_wavelength             0.9795 
_diffrn_source.pdbx_wavelength_list        ? 
# 
_reflns.pdbx_diffrn_id               1 
_reflns.pdbx_ordinal                 1 
_reflns.entry_id                     1O9M 
_reflns.observed_criterion_sigma_I   ? 
_reflns.observed_criterion_sigma_F   ? 
_reflns.d_resolution_low             30.000 
_reflns.d_resolution_high            2.400 
_reflns.number_obs                   32243 
_reflns.number_all                   ? 
_reflns.percent_possible_obs         94.5 
_reflns.pdbx_Rmerge_I_obs            ? 
_reflns.pdbx_Rsym_value              0.06900 
_reflns.pdbx_netI_over_sigmaI        19.6000 
_reflns.B_iso_Wilson_estimate        68.9 
_reflns.pdbx_redundancy              6.000 
# 
_reflns_shell.pdbx_diffrn_id         1 
_reflns_shell.pdbx_ordinal           1 
_reflns_shell.d_res_high             2.40 
_reflns_shell.d_res_low              2.49 
_reflns_shell.percent_possible_all   97.7 
_reflns_shell.Rmerge_I_obs           ? 
_reflns_shell.pdbx_Rsym_value        0.58000 
_reflns_shell.meanI_over_sigI_obs    1.900 
_reflns_shell.pdbx_redundancy        ? 
# 
_refine.pdbx_refine_id                           'X-RAY DIFFRACTION' 
_refine.entry_id                                 1O9M 
_refine.pdbx_diffrn_id                           1 
_refine.pdbx_TLS_residual_ADP_flag               ? 
_refine.ls_number_reflns_obs                     5247 
_refine.ls_number_reflns_all                     ? 
_refine.pdbx_ls_sigma_I                          ? 
_refine.pdbx_ls_sigma_F                          0.0 
_refine.pdbx_data_cutoff_high_absF               ? 
_refine.pdbx_data_cutoff_low_absF                ? 
_refine.pdbx_data_cutoff_high_rms_absF           ? 
_refine.ls_d_res_low                             30.0 
_refine.ls_d_res_high                            2.4 
_refine.ls_percent_reflns_obs                    92.2 
_refine.ls_R_factor_obs                          0.2507 
_refine.ls_R_factor_all                          ? 
_refine.ls_R_factor_R_work                       0.2507 
_refine.ls_R_factor_R_free                       0.2981 
_refine.ls_R_factor_R_free_error                 ? 
_refine.ls_R_factor_R_free_error_details         ? 
_refine.ls_percent_reflns_R_free                 10.0 
_refine.ls_number_reflns_R_free                  563 
_refine.ls_number_parameters                     ? 
_refine.ls_number_restraints                     ? 
_refine.occupancy_min                            ? 
_refine.occupancy_max                            ? 
_refine.correlation_coeff_Fo_to_Fc               ? 
_refine.correlation_coeff_Fo_to_Fc_free          ? 
_refine.B_iso_mean                               46.9 
_refine.aniso_B[1][1]                            ? 
_refine.aniso_B[2][2]                            ? 
_refine.aniso_B[3][3]                            ? 
_refine.aniso_B[1][2]                            ? 
_refine.aniso_B[1][3]                            ? 
_refine.aniso_B[2][3]                            ? 
_refine.solvent_model_details                    ? 
_refine.solvent_model_param_ksol                 0.31 
_refine.solvent_model_param_bsol                 65 
_refine.pdbx_solvent_vdw_probe_radii             ? 
_refine.pdbx_solvent_ion_probe_radii             ? 
_refine.pdbx_solvent_shrinkage_radii             ? 
_refine.pdbx_ls_cross_valid_method               THROUGHOUT 
_refine.details                                  ? 
_refine.pdbx_starting_model                      'PDB ENTRY 1J7T' 
_refine.pdbx_method_to_determine_struct          'MOLECULAR REPLACEMENT' 
_refine.pdbx_isotropic_thermal_model             ? 
_refine.pdbx_stereochemistry_target_values       ? 
_refine.pdbx_stereochem_target_val_spec_case     ? 
_refine.pdbx_R_Free_selection_details            RANDOM 
_refine.pdbx_overall_ESU_R                       ? 
_refine.pdbx_overall_ESU_R_Free                  ? 
_refine.overall_SU_ML                            ? 
_refine.pdbx_overall_phase_error                 ? 
_refine.overall_SU_B                             ? 
_refine.overall_SU_R_Cruickshank_DPI             ? 
_refine.pdbx_overall_SU_R_free_Cruickshank_DPI   ? 
_refine.pdbx_overall_SU_R_Blow_DPI               ? 
_refine.pdbx_overall_SU_R_free_Blow_DPI          ? 
# 
_refine_hist.pdbx_refine_id                   'X-RAY DIFFRACTION' 
_refine_hist.cycle_id                         LAST 
_refine_hist.pdbx_number_atoms_protein        0 
_refine_hist.pdbx_number_atoms_nucleic_acid   892 
_refine_hist.pdbx_number_atoms_ligand         37 
_refine_hist.number_atoms_solvent             63 
_refine_hist.number_atoms_total               992 
_refine_hist.d_res_high                       2.4 
_refine_hist.d_res_low                        30.0 
# 
loop_
_refine_ls_restr.type 
_refine_ls_restr.dev_ideal 
_refine_ls_restr.dev_ideal_target 
_refine_ls_restr.weight 
_refine_ls_restr.number 
_refine_ls_restr.pdbx_refine_id 
_refine_ls_restr.pdbx_restraint_function 
c_bond_d                0.0057 ? ? ? 'X-RAY DIFFRACTION' ? 
c_bond_d_na             ?      ? ? ? 'X-RAY DIFFRACTION' ? 
c_bond_d_prot           ?      ? ? ? 'X-RAY DIFFRACTION' ? 
c_angle_d               ?      ? ? ? 'X-RAY DIFFRACTION' ? 
c_angle_d_na            ?      ? ? ? 'X-RAY DIFFRACTION' ? 
c_angle_d_prot          ?      ? ? ? 'X-RAY DIFFRACTION' ? 
c_angle_deg             1.05   ? ? ? 'X-RAY DIFFRACTION' ? 
c_angle_deg_na          ?      ? ? ? 'X-RAY DIFFRACTION' ? 
c_angle_deg_prot        ?      ? ? ? 'X-RAY DIFFRACTION' ? 
c_dihedral_angle_d      ?      ? ? ? 'X-RAY DIFFRACTION' ? 
c_dihedral_angle_d_na   ?      ? ? ? 'X-RAY DIFFRACTION' ? 
c_dihedral_angle_d_prot ?      ? ? ? 'X-RAY DIFFRACTION' ? 
c_improper_angle_d      ?      ? ? ? 'X-RAY DIFFRACTION' ? 
c_improper_angle_d_na   ?      ? ? ? 'X-RAY DIFFRACTION' ? 
c_improper_angle_d_prot ?      ? ? ? 'X-RAY DIFFRACTION' ? 
c_mcbond_it             ?      ? ? ? 'X-RAY DIFFRACTION' ? 
c_mcangle_it            ?      ? ? ? 'X-RAY DIFFRACTION' ? 
c_scbond_it             ?      ? ? ? 'X-RAY DIFFRACTION' ? 
c_scangle_it            ?      ? ? ? 'X-RAY DIFFRACTION' ? 
# 
_struct.entry_id                  1O9M 
_struct.title                     
'The Complex of a novel antibiotic with the Aminoacyl Site of the Bacterial Ribosome Revealed by X-Ray Crystallography.' 
_struct.pdbx_model_details        ? 
_struct.pdbx_CASP_flag            ? 
_struct.pdbx_model_type_details   ? 
# 
_struct_keywords.entry_id        1O9M 
_struct_keywords.pdbx_keywords   ANTIBIOTIC/RNA 
_struct_keywords.text            'ANTIBIOTIC/RNA, RNA-ANTIBIOTIC INTERACTIONS, A-SITE, ANTIBIOTIC-RNA complex' 
# 
loop_
_struct_asym.id 
_struct_asym.pdbx_blank_PDB_chainid_flag 
_struct_asym.pdbx_modified 
_struct_asym.entity_id 
_struct_asym.details 
A N N 1 ? 
B N N 1 ? 
C N N 2 ? 
D N N 3 ? 
E N N 4 ? 
F N N 5 ? 
G N N 6 ? 
H N N 6 ? 
# 
_struct_biol.id   1 
# 
loop_
_struct_conn.id 
_struct_conn.conn_type_id 
_struct_conn.pdbx_leaving_atom_flag 
_struct_conn.pdbx_PDB_id 
_struct_conn.ptnr1_label_asym_id 
_struct_conn.ptnr1_label_comp_id 
_struct_conn.ptnr1_label_seq_id 
_struct_conn.ptnr1_label_atom_id 
_struct_conn.pdbx_ptnr1_label_alt_id 
_struct_conn.pdbx_ptnr1_PDB_ins_code 
_struct_conn.pdbx_ptnr1_standard_comp_id 
_struct_conn.ptnr1_symmetry 
_struct_conn.ptnr2_label_asym_id 
_struct_conn.ptnr2_label_comp_id 
_struct_conn.ptnr2_label_seq_id 
_struct_conn.ptnr2_label_atom_id 
_struct_conn.pdbx_ptnr2_label_alt_id 
_struct_conn.pdbx_ptnr2_PDB_ins_code 
_struct_conn.ptnr1_auth_asym_id 
_struct_conn.ptnr1_auth_comp_id 
_struct_conn.ptnr1_auth_seq_id 
_struct_conn.ptnr2_auth_asym_id 
_struct_conn.ptnr2_auth_comp_id 
_struct_conn.ptnr2_auth_seq_id 
_struct_conn.ptnr2_symmetry 
_struct_conn.pdbx_ptnr3_label_atom_id 
_struct_conn.pdbx_ptnr3_label_seq_id 
_struct_conn.pdbx_ptnr3_label_comp_id 
_struct_conn.pdbx_ptnr3_label_asym_id 
_struct_conn.pdbx_ptnr3_label_alt_id 
_struct_conn.pdbx_ptnr3_PDB_ins_code 
_struct_conn.details 
_struct_conn.pdbx_dist_value 
_struct_conn.pdbx_value_order 
_struct_conn.pdbx_role 
covale1  covale one ? C BDG .  O1 ? ? ? 1_555 D PA2 .  C4 ? ? B BDG 2499 B PA2 2500 1_555 ? ? ? ? ? ? ?             1.456 ? ? 
covale2  covale one ? D PA2 .  O2 ? ? ? 1_555 E P24 .  C2 ? ? B PA2 2500 B P24 2501 1_555 ? ? ? ? ? ? ?             1.445 ? ? 
covale3  covale one ? D PA2 .  N1 ? ? ? 1_555 F 42B .  C3 ? ? B PA2 2500 B 42B 2502 1_555 ? ? ? ? ? ? ?             1.774 ? ? 
hydrog1  hydrog ?   ? A G   2  N1 ? ? ? 1_555 B C   22 N3 ? ? A G   1403 B C   1498 1_555 ? ? ? ? ? ? WATSON-CRICK  ?     ? ? 
hydrog2  hydrog ?   ? A G   2  N2 ? ? ? 1_555 B C   22 O2 ? ? A G   1403 B C   1498 1_555 ? ? ? ? ? ? WATSON-CRICK  ?     ? ? 
hydrog3  hydrog ?   ? A G   2  O6 ? ? ? 1_555 B C   22 N4 ? ? A G   1403 B C   1498 1_555 ? ? ? ? ? ? WATSON-CRICK  ?     ? ? 
hydrog4  hydrog ?   ? A C   3  N3 ? ? ? 1_555 B G   21 N1 ? ? A C   1404 B G   1497 1_555 ? ? ? ? ? ? WATSON-CRICK  ?     ? ? 
hydrog5  hydrog ?   ? A C   3  N4 ? ? ? 1_555 B G   21 O6 ? ? A C   1404 B G   1497 1_555 ? ? ? ? ? ? WATSON-CRICK  ?     ? ? 
hydrog6  hydrog ?   ? A C   3  O2 ? ? ? 1_555 B G   21 N2 ? ? A C   1404 B G   1497 1_555 ? ? ? ? ? ? WATSON-CRICK  ?     ? ? 
hydrog7  hydrog ?   ? A G   4  N1 ? ? ? 1_555 B C   20 N3 ? ? A G   1405 B C   1496 1_555 ? ? ? ? ? ? WATSON-CRICK  ?     ? ? 
hydrog8  hydrog ?   ? A G   4  N2 ? ? ? 1_555 B C   20 O2 ? ? A G   1405 B C   1496 1_555 ? ? ? ? ? ? WATSON-CRICK  ?     ? ? 
hydrog9  hydrog ?   ? A G   4  O6 ? ? ? 1_555 B C   20 N4 ? ? A G   1405 B C   1496 1_555 ? ? ? ? ? ? WATSON-CRICK  ?     ? ? 
hydrog10 hydrog ?   ? A C   6  N3 ? ? ? 1_555 B G   18 N1 ? ? A C   1407 B G   1494 1_555 ? ? ? ? ? ? WATSON-CRICK  ?     ? ? 
hydrog11 hydrog ?   ? A C   6  N4 ? ? ? 1_555 B G   18 O6 ? ? A C   1407 B G   1494 1_555 ? ? ? ? ? ? WATSON-CRICK  ?     ? ? 
hydrog12 hydrog ?   ? A C   6  O2 ? ? ? 1_555 B G   18 N2 ? ? A C   1407 B G   1494 1_555 ? ? ? ? ? ? WATSON-CRICK  ?     ? ? 
hydrog13 hydrog ?   ? A C   8  N3 ? ? ? 1_555 B G   15 N1 ? ? A C   1409 B G   1491 1_555 ? ? ? ? ? ? WATSON-CRICK  ?     ? ? 
hydrog14 hydrog ?   ? A C   8  N4 ? ? ? 1_555 B G   15 O6 ? ? A C   1409 B G   1491 1_555 ? ? ? ? ? ? WATSON-CRICK  ?     ? ? 
hydrog15 hydrog ?   ? A C   8  O2 ? ? ? 1_555 B G   15 N2 ? ? A C   1409 B G   1491 1_555 ? ? ? ? ? ? WATSON-CRICK  ?     ? ? 
hydrog16 hydrog ?   ? A A   9  N1 ? ? ? 1_555 B U   14 N3 ? ? A A   1410 B U   1490 1_555 ? ? ? ? ? ? WATSON-CRICK  ?     ? ? 
hydrog17 hydrog ?   ? A A   9  N6 ? ? ? 1_555 B U   14 O4 ? ? A A   1410 B U   1490 1_555 ? ? ? ? ? ? WATSON-CRICK  ?     ? ? 
hydrog18 hydrog ?   ? A C   10 N3 ? ? ? 1_555 B G   13 N1 ? ? A C   1411 B G   1489 1_555 ? ? ? ? ? ? WATSON-CRICK  ?     ? ? 
hydrog19 hydrog ?   ? A C   10 N4 ? ? ? 1_555 B G   13 O6 ? ? A C   1411 B G   1489 1_555 ? ? ? ? ? ? WATSON-CRICK  ?     ? ? 
hydrog20 hydrog ?   ? A C   10 O2 ? ? ? 1_555 B G   13 N2 ? ? A C   1411 B G   1489 1_555 ? ? ? ? ? ? WATSON-CRICK  ?     ? ? 
hydrog21 hydrog ?   ? A C   11 N3 ? ? ? 1_555 B G   12 N1 ? ? A C   1412 B G   1488 1_555 ? ? ? ? ? ? WATSON-CRICK  ?     ? ? 
hydrog22 hydrog ?   ? A C   11 N4 ? ? ? 1_555 B G   12 O6 ? ? A C   1412 B G   1488 1_555 ? ? ? ? ? ? WATSON-CRICK  ?     ? ? 
hydrog23 hydrog ?   ? A C   11 O2 ? ? ? 1_555 B G   12 N2 ? ? A C   1412 B G   1488 1_555 ? ? ? ? ? ? WATSON-CRICK  ?     ? ? 
hydrog24 hydrog ?   ? A G   12 N1 ? ? ? 1_555 B C   11 N3 ? ? A G   1488 B C   1412 1_555 ? ? ? ? ? ? WATSON-CRICK  ?     ? ? 
hydrog25 hydrog ?   ? A G   12 N2 ? ? ? 1_555 B C   11 O2 ? ? A G   1488 B C   1412 1_555 ? ? ? ? ? ? WATSON-CRICK  ?     ? ? 
hydrog26 hydrog ?   ? A G   12 O6 ? ? ? 1_555 B C   11 N4 ? ? A G   1488 B C   1412 1_555 ? ? ? ? ? ? WATSON-CRICK  ?     ? ? 
hydrog27 hydrog ?   ? A G   13 N1 ? ? ? 1_555 B C   10 N3 ? ? A G   1489 B C   1411 1_555 ? ? ? ? ? ? WATSON-CRICK  ?     ? ? 
hydrog28 hydrog ?   ? A G   13 N2 ? ? ? 1_555 B C   10 O2 ? ? A G   1489 B C   1411 1_555 ? ? ? ? ? ? WATSON-CRICK  ?     ? ? 
hydrog29 hydrog ?   ? A G   13 O6 ? ? ? 1_555 B C   10 N4 ? ? A G   1489 B C   1411 1_555 ? ? ? ? ? ? WATSON-CRICK  ?     ? ? 
hydrog30 hydrog ?   ? A U   14 N3 ? ? ? 1_555 B A   9  N1 ? ? A U   1490 B A   1410 1_555 ? ? ? ? ? ? WATSON-CRICK  ?     ? ? 
hydrog31 hydrog ?   ? A U   14 O4 ? ? ? 1_555 B A   9  N6 ? ? A U   1490 B A   1410 1_555 ? ? ? ? ? ? WATSON-CRICK  ?     ? ? 
hydrog32 hydrog ?   ? A G   15 N1 ? ? ? 1_555 B C   8  N3 ? ? A G   1491 B C   1409 1_555 ? ? ? ? ? ? WATSON-CRICK  ?     ? ? 
hydrog33 hydrog ?   ? A G   15 N2 ? ? ? 1_555 B C   8  O2 ? ? A G   1491 B C   1409 1_555 ? ? ? ? ? ? WATSON-CRICK  ?     ? ? 
hydrog34 hydrog ?   ? A G   15 O6 ? ? ? 1_555 B C   8  N4 ? ? A G   1491 B C   1409 1_555 ? ? ? ? ? ? WATSON-CRICK  ?     ? ? 
hydrog35 hydrog ?   ? A A   17 N6 ? ? ? 1_555 B A   7  N1 ? ? A A   1493 B A   1408 1_555 ? ? ? ? ? ? 'A-A MISPAIR' ?     ? ? 
hydrog36 hydrog ?   ? A A   17 N6 ? ? ? 1_555 B C   8  O2 ? ? A A   1493 B C   1409 1_555 ? ? ? ? ? ? 'A-C MISPAIR' ?     ? ? 
hydrog37 hydrog ?   ? A G   18 N1 ? ? ? 1_555 B C   6  N3 ? ? A G   1494 B C   1407 1_555 ? ? ? ? ? ? WATSON-CRICK  ?     ? ? 
hydrog38 hydrog ?   ? A G   18 N2 ? ? ? 1_555 B C   6  O2 ? ? A G   1494 B C   1407 1_555 ? ? ? ? ? ? WATSON-CRICK  ?     ? ? 
hydrog39 hydrog ?   ? A G   18 O6 ? ? ? 1_555 B C   6  N4 ? ? A G   1494 B C   1407 1_555 ? ? ? ? ? ? WATSON-CRICK  ?     ? ? 
hydrog40 hydrog ?   ? A U   19 N3 ? ? ? 1_555 B U   5  O2 ? ? A U   1495 B U   1406 1_555 ? ? ? ? ? ? TYPE_16_PAIR  ?     ? ? 
hydrog41 hydrog ?   ? A U   19 O4 ? ? ? 1_555 B U   5  N3 ? ? A U   1495 B U   1406 1_555 ? ? ? ? ? ? TYPE_16_PAIR  ?     ? ? 
hydrog42 hydrog ?   ? A C   20 N3 ? ? ? 1_555 B G   4  N1 ? ? A C   1496 B G   1405 1_555 ? ? ? ? ? ? WATSON-CRICK  ?     ? ? 
hydrog43 hydrog ?   ? A C   20 N4 ? ? ? 1_555 B G   4  O6 ? ? A C   1496 B G   1405 1_555 ? ? ? ? ? ? WATSON-CRICK  ?     ? ? 
hydrog44 hydrog ?   ? A C   20 O2 ? ? ? 1_555 B G   4  N2 ? ? A C   1496 B G   1405 1_555 ? ? ? ? ? ? WATSON-CRICK  ?     ? ? 
hydrog45 hydrog ?   ? A G   21 N1 ? ? ? 1_555 B C   3  N3 ? ? A G   1497 B C   1404 1_555 ? ? ? ? ? ? WATSON-CRICK  ?     ? ? 
hydrog46 hydrog ?   ? A G   21 N2 ? ? ? 1_555 B C   3  O2 ? ? A G   1497 B C   1404 1_555 ? ? ? ? ? ? WATSON-CRICK  ?     ? ? 
hydrog47 hydrog ?   ? A G   21 O6 ? ? ? 1_555 B C   3  N4 ? ? A G   1497 B C   1404 1_555 ? ? ? ? ? ? WATSON-CRICK  ?     ? ? 
hydrog48 hydrog ?   ? A C   22 N3 ? ? ? 1_555 B G   2  N1 ? ? A C   1498 B G   1403 1_555 ? ? ? ? ? ? WATSON-CRICK  ?     ? ? 
hydrog49 hydrog ?   ? A C   22 N4 ? ? ? 1_555 B G   2  O6 ? ? A C   1498 B G   1403 1_555 ? ? ? ? ? ? WATSON-CRICK  ?     ? ? 
hydrog50 hydrog ?   ? A C   22 O2 ? ? ? 1_555 B G   2  N2 ? ? A C   1498 B G   1403 1_555 ? ? ? ? ? ? WATSON-CRICK  ?     ? ? 
# 
loop_
_struct_conn_type.id 
_struct_conn_type.criteria 
_struct_conn_type.reference 
covale ? ? 
hydrog ? ? 
# 
_atom_sites.entry_id                    1O9M 
_atom_sites.fract_transf_matrix[1][1]   0.02220694 
_atom_sites.fract_transf_matrix[1][2]   0.01547685 
_atom_sites.fract_transf_matrix[1][3]   0.01402985 
_atom_sites.fract_transf_matrix[2][1]   0.01276303 
_atom_sites.fract_transf_matrix[2][2]   -0.00286602 
_atom_sites.fract_transf_matrix[2][3]   -0.01704017 
_atom_sites.fract_transf_matrix[3][1]   -0.00384280 
_atom_sites.fract_transf_matrix[3][2]   0.00958427 
_atom_sites.fract_transf_matrix[3][3]   -0.00449024 
_atom_sites.fract_transf_vector[1]      0.060918 
_atom_sites.fract_transf_vector[2]      0.080448 
_atom_sites.fract_transf_vector[3]      0.133029 
# 
loop_
_atom_type.symbol 
C 
N 
O 
P 
# 
loop_
_atom_site.group_PDB 
_atom_site.id 
_atom_site.type_symbol 
_atom_site.label_atom_id 
_atom_site.label_alt_id 
_atom_site.label_comp_id 
_atom_site.label_asym_id 
_atom_site.label_entity_id 
_atom_site.label_seq_id 
_atom_site.pdbx_PDB_ins_code 
_atom_site.Cartn_x 
_atom_site.Cartn_y 
_atom_site.Cartn_z 
_atom_site.occupancy 
_atom_site.B_iso_or_equiv 
_atom_site.pdbx_formal_charge 
_atom_site.auth_seq_id 
_atom_site.auth_comp_id 
_atom_site.auth_asym_id 
_atom_site.auth_atom_id 
_atom_site.pdbx_PDB_model_num 
ATOM   1   O "O5'" . G   A 1 2  ? 10.355  -11.795 -19.735 1.00 57.39 ? 1403 G   A "O5'" 1 
ATOM   2   C "C5'" . G   A 1 2  ? 11.334  -11.349 -20.689 1.00 57.98 ? 1403 G   A "C5'" 1 
ATOM   3   C "C4'" . G   A 1 2  ? 10.869  -10.267 -21.647 1.00 56.60 ? 1403 G   A "C4'" 1 
ATOM   4   O "O4'" . G   A 1 2  ? 10.074  -10.849 -22.714 1.00 57.25 ? 1403 G   A "O4'" 1 
ATOM   5   C "C3'" . G   A 1 2  ? 9.978   -9.179  -21.069 1.00 56.32 ? 1403 G   A "C3'" 1 
ATOM   6   O "O3'" . G   A 1 2  ? 10.758  -8.179  -20.410 1.00 55.79 ? 1403 G   A "O3'" 1 
ATOM   7   C "C2'" . G   A 1 2  ? 9.286   -8.640  -22.322 1.00 56.26 ? 1403 G   A "C2'" 1 
ATOM   8   O "O2'" . G   A 1 2  ? 10.076  -7.740  -23.068 1.00 54.12 ? 1403 G   A "O2'" 1 
ATOM   9   C "C1'" . G   A 1 2  ? 9.095   -9.915  -23.145 1.00 55.88 ? 1403 G   A "C1'" 1 
ATOM   10  N N9    . G   A 1 2  ? 7.778   -10.517 -22.973 1.00 55.60 ? 1403 G   A N9    1 
ATOM   11  C C8    . G   A 1 2  ? 7.498   -11.721 -22.373 1.00 55.86 ? 1403 G   A C8    1 
ATOM   12  N N7    . G   A 1 2  ? 6.223   -12.004 -22.357 1.00 56.10 ? 1403 G   A N7    1 
ATOM   13  C C5    . G   A 1 2  ? 5.622   -10.920 -22.986 1.00 55.43 ? 1403 G   A C5    1 
ATOM   14  C C6    . G   A 1 2  ? 4.251   -10.659 -23.260 1.00 55.26 ? 1403 G   A C6    1 
ATOM   15  O O6    . G   A 1 2  ? 3.263   -11.351 -22.980 1.00 54.73 ? 1403 G   A O6    1 
ATOM   16  N N1    . G   A 1 2  ? 4.085   -9.447  -23.923 1.00 55.45 ? 1403 G   A N1    1 
ATOM   17  C C2    . G   A 1 2  ? 5.098   -8.588  -24.268 1.00 54.70 ? 1403 G   A C2    1 
ATOM   18  N N2    . G   A 1 2  ? 4.719   -7.462  -24.901 1.00 54.53 ? 1403 G   A N2    1 
ATOM   19  N N3    . G   A 1 2  ? 6.380   -8.814  -24.013 1.00 53.62 ? 1403 G   A N3    1 
ATOM   20  C C4    . G   A 1 2  ? 6.568   -9.992  -23.374 1.00 55.07 ? 1403 G   A C4    1 
ATOM   21  P P     . C   A 1 3  ? 10.084  -7.241  -19.286 1.00 55.23 ? 1404 C   A P     1 
ATOM   22  O OP1   . C   A 1 3  ? 11.097  -6.222  -18.920 1.00 56.28 ? 1404 C   A OP1   1 
ATOM   23  O OP2   . C   A 1 3  ? 9.480   -8.087  -18.222 1.00 54.07 ? 1404 C   A OP2   1 
ATOM   24  O "O5'" . C   A 1 3  ? 8.906   -6.498  -20.056 1.00 53.16 ? 1404 C   A "O5'" 1 
ATOM   25  C "C5'" . C   A 1 3  ? 9.180   -5.410  -20.931 1.00 48.94 ? 1404 C   A "C5'" 1 
ATOM   26  C "C4'" . C   A 1 3  ? 7.887   -4.779  -21.404 1.00 47.27 ? 1404 C   A "C4'" 1 
ATOM   27  O "O4'" . C   A 1 3  ? 7.110   -5.784  -22.104 1.00 45.18 ? 1404 C   A "O4'" 1 
ATOM   28  C "C3'" . C   A 1 3  ? 6.936   -4.301  -20.319 1.00 46.08 ? 1404 C   A "C3'" 1 
ATOM   29  O "O3'" . C   A 1 3  ? 7.260   -2.997  -19.849 1.00 44.49 ? 1404 C   A "O3'" 1 
ATOM   30  C "C2'" . C   A 1 3  ? 5.610   -4.276  -21.056 1.00 44.96 ? 1404 C   A "C2'" 1 
ATOM   31  O "O2'" . C   A 1 3  ? 5.496   -3.145  -21.887 1.00 46.26 ? 1404 C   A "O2'" 1 
ATOM   32  C "C1'" . C   A 1 3  ? 5.731   -5.517  -21.936 1.00 44.58 ? 1404 C   A "C1'" 1 
ATOM   33  N N1    . C   A 1 3  ? 5.080   -6.708  -21.374 1.00 43.91 ? 1404 C   A N1    1 
ATOM   34  C C2    . C   A 1 3  ? 3.686   -6.807  -21.450 1.00 41.70 ? 1404 C   A C2    1 
ATOM   35  O O2    . C   A 1 3  ? 3.050   -5.870  -21.960 1.00 38.60 ? 1404 C   A O2    1 
ATOM   36  N N3    . C   A 1 3  ? 3.073   -7.918  -20.972 1.00 40.71 ? 1404 C   A N3    1 
ATOM   37  C C4    . C   A 1 3  ? 3.798   -8.902  -20.439 1.00 39.70 ? 1404 C   A C4    1 
ATOM   38  N N4    . C   A 1 3  ? 3.160   -9.991  -20.018 1.00 37.35 ? 1404 C   A N4    1 
ATOM   39  C C5    . C   A 1 3  ? 5.217   -8.816  -20.324 1.00 41.69 ? 1404 C   A C5    1 
ATOM   40  C C6    . C   A 1 3  ? 5.812   -7.711  -20.798 1.00 43.11 ? 1404 C   A C6    1 
ATOM   41  P P     . G   A 1 4  ? 6.813   -2.565  -18.372 1.00 43.23 ? 1405 G   A P     1 
ATOM   42  O OP1   . G   A 1 4  ? 7.431   -1.265  -18.023 1.00 43.91 ? 1405 G   A OP1   1 
ATOM   43  O OP2   . G   A 1 4  ? 7.082   -3.751  -17.525 1.00 45.64 ? 1405 G   A OP2   1 
ATOM   44  O "O5'" . G   A 1 4  ? 5.241   -2.354  -18.499 1.00 42.62 ? 1405 G   A "O5'" 1 
ATOM   45  C "C5'" . G   A 1 4  ? 4.714   -1.306  -19.311 1.00 43.19 ? 1405 G   A "C5'" 1 
ATOM   46  C "C4'" . G   A 1 4  ? 3.200   -1.283  -19.244 1.00 41.87 ? 1405 G   A "C4'" 1 
ATOM   47  O "O4'" . G   A 1 4  ? 2.652   -2.435  -19.931 1.00 39.59 ? 1405 G   A "O4'" 1 
ATOM   48  C "C3'" . G   A 1 4  ? 2.587   -1.368  -17.858 1.00 43.91 ? 1405 G   A "C3'" 1 
ATOM   49  O "O3'" . G   A 1 4  ? 2.588   -0.103  -17.213 1.00 49.91 ? 1405 G   A "O3'" 1 
ATOM   50  C "C2'" . G   A 1 4  ? 1.173   -1.848  -18.166 1.00 41.73 ? 1405 G   A "C2'" 1 
ATOM   51  O "O2'" . G   A 1 4  ? 0.300   -0.816  -18.574 1.00 43.83 ? 1405 G   A "O2'" 1 
ATOM   52  C "C1'" . G   A 1 4  ? 1.421   -2.805  -19.332 1.00 37.57 ? 1405 G   A "C1'" 1 
ATOM   53  N N9    . G   A 1 4  ? 1.521   -4.196  -18.906 1.00 32.34 ? 1405 G   A N9    1 
ATOM   54  C C8    . G   A 1 4  ? 2.669   -4.875  -18.591 1.00 31.73 ? 1405 G   A C8    1 
ATOM   55  N N7    . G   A 1 4  ? 2.449   -6.110  -18.235 1.00 30.48 ? 1405 G   A N7    1 
ATOM   56  C C5    . G   A 1 4  ? 1.074   -6.257  -18.332 1.00 29.16 ? 1405 G   A C5    1 
ATOM   57  C C6    . G   A 1 4  ? 0.257   -7.384  -18.091 1.00 26.39 ? 1405 G   A C6    1 
ATOM   58  O O6    . G   A 1 4  ? 0.597   -8.505  -17.774 1.00 29.23 ? 1405 G   A O6    1 
ATOM   59  N N1    . G   A 1 4  ? -1.085  -7.100  -18.281 1.00 26.65 ? 1405 G   A N1    1 
ATOM   60  C C2    . G   A 1 4  ? -1.578  -5.888  -18.687 1.00 27.73 ? 1405 G   A C2    1 
ATOM   61  N N2    . G   A 1 4  ? -2.907  -5.807  -18.836 1.00 26.60 ? 1405 G   A N2    1 
ATOM   62  N N3    . G   A 1 4  ? -0.820  -4.830  -18.935 1.00 28.82 ? 1405 G   A N3    1 
ATOM   63  C C4    . G   A 1 4  ? 0.486   -5.085  -18.737 1.00 28.61 ? 1405 G   A C4    1 
ATOM   64  P P     . U   A 1 5  ? 3.069   0.010   -15.683 1.00 55.52 ? 1406 U   A P     1 
ATOM   65  O OP1   . U   A 1 5  ? 2.876   1.413   -15.233 1.00 56.57 ? 1406 U   A OP1   1 
ATOM   66  O OP2   . U   A 1 5  ? 4.405   -0.622  -15.553 1.00 55.48 ? 1406 U   A OP2   1 
ATOM   67  O "O5'" . U   A 1 5  ? 2.040   -0.909  -14.898 1.00 59.75 ? 1406 U   A "O5'" 1 
ATOM   68  C "C5'" . U   A 1 5  ? 0.639   -0.727  -15.048 1.00 65.29 ? 1406 U   A "C5'" 1 
ATOM   69  C "C4'" . U   A 1 5  ? 0.112   0.081   -13.898 1.00 67.84 ? 1406 U   A "C4'" 1 
ATOM   70  O "O4'" . U   A 1 5  ? 0.800   1.353   -13.879 1.00 71.11 ? 1406 U   A "O4'" 1 
ATOM   71  C "C3'" . U   A 1 5  ? -1.364  0.412   -13.972 1.00 67.72 ? 1406 U   A "C3'" 1 
ATOM   72  O "O3'" . U   A 1 5  ? -2.124  -0.688  -13.459 1.00 62.52 ? 1406 U   A "O3'" 1 
ATOM   73  C "C2'" . U   A 1 5  ? -1.465  1.758   -13.252 1.00 71.68 ? 1406 U   A "C2'" 1 
ATOM   74  O "O2'" . U   A 1 5  ? -1.573  1.713   -11.844 1.00 73.73 ? 1406 U   A "O2'" 1 
ATOM   75  C "C1'" . U   A 1 5  ? -0.117  2.393   -13.604 1.00 74.17 ? 1406 U   A "C1'" 1 
ATOM   76  N N1    . U   A 1 5  ? -0.119  3.308   -14.754 1.00 77.80 ? 1406 U   A N1    1 
ATOM   77  C C2    . U   A 1 5  ? -0.318  4.653   -14.498 1.00 79.36 ? 1406 U   A C2    1 
ATOM   78  O O2    . U   A 1 5  ? -0.554  5.086   -13.379 1.00 80.10 ? 1406 U   A O2    1 
ATOM   79  N N3    . U   A 1 5  ? -0.230  5.471   -15.600 1.00 80.75 ? 1406 U   A N3    1 
ATOM   80  C C4    . U   A 1 5  ? 0.016   5.089   -16.906 1.00 80.82 ? 1406 U   A C4    1 
ATOM   81  O O4    . U   A 1 5  ? 0.158   5.954   -17.770 1.00 81.79 ? 1406 U   A O4    1 
ATOM   82  C C5    . U   A 1 5  ? 0.168   3.673   -17.096 1.00 80.76 ? 1406 U   A C5    1 
ATOM   83  C C6    . U   A 1 5  ? 0.095   2.850   -16.039 1.00 79.34 ? 1406 U   A C6    1 
ATOM   84  P P     . C   A 1 6  ? -2.235  -0.956  -11.866 1.00 58.12 ? 1407 C   A P     1 
ATOM   85  O OP1   . C   A 1 6  ? -2.959  0.175   -11.225 1.00 59.42 ? 1407 C   A OP1   1 
ATOM   86  O OP2   . C   A 1 6  ? -0.935  -1.404  -11.306 1.00 54.52 ? 1407 C   A OP2   1 
ATOM   87  O "O5'" . C   A 1 6  ? -3.258  -2.167  -11.802 1.00 51.74 ? 1407 C   A "O5'" 1 
ATOM   88  C "C5'" . C   A 1 6  ? -4.601  -1.969  -12.209 1.00 43.61 ? 1407 C   A "C5'" 1 
ATOM   89  C "C4'" . C   A 1 6  ? -5.411  -3.199  -11.937 1.00 37.94 ? 1407 C   A "C4'" 1 
ATOM   90  O "O4'" . C   A 1 6  ? -4.930  -4.270  -12.787 1.00 35.54 ? 1407 C   A "O4'" 1 
ATOM   91  C "C3'" . C   A 1 6  ? -5.264  -3.770  -10.544 1.00 34.39 ? 1407 C   A "C3'" 1 
ATOM   92  O "O3'" . C   A 1 6  ? -6.059  -3.089  -9.593  1.00 33.74 ? 1407 C   A "O3'" 1 
ATOM   93  C "C2'" . C   A 1 6  ? -5.725  -5.201  -10.759 1.00 33.59 ? 1407 C   A "C2'" 1 
ATOM   94  O "O2'" . C   A 1 6  ? -7.132  -5.318  -10.824 1.00 33.13 ? 1407 C   A "O2'" 1 
ATOM   95  C "C1'" . C   A 1 6  ? -5.083  -5.512  -12.113 1.00 31.96 ? 1407 C   A "C1'" 1 
ATOM   96  N N1    . C   A 1 6  ? -3.752  -6.130  -11.963 1.00 25.35 ? 1407 C   A N1    1 
ATOM   97  C C2    . C   A 1 6  ? -3.681  -7.484  -11.669 1.00 22.29 ? 1407 C   A C2    1 
ATOM   98  O O2    . C   A 1 6  ? -4.718  -8.134  -11.603 1.00 20.22 ? 1407 C   A O2    1 
ATOM   99  N N3    . C   A 1 6  ? -2.480  -8.056  -11.461 1.00 24.53 ? 1407 C   A N3    1 
ATOM   100 C C4    . C   A 1 6  ? -1.375  -7.323  -11.531 1.00 23.60 ? 1407 C   A C4    1 
ATOM   101 N N4    . C   A 1 6  ? -0.232  -7.921  -11.248 1.00 21.55 ? 1407 C   A N4    1 
ATOM   102 C C5    . C   A 1 6  ? -1.409  -5.937  -11.878 1.00 25.81 ? 1407 C   A C5    1 
ATOM   103 C C6    . C   A 1 6  ? -2.612  -5.389  -12.084 1.00 24.75 ? 1407 C   A C6    1 
ATOM   104 P P     . A   A 1 7  ? -5.643  -3.137  -8.044  1.00 36.36 ? 1408 A   A P     1 
ATOM   105 O OP1   . A   A 1 7  ? -6.613  -2.304  -7.280  1.00 38.36 ? 1408 A   A OP1   1 
ATOM   106 O OP2   . A   A 1 7  ? -4.196  -2.838  -7.954  1.00 34.69 ? 1408 A   A OP2   1 
ATOM   107 O "O5'" . A   A 1 7  ? -5.913  -4.652  -7.634  1.00 36.17 ? 1408 A   A "O5'" 1 
ATOM   108 C "C5'" . A   A 1 7  ? -7.195  -5.236  -7.866  1.00 35.56 ? 1408 A   A "C5'" 1 
ATOM   109 C "C4'" . A   A 1 7  ? -7.171  -6.711  -7.547  1.00 35.07 ? 1408 A   A "C4'" 1 
ATOM   110 O "O4'" . A   A 1 7  ? -6.313  -7.417  -8.480  1.00 33.00 ? 1408 A   A "O4'" 1 
ATOM   111 C "C3'" . A   A 1 7  ? -6.593  -7.064  -6.189  1.00 36.25 ? 1408 A   A "C3'" 1 
ATOM   112 O "O3'" . A   A 1 7  ? -7.565  -6.903  -5.169  1.00 37.31 ? 1408 A   A "O3'" 1 
ATOM   113 C "C2'" . A   A 1 7  ? -6.202  -8.519  -6.381  1.00 32.94 ? 1408 A   A "C2'" 1 
ATOM   114 O "O2'" . A   A 1 7  ? -7.320  -9.363  -6.284  1.00 33.75 ? 1408 A   A "O2'" 1 
ATOM   115 C "C1'" . A   A 1 7  ? -5.682  -8.503  -7.818  1.00 31.75 ? 1408 A   A "C1'" 1 
ATOM   116 N N9    . A   A 1 7  ? -4.236  -8.300  -7.889  1.00 29.41 ? 1408 A   A N9    1 
ATOM   117 C C8    . A   A 1 7  ? -3.559  -7.137  -8.146  1.00 29.06 ? 1408 A   A C8    1 
ATOM   118 N N7    . A   A 1 7  ? -2.258  -7.273  -8.139  1.00 25.34 ? 1408 A   A N7    1 
ATOM   119 C C5    . A   A 1 7  ? -2.065  -8.612  -7.855  1.00 24.12 ? 1408 A   A C5    1 
ATOM   120 C C6    . A   A 1 7  ? -0.911  -9.381  -7.696  1.00 24.26 ? 1408 A   A C6    1 
ATOM   121 N N6    . A   A 1 7  ? 0.325   -8.904  -7.833  1.00 18.55 ? 1408 A   A N6    1 
ATOM   122 N N1    . A   A 1 7  ? -1.066  -10.684 -7.397  1.00 26.09 ? 1408 A   A N1    1 
ATOM   123 C C2    . A   A 1 7  ? -2.304  -11.172 -7.275  1.00 25.77 ? 1408 A   A C2    1 
ATOM   124 N N3    . A   A 1 7  ? -3.463  -10.553 -7.407  1.00 27.75 ? 1408 A   A N3    1 
ATOM   125 C C4    . A   A 1 7  ? -3.273  -9.257  -7.702  1.00 27.35 ? 1408 A   A C4    1 
ATOM   126 P P     . C   A 1 8  ? -7.106  -6.421  -3.713  1.00 37.01 ? 1409 C   A P     1 
ATOM   127 O OP1   . C   A 1 8  ? -8.337  -6.386  -2.888  1.00 37.23 ? 1409 C   A OP1   1 
ATOM   128 O OP2   . C   A 1 8  ? -6.248  -5.213  -3.811  1.00 35.09 ? 1409 C   A OP2   1 
ATOM   129 O "O5'" . C   A 1 8  ? -6.189  -7.616  -3.213  1.00 37.57 ? 1409 C   A "O5'" 1 
ATOM   130 C "C5'" . C   A 1 8  ? -6.753  -8.872  -2.872  1.00 34.25 ? 1409 C   A "C5'" 1 
ATOM   131 C "C4'" . C   A 1 8  ? -5.655  -9.857  -2.587  1.00 33.96 ? 1409 C   A "C4'" 1 
ATOM   132 O "O4'" . C   A 1 8  ? -4.828  -9.964  -3.774  1.00 31.87 ? 1409 C   A "O4'" 1 
ATOM   133 C "C3'" . C   A 1 8  ? -4.652  -9.437  -1.530  1.00 34.38 ? 1409 C   A "C3'" 1 
ATOM   134 O "O3'" . C   A 1 8  ? -5.156  -9.640  -0.219  1.00 36.39 ? 1409 C   A "O3'" 1 
ATOM   135 C "C2'" . C   A 1 8  ? -3.473  -10.335 -1.874  1.00 34.34 ? 1409 C   A "C2'" 1 
ATOM   136 O "O2'" . C   A 1 8  ? -3.680  -11.677 -1.476  1.00 35.70 ? 1409 C   A "O2'" 1 
ATOM   137 C "C1'" . C   A 1 8  ? -3.496  -10.266 -3.404  1.00 32.82 ? 1409 C   A "C1'" 1 
ATOM   138 N N1    . C   A 1 8  ? -2.628  -9.213  -3.939  1.00 30.48 ? 1409 C   A N1    1 
ATOM   139 C C2    . C   A 1 8  ? -1.260  -9.442  -4.001  1.00 30.23 ? 1409 C   A C2    1 
ATOM   140 O O2    . C   A 1 8  ? -0.826  -10.532 -3.620  1.00 33.19 ? 1409 C   A O2    1 
ATOM   141 N N3    . C   A 1 8  ? -0.445  -8.477  -4.473  1.00 28.95 ? 1409 C   A N3    1 
ATOM   142 C C4    . C   A 1 8  ? -0.960  -7.312  -4.875  1.00 27.80 ? 1409 C   A C4    1 
ATOM   143 N N4    . C   A 1 8  ? -0.124  -6.378  -5.332  1.00 23.30 ? 1409 C   A N4    1 
ATOM   144 C C5    . C   A 1 8  ? -2.359  -7.052  -4.826  1.00 28.80 ? 1409 C   A C5    1 
ATOM   145 C C6    . C   A 1 8  ? -3.149  -8.024  -4.359  1.00 30.87 ? 1409 C   A C6    1 
ATOM   146 P P     . A   A 1 9  ? -4.941  -8.502  0.895   1.00 38.15 ? 1410 A   A P     1 
ATOM   147 O OP1   . A   A 1 9  ? -5.860  -8.772  2.021   1.00 38.84 ? 1410 A   A OP1   1 
ATOM   148 O OP2   . A   A 1 9  ? -4.980  -7.181  0.227   1.00 37.24 ? 1410 A   A OP2   1 
ATOM   149 O "O5'" . A   A 1 9  ? -3.469  -8.803  1.410   1.00 37.82 ? 1410 A   A "O5'" 1 
ATOM   150 C "C5'" . A   A 1 9  ? -3.145  -10.090 1.923   1.00 37.05 ? 1410 A   A "C5'" 1 
ATOM   151 C "C4'" . A   A 1 9  ? -1.656  -10.227 2.092   1.00 38.07 ? 1410 A   A "C4'" 1 
ATOM   152 O "O4'" . A   A 1 9  ? -1.026  -10.353 0.788   1.00 36.38 ? 1410 A   A "O4'" 1 
ATOM   153 C "C3'" . A   A 1 9  ? -0.949  -9.041  2.732   1.00 38.56 ? 1410 A   A "C3'" 1 
ATOM   154 O "O3'" . A   A 1 9  ? -1.035  -9.050  4.155   1.00 41.67 ? 1410 A   A "O3'" 1 
ATOM   155 C "C2'" . A   A 1 9  ? 0.474   -9.271  2.262   1.00 36.61 ? 1410 A   A "C2'" 1 
ATOM   156 O "O2'" . A   A 1 9  ? 1.051   -10.334 2.985   1.00 38.45 ? 1410 A   A "O2'" 1 
ATOM   157 C "C1'" . A   A 1 9  ? 0.235   -9.705  0.812   1.00 35.36 ? 1410 A   A "C1'" 1 
ATOM   158 N N9    . A   A 1 9  ? 0.185   -8.569  -0.112  1.00 32.23 ? 1410 A   A N9    1 
ATOM   159 C C8    . A   A 1 9  ? -0.919  -7.919  -0.603  1.00 29.99 ? 1410 A   A C8    1 
ATOM   160 N N7    . A   A 1 9  ? -0.631  -6.938  -1.425  1.00 29.03 ? 1410 A   A N7    1 
ATOM   161 C C5    . A   A 1 9  ? 0.757   -6.941  -1.477  1.00 29.36 ? 1410 A   A C5    1 
ATOM   162 C C6    . A   A 1 9  ? 1.688   -6.152  -2.187  1.00 29.76 ? 1410 A   A C6    1 
ATOM   163 N N6    . A   A 1 9  ? 1.353   -5.177  -3.035  1.00 30.20 ? 1410 A   A N6    1 
ATOM   164 N N1    . A   A 1 9  ? 2.995   -6.409  -1.999  1.00 28.72 ? 1410 A   A N1    1 
ATOM   165 C C2    . A   A 1 9  ? 3.339   -7.398  -1.171  1.00 29.25 ? 1410 A   A C2    1 
ATOM   166 N N3    . A   A 1 9  ? 2.567   -8.214  -0.467  1.00 30.04 ? 1410 A   A N3    1 
ATOM   167 C C4    . A   A 1 9  ? 1.271   -7.932  -0.665  1.00 30.25 ? 1410 A   A C4    1 
ATOM   168 P P     . C   A 1 10 ? -0.973  -7.657  4.970   1.00 43.70 ? 1411 C   A P     1 
ATOM   169 O OP1   . C   A 1 10 ? -1.085  -8.015  6.406   1.00 44.80 ? 1411 C   A OP1   1 
ATOM   170 O OP2   . C   A 1 10 ? -1.942  -6.701  4.367   1.00 46.00 ? 1411 C   A OP2   1 
ATOM   171 O "O5'" . C   A 1 10 ? 0.473   -7.048  4.672   1.00 42.87 ? 1411 C   A "O5'" 1 
ATOM   172 C "C5'" . C   A 1 10 ? 1.658   -7.745  5.019   1.00 39.73 ? 1411 C   A "C5'" 1 
ATOM   173 C "C4'" . C   A 1 10 ? 2.878   -7.097  4.387   1.00 38.44 ? 1411 C   A "C4'" 1 
ATOM   174 O "O4'" . C   A 1 10 ? 2.794   -7.119  2.933   1.00 35.97 ? 1411 C   A "O4'" 1 
ATOM   175 C "C3'" . C   A 1 10 ? 3.189   -5.633  4.662   1.00 37.48 ? 1411 C   A "C3'" 1 
ATOM   176 O "O3'" . C   A 1 10 ? 3.737   -5.445  5.966   1.00 38.30 ? 1411 C   A "O3'" 1 
ATOM   177 C "C2'" . C   A 1 10 ? 4.253   -5.377  3.596   1.00 37.98 ? 1411 C   A "C2'" 1 
ATOM   178 O "O2'" . C   A 1 10 ? 5.494   -5.974  3.916   1.00 37.39 ? 1411 C   A "O2'" 1 
ATOM   179 C "C1'" . C   A 1 10 ? 3.674   -6.135  2.400   1.00 35.14 ? 1411 C   A "C1'" 1 
ATOM   180 N N1    . C   A 1 10 ? 2.922   -5.227  1.526   1.00 33.23 ? 1411 C   A N1    1 
ATOM   181 C C2    . C   A 1 10 ? 3.625   -4.463  0.594   1.00 32.67 ? 1411 C   A C2    1 
ATOM   182 O O2    . C   A 1 10 ? 4.843   -4.609  0.498   1.00 32.92 ? 1411 C   A O2    1 
ATOM   183 N N3    . C   A 1 10 ? 2.961   -3.589  -0.185  1.00 31.89 ? 1411 C   A N3    1 
ATOM   184 C C4    . C   A 1 10 ? 1.641   -3.473  -0.074  1.00 31.37 ? 1411 C   A C4    1 
ATOM   185 N N4    . C   A 1 10 ? 1.023   -2.588  -0.867  1.00 30.16 ? 1411 C   A N4    1 
ATOM   186 C C5    . C   A 1 10 ? 0.889   -4.259  0.854   1.00 30.44 ? 1411 C   A C5    1 
ATOM   187 C C6    . C   A 1 10 ? 1.565   -5.113  1.627   1.00 31.81 ? 1411 C   A C6    1 
ATOM   188 P P     . C   A 1 11 ? 3.801   -3.967  6.614   1.00 39.70 ? 1412 C   A P     1 
ATOM   189 O OP1   . C   A 1 11 ? 4.212   -4.146  8.029   1.00 40.28 ? 1412 C   A OP1   1 
ATOM   190 O OP2   . C   A 1 11 ? 2.576   -3.191  6.300   1.00 40.47 ? 1412 C   A OP2   1 
ATOM   191 O "O5'" . C   A 1 11 ? 4.999   -3.258  5.851   1.00 37.61 ? 1412 C   A "O5'" 1 
ATOM   192 C "C5'" . C   A 1 11 ? 6.335   -3.631  6.110   1.00 33.46 ? 1412 C   A "C5'" 1 
ATOM   193 C "C4'" . C   A 1 11 ? 7.258   -2.852  5.220   1.00 31.79 ? 1412 C   A "C4'" 1 
ATOM   194 O "O4'" . C   A 1 11 ? 6.782   -2.989  3.855   1.00 31.27 ? 1412 C   A "O4'" 1 
ATOM   195 C "C3'" . C   A 1 11 ? 7.251   -1.351  5.400   1.00 30.38 ? 1412 C   A "C3'" 1 
ATOM   196 O "O3'" . C   A 1 11 ? 8.004   -0.930  6.524   1.00 32.47 ? 1412 C   A "O3'" 1 
ATOM   197 C "C2'" . C   A 1 11 ? 7.843   -0.902  4.072   1.00 30.13 ? 1412 C   A "C2'" 1 
ATOM   198 O "O2'" . C   A 1 11 ? 9.224   -1.133  3.939   1.00 27.67 ? 1412 C   A "O2'" 1 
ATOM   199 C "C1'" . C   A 1 11 ? 7.122   -1.836  3.111   1.00 29.01 ? 1412 C   A "C1'" 1 
ATOM   200 N N1    . C   A 1 11 ? 5.888   -1.273  2.532   1.00 27.20 ? 1412 C   A N1    1 
ATOM   201 C C2    . C   A 1 11 ? 5.999   -0.291  1.545   1.00 26.72 ? 1412 C   A C2    1 
ATOM   202 O O2    . C   A 1 11 ? 7.124   0.149   1.264   1.00 24.44 ? 1412 C   A O2    1 
ATOM   203 N N3    . C   A 1 11 ? 4.882   0.162   0.930   1.00 26.90 ? 1412 C   A N3    1 
ATOM   204 C C4    . C   A 1 11 ? 3.688   -0.305  1.296   1.00 28.32 ? 1412 C   A C4    1 
ATOM   205 N N4    . C   A 1 11 ? 2.616   0.157   0.656   1.00 29.64 ? 1412 C   A N4    1 
ATOM   206 C C5    . C   A 1 11 ? 3.541   -1.270  2.332   1.00 28.38 ? 1412 C   A C5    1 
ATOM   207 C C6    . C   A 1 11 ? 4.658   -1.721  2.921   1.00 27.46 ? 1412 C   A C6    1 
ATOM   208 P P     . G   A 1 12 ? 7.539   0.376   7.347   1.00 33.29 ? 1488 G   A P     1 
ATOM   209 O OP1   . G   A 1 12 ? 8.395   0.468   8.557   1.00 35.53 ? 1488 G   A OP1   1 
ATOM   210 O OP2   . G   A 1 12 ? 6.073   0.351   7.499   1.00 31.94 ? 1488 G   A OP2   1 
ATOM   211 O "O5'" . G   A 1 12 ? 7.959   1.586   6.399   1.00 33.06 ? 1488 G   A "O5'" 1 
ATOM   212 C "C5'" . G   A 1 12 ? 9.325   1.821   6.103   1.00 30.08 ? 1488 G   A "C5'" 1 
ATOM   213 C "C4'" . G   A 1 12 ? 9.457   2.845   5.009   1.00 31.43 ? 1488 G   A "C4'" 1 
ATOM   214 O "O4'" . G   A 1 12 ? 8.763   2.377   3.826   1.00 32.19 ? 1488 G   A "O4'" 1 
ATOM   215 C "C3'" . G   A 1 12 ? 8.806   4.191   5.257   1.00 33.77 ? 1488 G   A "C3'" 1 
ATOM   216 O "O3'" . G   A 1 12 ? 9.608   5.020   6.083   1.00 34.77 ? 1488 G   A "O3'" 1 
ATOM   217 C "C2'" . G   A 1 12 ? 8.695   4.748   3.842   1.00 32.89 ? 1488 G   A "C2'" 1 
ATOM   218 O "O2'" . G   A 1 12 ? 9.896   5.273   3.325   1.00 32.88 ? 1488 G   A "O2'" 1 
ATOM   219 C "C1'" . G   A 1 12 ? 8.345   3.491   3.052   1.00 31.60 ? 1488 G   A "C1'" 1 
ATOM   220 N N9    . G   A 1 12 ? 6.910   3.394   2.816   1.00 30.16 ? 1488 G   A N9    1 
ATOM   221 C C8    . G   A 1 12 ? 6.005   2.587   3.456   1.00 29.45 ? 1488 G   A C8    1 
ATOM   222 N N7    . G   A 1 12 ? 4.790   2.733   3.009   1.00 28.00 ? 1488 G   A N7    1 
ATOM   223 C C5    . G   A 1 12 ? 4.906   3.696   2.017   1.00 27.31 ? 1488 G   A C5    1 
ATOM   224 C C6    . G   A 1 12 ? 3.919   4.269   1.180   1.00 27.82 ? 1488 G   A C6    1 
ATOM   225 O O6    . G   A 1 12 ? 2.709   4.011   1.140   1.00 26.23 ? 1488 G   A O6    1 
ATOM   226 N N1    . G   A 1 12 ? 4.465   5.226   0.322   1.00 25.40 ? 1488 G   A N1    1 
ATOM   227 C C2    . G   A 1 12 ? 5.792   5.578   0.277   1.00 27.63 ? 1488 G   A C2    1 
ATOM   228 N N2    . G   A 1 12 ? 6.139   6.520   -0.616  1.00 28.30 ? 1488 G   A N2    1 
ATOM   229 N N3    . G   A 1 12 ? 6.722   5.043   1.052   1.00 29.16 ? 1488 G   A N3    1 
ATOM   230 C C4    . G   A 1 12 ? 6.206   4.114   1.891   1.00 28.49 ? 1488 G   A C4    1 
ATOM   231 P P     . G   A 1 13 ? 8.909   6.156   6.966   1.00 38.07 ? 1489 G   A P     1 
ATOM   232 O OP1   . G   A 1 13 ? 9.893   6.634   7.967   1.00 39.26 ? 1489 G   A OP1   1 
ATOM   233 O OP2   . G   A 1 13 ? 7.601   5.612   7.420   1.00 39.58 ? 1489 G   A OP2   1 
ATOM   234 O "O5'" . G   A 1 13 ? 8.621   7.337   5.929   1.00 38.34 ? 1489 G   A "O5'" 1 
ATOM   235 C "C5'" . G   A 1 13 ? 9.675   7.939   5.193   1.00 36.47 ? 1489 G   A "C5'" 1 
ATOM   236 C "C4'" . G   A 1 13 ? 9.121   8.911   4.179   1.00 37.92 ? 1489 G   A "C4'" 1 
ATOM   237 O "O4'" . G   A 1 13 ? 8.471   8.206   3.091   1.00 36.67 ? 1489 G   A "O4'" 1 
ATOM   238 C "C3'" . G   A 1 13 ? 8.037   9.844   4.686   1.00 39.91 ? 1489 G   A "C3'" 1 
ATOM   239 O "O3'" . G   A 1 13 ? 8.594   10.953  5.361   1.00 42.65 ? 1489 G   A "O3'" 1 
ATOM   240 C "C2'" . G   A 1 13 ? 7.381   10.289  3.391   1.00 37.90 ? 1489 G   A "C2'" 1 
ATOM   241 O "O2'" . G   A 1 13 ? 8.163   11.272  2.744   1.00 38.86 ? 1489 G   A "O2'" 1 
ATOM   242 C "C1'" . G   A 1 13 ? 7.389   8.983   2.597   1.00 36.14 ? 1489 G   A "C1'" 1 
ATOM   243 N N9    . G   A 1 13 ? 6.160   8.229   2.814   1.00 34.05 ? 1489 G   A N9    1 
ATOM   244 C C8    . G   A 1 13 ? 5.964   7.217   3.717   1.00 34.40 ? 1489 G   A C8    1 
ATOM   245 N N7    . G   A 1 13 ? 4.751   6.740   3.694   1.00 33.79 ? 1489 G   A N7    1 
ATOM   246 C C5    . G   A 1 13 ? 4.111   7.475   2.710   1.00 30.66 ? 1489 G   A C5    1 
ATOM   247 C C6    . G   A 1 13 ? 2.797   7.389   2.230   1.00 28.52 ? 1489 G   A C6    1 
ATOM   248 O O6    . G   A 1 13 ? 1.899   6.615   2.583   1.00 27.54 ? 1489 G   A O6    1 
ATOM   249 N N1    . G   A 1 13 ? 2.560   8.320   1.230   1.00 28.34 ? 1489 G   A N1    1 
ATOM   250 C C2    . G   A 1 13 ? 3.476   9.222   0.755   1.00 30.65 ? 1489 G   A C2    1 
ATOM   251 N N2    . G   A 1 13 ? 3.055   10.063  -0.208  1.00 30.88 ? 1489 G   A N2    1 
ATOM   252 N N3    . G   A 1 13 ? 4.717   9.302   1.191   1.00 31.94 ? 1489 G   A N3    1 
ATOM   253 C C4    . G   A 1 13 ? 4.964   8.402   2.162   1.00 32.67 ? 1489 G   A C4    1 
ATOM   254 P P     . U   A 1 14 ? 7.785   11.618  6.562   1.00 45.15 ? 1490 U   A P     1 
ATOM   255 O OP1   . U   A 1 14 ? 8.649   12.718  7.053   1.00 45.04 ? 1490 U   A OP1   1 
ATOM   256 O OP2   . U   A 1 14 ? 7.355   10.549  7.492   1.00 45.64 ? 1490 U   A OP2   1 
ATOM   257 O "O5'" . U   A 1 14 ? 6.486   12.219  5.858   1.00 47.09 ? 1490 U   A "O5'" 1 
ATOM   258 C "C5'" . U   A 1 14 ? 6.603   13.181  4.812   1.00 47.85 ? 1490 U   A "C5'" 1 
ATOM   259 C "C4'" . U   A 1 14 ? 5.258   13.429  4.166   1.00 49.93 ? 1490 U   A "C4'" 1 
ATOM   260 O "O4'" . U   A 1 14 ? 4.799   12.233  3.478   1.00 49.33 ? 1490 U   A "O4'" 1 
ATOM   261 C "C3'" . U   A 1 14 ? 4.102   13.753  5.097   1.00 51.33 ? 1490 U   A "C3'" 1 
ATOM   262 O "O3'" . U   A 1 14 ? 4.118   15.115  5.498   1.00 53.38 ? 1490 U   A "O3'" 1 
ATOM   263 C "C2'" . U   A 1 14 ? 2.904   13.465  4.201   1.00 51.96 ? 1490 U   A "C2'" 1 
ATOM   264 O "O2'" . U   A 1 14 ? 2.676   14.505  3.269   1.00 52.29 ? 1490 U   A "O2'" 1 
ATOM   265 C "C1'" . U   A 1 14 ? 3.379   12.215  3.458   1.00 49.79 ? 1490 U   A "C1'" 1 
ATOM   266 N N1    . U   A 1 14 ? 2.910   10.974  4.087   1.00 49.68 ? 1490 U   A N1    1 
ATOM   267 C C2    . U   A 1 14 ? 1.627   10.563  3.799   1.00 49.71 ? 1490 U   A C2    1 
ATOM   268 O O2    . U   A 1 14 ? 0.884   11.192  3.070   1.00 50.85 ? 1490 U   A O2    1 
ATOM   269 N N3    . U   A 1 14 ? 1.243   9.391   4.397   1.00 48.91 ? 1490 U   A N3    1 
ATOM   270 C C4    . U   A 1 14 ? 1.992   8.609   5.244   1.00 49.23 ? 1490 U   A C4    1 
ATOM   271 O O4    . U   A 1 14 ? 1.500   7.585   5.713   1.00 49.40 ? 1490 U   A O4    1 
ATOM   272 C C5    . U   A 1 14 ? 3.305   9.104   5.505   1.00 49.72 ? 1490 U   A C5    1 
ATOM   273 C C6    . U   A 1 14 ? 3.711   10.243  4.931   1.00 50.04 ? 1490 U   A C6    1 
ATOM   274 P P     . G   A 1 15 ? 3.582   15.520  6.957   1.00 55.04 ? 1491 G   A P     1 
ATOM   275 O OP1   . G   A 1 15 ? 4.016   16.918  7.162   1.00 57.30 ? 1491 G   A OP1   1 
ATOM   276 O OP2   . G   A 1 15 ? 3.980   14.480  7.930   1.00 55.82 ? 1491 G   A OP2   1 
ATOM   277 O "O5'" . G   A 1 15 ? 1.996   15.478  6.823   1.00 57.06 ? 1491 G   A "O5'" 1 
ATOM   278 C "C5'" . G   A 1 15 ? 1.336   16.234  5.815   1.00 58.77 ? 1491 G   A "C5'" 1 
ATOM   279 C "C4'" . G   A 1 15 ? -0.023  15.648  5.509   1.00 60.40 ? 1491 G   A "C4'" 1 
ATOM   280 O "O4'" . G   A 1 15 ? 0.121   14.246  5.176   1.00 60.34 ? 1491 G   A "O4'" 1 
ATOM   281 C "C3'" . G   A 1 15 ? -1.038  15.628  6.636   1.00 62.39 ? 1491 G   A "C3'" 1 
ATOM   282 O "O3'" . G   A 1 15 ? -1.700  16.888  6.717   1.00 66.81 ? 1491 G   A "O3'" 1 
ATOM   283 C "C2'" . G   A 1 15 ? -2.024  14.559  6.161   1.00 61.44 ? 1491 G   A "C2'" 1 
ATOM   284 O "O2'" . G   A 1 15 ? -2.986  15.071  5.264   1.00 63.20 ? 1491 G   A "O2'" 1 
ATOM   285 C "C1'" . G   A 1 15 ? -1.112  13.591  5.402   1.00 58.43 ? 1491 G   A "C1'" 1 
ATOM   286 N N9    . G   A 1 15 ? -0.867  12.315  6.067   1.00 53.36 ? 1491 G   A N9    1 
ATOM   287 C C8    . G   A 1 15 ? 0.277   11.907  6.705   1.00 52.75 ? 1491 G   A C8    1 
ATOM   288 N N7    . G   A 1 15 ? 0.190   10.699  7.190   1.00 51.58 ? 1491 G   A N7    1 
ATOM   289 C C5    . G   A 1 15 ? -1.091  10.287  6.850   1.00 50.74 ? 1491 G   A C5    1 
ATOM   290 C C6    . G   A 1 15 ? -1.762  9.061   7.104   1.00 50.60 ? 1491 G   A C6    1 
ATOM   291 O O6    . G   A 1 15 ? -1.338  8.051   7.689   1.00 51.33 ? 1491 G   A O6    1 
ATOM   292 N N1    . G   A 1 15 ? -3.057  9.077   6.595   1.00 49.18 ? 1491 G   A N1    1 
ATOM   293 C C2    . G   A 1 15 ? -3.628  10.128  5.923   1.00 49.00 ? 1491 G   A C2    1 
ATOM   294 N N2    . G   A 1 15 ? -4.892  9.958   5.519   1.00 47.07 ? 1491 G   A N2    1 
ATOM   295 N N3    . G   A 1 15 ? -3.007  11.265  5.668   1.00 49.96 ? 1491 G   A N3    1 
ATOM   296 C C4    . G   A 1 15 ? -1.753  11.276  6.161   1.00 50.78 ? 1491 G   A C4    1 
ATOM   297 P P     . A   A 1 16 ? -1.425  17.864  7.971   1.00 70.48 ? 1492 A   A P     1 
ATOM   298 O OP1   . A   A 1 16 ? -0.423  18.880  7.541   1.00 68.62 ? 1492 A   A OP1   1 
ATOM   299 O OP2   . A   A 1 16 ? -1.165  17.032  9.187   1.00 68.91 ? 1492 A   A OP2   1 
ATOM   300 O "O5'" . A   A 1 16 ? -2.802  18.638  8.159   1.00 68.74 ? 1492 A   A "O5'" 1 
ATOM   301 C "C5'" . A   A 1 16 ? -4.040  17.940  8.196   1.00 69.98 ? 1492 A   A "C5'" 1 
ATOM   302 C "C4'" . A   A 1 16 ? -5.003  18.672  9.093   1.00 70.33 ? 1492 A   A "C4'" 1 
ATOM   303 O "O4'" . A   A 1 16 ? -5.040  20.059  8.675   1.00 69.06 ? 1492 A   A "O4'" 1 
ATOM   304 C "C3'" . A   A 1 16 ? -6.452  18.223  9.035   1.00 71.78 ? 1492 A   A "C3'" 1 
ATOM   305 O "O3'" . A   A 1 16 ? -6.699  16.985  9.733   1.00 75.17 ? 1492 A   A "O3'" 1 
ATOM   306 C "C2'" . A   A 1 16 ? -7.232  19.474  9.445   1.00 70.84 ? 1492 A   A "C2'" 1 
ATOM   307 O "O2'" . A   A 1 16 ? -7.442  19.658  10.831  1.00 73.66 ? 1492 A   A "O2'" 1 
ATOM   308 C "C1'" . A   A 1 16 ? -6.319  20.597  8.939   1.00 67.09 ? 1492 A   A "C1'" 1 
ATOM   309 N N9    . A   A 1 16 ? -6.771  21.377  7.781   1.00 61.41 ? 1492 A   A N9    1 
ATOM   310 C C8    . A   A 1 16 ? -6.849  22.753  7.724   1.00 58.41 ? 1492 A   A C8    1 
ATOM   311 N N7    . A   A 1 16 ? -7.313  23.211  6.592   1.00 56.10 ? 1492 A   A N7    1 
ATOM   312 C C5    . A   A 1 16 ? -7.553  22.067  5.844   1.00 56.35 ? 1492 A   A C5    1 
ATOM   313 C C6    . A   A 1 16 ? -8.057  21.880  4.542   1.00 56.08 ? 1492 A   A C6    1 
ATOM   314 N N6    . A   A 1 16 ? -8.438  22.888  3.744   1.00 53.41 ? 1492 A   A N6    1 
ATOM   315 N N1    . A   A 1 16 ? -8.163  20.607  4.088   1.00 54.01 ? 1492 A   A N1    1 
ATOM   316 C C2    . A   A 1 16 ? -7.793  19.608  4.897   1.00 53.45 ? 1492 A   A C2    1 
ATOM   317 N N3    . A   A 1 16 ? -7.315  19.659  6.141   1.00 54.88 ? 1492 A   A N3    1 
ATOM   318 C C4    . A   A 1 16 ? -7.216  20.930  6.561   1.00 57.00 ? 1492 A   A C4    1 
ATOM   319 P P     . A   A 1 17 ? -6.540  16.869  11.347  1.00 77.94 ? 1493 A   A P     1 
ATOM   320 O OP1   . A   A 1 17 ? -6.417  18.202  11.988  1.00 77.75 ? 1493 A   A OP1   1 
ATOM   321 O OP2   . A   A 1 17 ? -5.491  15.847  11.610  1.00 79.00 ? 1493 A   A OP2   1 
ATOM   322 O "O5'" . A   A 1 17 ? -7.921  16.215  11.804  1.00 77.55 ? 1493 A   A "O5'" 1 
ATOM   323 C "C5'" . A   A 1 17 ? -9.152  16.877  11.549  1.00 80.07 ? 1493 A   A "C5'" 1 
ATOM   324 C "C4'" . A   A 1 17 ? -10.258 15.875  11.293  1.00 81.45 ? 1493 A   A "C4'" 1 
ATOM   325 O "O4'" . A   A 1 17 ? -10.093 15.213  10.008  1.00 82.88 ? 1493 A   A "O4'" 1 
ATOM   326 C "C3'" . A   A 1 17 ? -10.367 14.706  12.249  1.00 81.39 ? 1493 A   A "C3'" 1 
ATOM   327 O "O3'" . A   A 1 17 ? -10.915 15.109  13.497  1.00 81.37 ? 1493 A   A "O3'" 1 
ATOM   328 C "C2'" . A   A 1 17 ? -11.294 13.778  11.467  1.00 82.11 ? 1493 A   A "C2'" 1 
ATOM   329 O "O2'" . A   A 1 17 ? -12.653 14.165  11.523  1.00 81.85 ? 1493 A   A "O2'" 1 
ATOM   330 C "C1'" . A   A 1 17 ? -10.763 13.955  10.040  1.00 83.10 ? 1493 A   A "C1'" 1 
ATOM   331 N N9    . A   A 1 17 ? -9.809  12.894  9.710   1.00 84.18 ? 1493 A   A N9    1 
ATOM   332 C C8    . A   A 1 17 ? -9.908  11.581  10.093  1.00 84.47 ? 1493 A   A C8    1 
ATOM   333 N N7    . A   A 1 17 ? -8.901  10.838  9.710   1.00 85.18 ? 1493 A   A N7    1 
ATOM   334 C C5    . A   A 1 17 ? -8.084  11.717  9.013   1.00 85.27 ? 1493 A   A C5    1 
ATOM   335 C C6    . A   A 1 17 ? -6.850  11.544  8.367   1.00 86.01 ? 1493 A   A C6    1 
ATOM   336 N N6    . A   A 1 17 ? -6.183  10.387  8.342   1.00 86.08 ? 1493 A   A N6    1 
ATOM   337 N N1    . A   A 1 17 ? -6.310  12.619  7.748   1.00 86.37 ? 1493 A   A N1    1 
ATOM   338 C C2    . A   A 1 17 ? -6.971  13.783  7.794   1.00 85.92 ? 1493 A   A C2    1 
ATOM   339 N N3    . A   A 1 17 ? -8.130  14.073  8.384   1.00 85.49 ? 1493 A   A N3    1 
ATOM   340 C C4    . A   A 1 17 ? -8.642  12.984  8.985   1.00 84.90 ? 1493 A   A C4    1 
ATOM   341 P P     . G   A 1 18 ? -10.321 14.496  14.859  1.00 79.98 ? 1494 G   A P     1 
ATOM   342 O OP1   . G   A 1 18 ? -11.094 15.091  15.980  1.00 80.56 ? 1494 G   A OP1   1 
ATOM   343 O OP2   . G   A 1 18 ? -8.841  14.626  14.835  1.00 80.08 ? 1494 G   A OP2   1 
ATOM   344 O "O5'" . G   A 1 18 ? -10.695 12.953  14.757  1.00 79.34 ? 1494 G   A "O5'" 1 
ATOM   345 C "C5'" . G   A 1 18 ? -11.965 12.555  14.261  1.00 76.80 ? 1494 G   A "C5'" 1 
ATOM   346 C "C4'" . G   A 1 18 ? -11.933 11.107  13.852  1.00 75.99 ? 1494 G   A "C4'" 1 
ATOM   347 O "O4'" . G   A 1 18 ? -11.063 10.916  12.705  1.00 73.52 ? 1494 G   A "O4'" 1 
ATOM   348 C "C3'" . G   A 1 18 ? -11.348 10.174  14.890  1.00 75.71 ? 1494 G   A "C3'" 1 
ATOM   349 O "O3'" . G   A 1 18 ? -12.299 9.892   15.907  1.00 77.08 ? 1494 G   A "O3'" 1 
ATOM   350 C "C2'" . G   A 1 18 ? -10.987 8.952   14.051  1.00 74.63 ? 1494 G   A "C2'" 1 
ATOM   351 O "O2'" . G   A 1 18 ? -12.086 8.098   13.796  1.00 73.89 ? 1494 G   A "O2'" 1 
ATOM   352 C "C1'" . G   A 1 18 ? -10.511 9.607   12.749  1.00 72.76 ? 1494 G   A "C1'" 1 
ATOM   353 N N9    . G   A 1 18 ? -9.058  9.710   12.667  1.00 69.82 ? 1494 G   A N9    1 
ATOM   354 C C8    . G   A 1 18 ? -8.312  10.859  12.564  1.00 69.14 ? 1494 G   A C8    1 
ATOM   355 N N7    . G   A 1 18 ? -7.027  10.636  12.528  1.00 68.52 ? 1494 G   A N7    1 
ATOM   356 C C5    . G   A 1 18 ? -6.915  9.254   12.611  1.00 67.03 ? 1494 G   A C5    1 
ATOM   357 C C6    . G   A 1 18 ? -5.765  8.430   12.632  1.00 64.96 ? 1494 G   A C6    1 
ATOM   358 O O6    . G   A 1 18 ? -4.581  8.769   12.574  1.00 63.80 ? 1494 G   A O6    1 
ATOM   359 N N1    . G   A 1 18 ? -6.101  7.082   12.736  1.00 64.69 ? 1494 G   A N1    1 
ATOM   360 C C2    . G   A 1 18 ? -7.382  6.591   12.815  1.00 65.01 ? 1494 G   A C2    1 
ATOM   361 N N2    . G   A 1 18 ? -7.498  5.257   12.934  1.00 62.28 ? 1494 G   A N2    1 
ATOM   362 N N3    . G   A 1 18 ? -8.467  7.351   12.787  1.00 65.74 ? 1494 G   A N3    1 
ATOM   363 C C4    . G   A 1 18 ? -8.160  8.665   12.691  1.00 67.82 ? 1494 G   A C4    1 
ATOM   364 P P     . U   A 1 19 ? -11.786 9.438   17.357  1.00 79.34 ? 1495 U   A P     1 
ATOM   365 O OP1   . U   A 1 19 ? -12.965 9.191   18.233  1.00 79.26 ? 1495 U   A OP1   1 
ATOM   366 O OP2   . U   A 1 19 ? -10.722 10.379  17.801  1.00 79.30 ? 1495 U   A OP2   1 
ATOM   367 O "O5'" . U   A 1 19 ? -11.110 8.033   17.053  1.00 77.44 ? 1495 U   A "O5'" 1 
ATOM   368 C "C5'" . U   A 1 19 ? -11.886 6.956   16.553  1.00 73.83 ? 1495 U   A "C5'" 1 
ATOM   369 C "C4'" . U   A 1 19 ? -11.120 5.681   16.706  1.00 71.83 ? 1495 U   A "C4'" 1 
ATOM   370 O "O4'" . U   A 1 19 ? -10.021 5.668   15.763  1.00 69.91 ? 1495 U   A "O4'" 1 
ATOM   371 C "C3'" . U   A 1 19 ? -10.446 5.562   18.057  1.00 71.74 ? 1495 U   A "C3'" 1 
ATOM   372 O "O3'" . U   A 1 19 ? -11.371 5.075   19.025  1.00 73.21 ? 1495 U   A "O3'" 1 
ATOM   373 C "C2'" . U   A 1 19 ? -9.309  4.595   17.764  1.00 69.85 ? 1495 U   A "C2'" 1 
ATOM   374 O "O2'" . U   A 1 19 ? -9.744  3.252   17.759  1.00 71.44 ? 1495 U   A "O2'" 1 
ATOM   375 C "C1'" . U   A 1 19 ? -8.911  5.011   16.345  1.00 67.70 ? 1495 U   A "C1'" 1 
ATOM   376 N N1    . U   A 1 19 ? -7.746  5.904   16.250  1.00 63.58 ? 1495 U   A N1    1 
ATOM   377 C C2    . U   A 1 19 ? -6.507  5.369   16.537  1.00 61.52 ? 1495 U   A C2    1 
ATOM   378 O O2    . U   A 1 19 ? -6.357  4.223   16.912  1.00 60.87 ? 1495 U   A O2    1 
ATOM   379 N N3    . U   A 1 19 ? -5.451  6.228   16.375  1.00 59.50 ? 1495 U   A N3    1 
ATOM   380 C C4    . U   A 1 19 ? -5.510  7.543   15.975  1.00 59.65 ? 1495 U   A C4    1 
ATOM   381 O O4    . U   A 1 19 ? -4.464  8.168   15.801  1.00 58.14 ? 1495 U   A O4    1 
ATOM   382 C C5    . U   A 1 19 ? -6.832  8.034   15.729  1.00 60.36 ? 1495 U   A C5    1 
ATOM   383 C C6    . U   A 1 19 ? -7.879  7.217   15.871  1.00 61.92 ? 1495 U   A C6    1 
ATOM   384 P P     . C   A 1 20 ? -11.375 5.703   20.506  1.00 73.88 ? 1496 C   A P     1 
ATOM   385 O OP1   . C   A 1 20 ? -12.678 5.361   21.143  1.00 74.33 ? 1496 C   A OP1   1 
ATOM   386 O OP2   . C   A 1 20 ? -10.962 7.129   20.400  1.00 74.19 ? 1496 C   A OP2   1 
ATOM   387 O "O5'" . C   A 1 20 ? -10.226 4.886   21.248  1.00 72.16 ? 1496 C   A "O5'" 1 
ATOM   388 C "C5'" . C   A 1 20 ? -10.250 3.464   21.256  1.00 70.78 ? 1496 C   A "C5'" 1 
ATOM   389 C "C4'" . C   A 1 20 ? -8.847  2.909   21.268  1.00 69.86 ? 1496 C   A "C4'" 1 
ATOM   390 O "O4'" . C   A 1 20 ? -8.146  3.320   20.064  1.00 69.43 ? 1496 C   A "O4'" 1 
ATOM   391 C "C3'" . C   A 1 20 ? -7.942  3.401   22.381  1.00 69.39 ? 1496 C   A "C3'" 1 
ATOM   392 O "O3'" . C   A 1 20 ? -8.180  2.706   23.595  1.00 70.08 ? 1496 C   A "O3'" 1 
ATOM   393 C "C2'" . C   A 1 20 ? -6.565  3.088   21.814  1.00 68.73 ? 1496 C   A "C2'" 1 
ATOM   394 O "O2'" . C   A 1 20 ? -6.245  1.713   21.911  1.00 67.96 ? 1496 C   A "O2'" 1 
ATOM   395 C "C1'" . C   A 1 20 ? -6.760  3.466   20.346  1.00 67.62 ? 1496 C   A "C1'" 1 
ATOM   396 N N1    . C   A 1 20 ? -6.373  4.856   20.055  1.00 66.30 ? 1496 C   A N1    1 
ATOM   397 C C2    . C   A 1 20 ? -5.018  5.164   19.946  1.00 65.20 ? 1496 C   A C2    1 
ATOM   398 O O2    . C   A 1 20 ? -4.185  4.264   20.129  1.00 65.46 ? 1496 C   A O2    1 
ATOM   399 N N3    . C   A 1 20 ? -4.650  6.433   19.652  1.00 64.16 ? 1496 C   A N3    1 
ATOM   400 C C4    . C   A 1 20 ? -5.582  7.376   19.487  1.00 64.44 ? 1496 C   A C4    1 
ATOM   401 N N4    . C   A 1 20 ? -5.178  8.619   19.201  1.00 63.83 ? 1496 C   A N4    1 
ATOM   402 C C5    . C   A 1 20 ? -6.970  7.090   19.607  1.00 64.14 ? 1496 C   A C5    1 
ATOM   403 C C6    . C   A 1 20 ? -7.318  5.830   19.889  1.00 65.21 ? 1496 C   A C6    1 
ATOM   404 P P     . G   A 1 21 ? -7.974  3.471   24.991  1.00 71.15 ? 1497 G   A P     1 
ATOM   405 O OP1   . G   A 1 21 ? -8.412  2.560   26.084  1.00 72.10 ? 1497 G   A OP1   1 
ATOM   406 O OP2   . G   A 1 21 ? -8.590  4.819   24.858  1.00 71.45 ? 1497 G   A OP2   1 
ATOM   407 O "O5'" . G   A 1 21 ? -6.398  3.646   25.112  1.00 67.78 ? 1497 G   A "O5'" 1 
ATOM   408 C "C5'" . G   A 1 21 ? -5.557  2.513   25.259  1.00 62.43 ? 1497 G   A "C5'" 1 
ATOM   409 C "C4'" . G   A 1 21 ? -4.114  2.928   25.186  1.00 59.69 ? 1497 G   A "C4'" 1 
ATOM   410 O "O4'" . G   A 1 21 ? -3.848  3.504   23.878  1.00 58.52 ? 1497 G   A "O4'" 1 
ATOM   411 C "C3'" . G   A 1 21 ? -3.699  4.047   26.123  1.00 59.36 ? 1497 G   A "C3'" 1 
ATOM   412 O "O3'" . G   A 1 21 ? -3.502  3.579   27.452  1.00 60.89 ? 1497 G   A "O3'" 1 
ATOM   413 C "C2'" . G   A 1 21 ? -2.414  4.532   25.461  1.00 57.01 ? 1497 G   A "C2'" 1 
ATOM   414 O "O2'" . G   A 1 21 ? -1.307  3.678   25.674  1.00 56.85 ? 1497 G   A "O2'" 1 
ATOM   415 C "C1'" . G   A 1 21 ? -2.798  4.456   23.984  1.00 54.51 ? 1497 G   A "C1'" 1 
ATOM   416 N N9    . G   A 1 21 ? -3.254  5.741   23.463  1.00 48.90 ? 1497 G   A N9    1 
ATOM   417 C C8    . G   A 1 21 ? -4.544  6.142   23.210  1.00 46.99 ? 1497 G   A C8    1 
ATOM   418 N N7    . G   A 1 21 ? -4.619  7.369   22.767  1.00 45.50 ? 1497 G   A N7    1 
ATOM   419 C C5    . G   A 1 21 ? -3.296  7.798   22.719  1.00 44.73 ? 1497 G   A C5    1 
ATOM   420 C C6    . G   A 1 21 ? -2.736  9.047   22.314  1.00 44.29 ? 1497 G   A C6    1 
ATOM   421 O O6    . G   A 1 21 ? -3.317  10.059  21.893  1.00 44.86 ? 1497 G   A O6    1 
ATOM   422 N N1    . G   A 1 21 ? -1.349  9.045   22.438  1.00 43.09 ? 1497 G   A N1    1 
ATOM   423 C C2    . G   A 1 21 ? -0.601  7.987   22.886  1.00 41.54 ? 1497 G   A C2    1 
ATOM   424 N N2    . G   A 1 21 ? 0.709   8.175   22.949  1.00 41.47 ? 1497 G   A N2    1 
ATOM   425 N N3    . G   A 1 21 ? -1.104  6.830   23.248  1.00 42.75 ? 1497 G   A N3    1 
ATOM   426 C C4    . G   A 1 21 ? -2.447  6.803   23.143  1.00 45.65 ? 1497 G   A C4    1 
ATOM   427 P P     . C   A 1 22 ? -3.563  4.623   28.678  1.00 61.31 ? 1498 C   A P     1 
ATOM   428 O OP1   . C   A 1 22 ? -3.415  3.835   29.934  1.00 61.72 ? 1498 C   A OP1   1 
ATOM   429 O OP2   . C   A 1 22 ? -4.762  5.481   28.487  1.00 61.53 ? 1498 C   A OP2   1 
ATOM   430 O "O5'" . C   A 1 22 ? -2.257  5.520   28.485  1.00 58.26 ? 1498 C   A "O5'" 1 
ATOM   431 C "C5'" . C   A 1 22 ? -0.959  4.925   28.492  1.00 54.86 ? 1498 C   A "C5'" 1 
ATOM   432 C "C4'" . C   A 1 22 ? 0.107   5.961   28.207  1.00 52.96 ? 1498 C   A "C4'" 1 
ATOM   433 O "O4'" . C   A 1 22 ? -0.110  6.544   26.900  1.00 50.31 ? 1498 C   A "O4'" 1 
ATOM   434 C "C3'" . C   A 1 22 ? 0.150   7.175   29.115  1.00 52.51 ? 1498 C   A "C3'" 1 
ATOM   435 O "O3'" . C   A 1 22 ? 0.725   6.895   30.394  1.00 53.72 ? 1498 C   A "O3'" 1 
ATOM   436 C "C2'" . C   A 1 22 ? 0.951   8.166   28.277  1.00 51.53 ? 1498 C   A "C2'" 1 
ATOM   437 O "O2'" . C   A 1 22 ? 2.341   7.913   28.316  1.00 53.24 ? 1498 C   A "O2'" 1 
ATOM   438 C "C1'" . C   A 1 22 ? 0.440   7.853   26.870  1.00 48.12 ? 1498 C   A "C1'" 1 
ATOM   439 N N1    . C   A 1 22 ? -0.589  8.781   26.374  1.00 43.91 ? 1498 C   A N1    1 
ATOM   440 C C2    . C   A 1 22 ? -0.185  10.007  25.814  1.00 41.32 ? 1498 C   A C2    1 
ATOM   441 O O2    . C   A 1 22 ? 1.025   10.310  25.824  1.00 41.06 ? 1498 C   A O2    1 
ATOM   442 N N3    . C   A 1 22 ? -1.122  10.827  25.289  1.00 37.00 ? 1498 C   A N3    1 
ATOM   443 C C4    . C   A 1 22 ? -2.410  10.480  25.322  1.00 37.84 ? 1498 C   A C4    1 
ATOM   444 N N4    . C   A 1 22 ? -3.292  11.307  24.766  1.00 34.11 ? 1498 C   A N4    1 
ATOM   445 C C5    . C   A 1 22 ? -2.850  9.261   25.923  1.00 37.86 ? 1498 C   A C5    1 
ATOM   446 C C6    . C   A 1 22 ? -1.916  8.451   26.432  1.00 40.14 ? 1498 C   A C6    1 
ATOM   447 O "O5'" . G   B 1 2  ? 0.646   18.891  19.631  1.00 69.02 ? 1403 G   B "O5'" 1 
ATOM   448 C "C5'" . G   B 1 2  ? 1.799   19.607  20.092  1.00 69.86 ? 1403 G   B "C5'" 1 
ATOM   449 C "C4'" . G   B 1 2  ? 2.763   18.781  20.923  1.00 69.91 ? 1403 G   B "C4'" 1 
ATOM   450 O "O4'" . G   B 1 2  ? 2.262   18.614  22.279  1.00 69.23 ? 1403 G   B "O4'" 1 
ATOM   451 C "C3'" . G   B 1 2  ? 2.987   17.363  20.435  1.00 70.29 ? 1403 G   B "C3'" 1 
ATOM   452 O "O3'" . G   B 1 2  ? 3.950   17.323  19.401  1.00 73.23 ? 1403 G   B "O3'" 1 
ATOM   453 C "C2'" . G   B 1 2  ? 3.473   16.662  21.697  1.00 69.19 ? 1403 G   B "C2'" 1 
ATOM   454 O "O2'" . G   B 1 2  ? 4.833   16.905  21.995  1.00 69.42 ? 1403 G   B "O2'" 1 
ATOM   455 C "C1'" . G   B 1 2  ? 2.580   17.311  22.750  1.00 66.77 ? 1403 G   B "C1'" 1 
ATOM   456 N N9    . G   B 1 2  ? 1.333   16.572  22.898  1.00 62.95 ? 1403 G   B N9    1 
ATOM   457 C C8    . G   B 1 2  ? 0.086   16.966  22.479  1.00 61.72 ? 1403 G   B C8    1 
ATOM   458 N N7    . G   B 1 2  ? -0.842  16.089  22.740  1.00 60.74 ? 1403 G   B N7    1 
ATOM   459 C C5    . G   B 1 2  ? -0.164  15.055  23.370  1.00 59.92 ? 1403 G   B C5    1 
ATOM   460 C C6    . G   B 1 2  ? -0.643  13.831  23.878  1.00 58.63 ? 1403 G   B C6    1 
ATOM   461 O O6    . G   B 1 2  ? -1.799  13.399  23.871  1.00 57.93 ? 1403 G   B O6    1 
ATOM   462 N N1    . G   B 1 2  ? 0.381   13.072  24.437  1.00 57.70 ? 1403 G   B N1    1 
ATOM   463 C C2    . G   B 1 2  ? 1.696   13.443  24.493  1.00 58.59 ? 1403 G   B C2    1 
ATOM   464 N N2    . G   B 1 2  ? 2.530   12.567  25.073  1.00 58.46 ? 1403 G   B N2    1 
ATOM   465 N N3    . G   B 1 2  ? 2.160   14.587  24.017  1.00 59.59 ? 1403 G   B N3    1 
ATOM   466 C C4    . G   B 1 2  ? 1.179   15.338  23.475  1.00 60.84 ? 1403 G   B C4    1 
ATOM   467 P P     . C   B 1 3  ? 3.949   16.088  18.380  1.00 76.02 ? 1404 C   B P     1 
ATOM   468 O OP1   . C   B 1 3  ? 5.122   16.248  17.477  1.00 76.15 ? 1404 C   B OP1   1 
ATOM   469 O OP2   . C   B 1 3  ? 2.578   15.968  17.800  1.00 75.54 ? 1404 C   B OP2   1 
ATOM   470 O "O5'" . C   B 1 3  ? 4.207   14.828  19.320  1.00 73.25 ? 1404 C   B "O5'" 1 
ATOM   471 C "C5'" . C   B 1 3  ? 5.482   14.599  19.903  1.00 70.27 ? 1404 C   B "C5'" 1 
ATOM   472 C "C4'" . C   B 1 3  ? 5.536   13.210  20.485  1.00 69.04 ? 1404 C   B "C4'" 1 
ATOM   473 O "O4'" . C   B 1 3  ? 4.621   13.125  21.614  1.00 66.33 ? 1404 C   B "O4'" 1 
ATOM   474 C "C3'" . C   B 1 3  ? 5.048   12.103  19.563  1.00 68.32 ? 1404 C   B "C3'" 1 
ATOM   475 O "O3'" . C   B 1 3  ? 6.018   11.712  18.591  1.00 70.99 ? 1404 C   B "O3'" 1 
ATOM   476 C "C2'" . C   B 1 3  ? 4.717   11.003  20.562  1.00 66.20 ? 1404 C   B "C2'" 1 
ATOM   477 O "O2'" . C   B 1 3  ? 5.850   10.325  21.054  1.00 65.77 ? 1404 C   B "O2'" 1 
ATOM   478 C "C1'" . C   B 1 3  ? 4.076   11.815  21.685  1.00 64.09 ? 1404 C   B "C1'" 1 
ATOM   479 N N1    . C   B 1 3  ? 2.626   11.894  21.478  1.00 60.17 ? 1404 C   B N1    1 
ATOM   480 C C2    . C   B 1 3  ? 1.838   10.843  21.932  1.00 57.58 ? 1404 C   B C2    1 
ATOM   481 O O2    . C   B 1 3  ? 2.386   9.913   22.532  1.00 57.23 ? 1404 C   B O2    1 
ATOM   482 N N3    . C   B 1 3  ? 0.505   10.865  21.706  1.00 55.45 ? 1404 C   B N3    1 
ATOM   483 C C4    . C   B 1 3  ? -0.040  11.893  21.051  1.00 55.08 ? 1404 C   B C4    1 
ATOM   484 N N4    . C   B 1 3  ? -1.353  11.864  20.822  1.00 54.76 ? 1404 C   B N4    1 
ATOM   485 C C5    . C   B 1 3  ? 0.739   12.993  20.596  1.00 55.66 ? 1404 C   B C5    1 
ATOM   486 C C6    . C   B 1 3  ? 2.057   12.956  20.833  1.00 57.85 ? 1404 C   B C6    1 
ATOM   487 P P     . G   B 1 4  ? 5.534   11.002  17.219  1.00 72.32 ? 1405 G   B P     1 
ATOM   488 O OP1   . G   B 1 4  ? 6.741   10.742  16.395  1.00 72.38 ? 1405 G   B OP1   1 
ATOM   489 O OP2   . G   B 1 4  ? 4.398   11.773  16.635  1.00 72.08 ? 1405 G   B OP2   1 
ATOM   490 O "O5'" . G   B 1 4  ? 4.991   9.586   17.711  1.00 68.78 ? 1405 G   B "O5'" 1 
ATOM   491 C "C5'" . G   B 1 4  ? 5.775   8.791   18.586  1.00 64.23 ? 1405 G   B "C5'" 1 
ATOM   492 C "C4'" . G   B 1 4  ? 4.937   7.701   19.192  1.00 61.88 ? 1405 G   B "C4'" 1 
ATOM   493 O "O4'" . G   B 1 4  ? 3.869   8.266   19.998  1.00 59.53 ? 1405 G   B "O4'" 1 
ATOM   494 C "C3'" . G   B 1 4  ? 4.180   6.852   18.197  1.00 61.75 ? 1405 G   B "C3'" 1 
ATOM   495 O "O3'" . G   B 1 4  ? 5.044   5.928   17.553  1.00 65.26 ? 1405 G   B "O3'" 1 
ATOM   496 C "C2'" . G   B 1 4  ? 3.120   6.207   19.083  1.00 59.85 ? 1405 G   B "C2'" 1 
ATOM   497 O "O2'" . G   B 1 4  ? 3.577   5.128   19.873  1.00 60.16 ? 1405 G   B "O2'" 1 
ATOM   498 C "C1'" . G   B 1 4  ? 2.760   7.376   19.997  1.00 56.35 ? 1405 G   B "C1'" 1 
ATOM   499 N N9    . G   B 1 4  ? 1.580   8.083   19.517  1.00 51.90 ? 1405 G   B N9    1 
ATOM   500 C C8    . G   B 1 4  ? 1.514   9.335   18.950  1.00 50.27 ? 1405 G   B C8    1 
ATOM   501 N N7    . G   B 1 4  ? 0.298   9.685   18.630  1.00 48.35 ? 1405 G   B N7    1 
ATOM   502 C C5    . G   B 1 4  ? -0.481  8.600   19.007  1.00 47.46 ? 1405 G   B C5    1 
ATOM   503 C C6    . G   B 1 4  ? -1.880  8.393   18.910  1.00 46.65 ? 1405 G   B C6    1 
ATOM   504 O O6    . G   B 1 4  ? -2.741  9.152   18.457  1.00 44.07 ? 1405 G   B O6    1 
ATOM   505 N N1    . G   B 1 4  ? -2.249  7.148   19.412  1.00 46.36 ? 1405 G   B N1    1 
ATOM   506 C C2    . G   B 1 4  ? -1.383  6.220   19.935  1.00 46.83 ? 1405 G   B C2    1 
ATOM   507 N N2    . G   B 1 4  ? -1.927  5.075   20.369  1.00 45.87 ? 1405 G   B N2    1 
ATOM   508 N N3    . G   B 1 4  ? -0.078  6.401   20.026  1.00 47.20 ? 1405 G   B N3    1 
ATOM   509 C C4    . G   B 1 4  ? 0.299   7.603   19.550  1.00 48.45 ? 1405 G   B C4    1 
ATOM   510 P P     . U   B 1 5  ? 4.558   5.208   16.203  1.00 66.38 ? 1406 U   B P     1 
ATOM   511 O OP1   . U   B 1 5  ? 5.755   4.640   15.526  1.00 67.22 ? 1406 U   B OP1   1 
ATOM   512 O OP2   . U   B 1 5  ? 3.678   6.156   15.465  1.00 66.08 ? 1406 U   B OP2   1 
ATOM   513 O "O5'" . U   B 1 5  ? 3.666   4.014   16.765  1.00 65.15 ? 1406 U   B "O5'" 1 
ATOM   514 C "C5'" . U   B 1 5  ? 2.699   3.392   15.948  1.00 63.80 ? 1406 U   B "C5'" 1 
ATOM   515 C "C4'" . U   B 1 5  ? 1.519   2.955   16.773  1.00 62.56 ? 1406 U   B "C4'" 1 
ATOM   516 O "O4'" . U   B 1 5  ? 1.004   4.065   17.546  1.00 61.00 ? 1406 U   B "O4'" 1 
ATOM   517 C "C3'" . U   B 1 5  ? 0.368   2.502   15.903  1.00 62.48 ? 1406 U   B "C3'" 1 
ATOM   518 O "O3'" . U   B 1 5  ? 0.540   1.126   15.620  1.00 63.63 ? 1406 U   B "O3'" 1 
ATOM   519 C "C2'" . U   B 1 5  ? -0.850  2.789   16.769  1.00 61.53 ? 1406 U   B "C2'" 1 
ATOM   520 O "O2'" . U   B 1 5  ? -1.113  1.768   17.706  1.00 59.86 ? 1406 U   B "O2'" 1 
ATOM   521 C "C1'" . U   B 1 5  ? -0.412  4.070   17.484  1.00 61.08 ? 1406 U   B "C1'" 1 
ATOM   522 N N1    . U   B 1 5  ? -0.820  5.321   16.829  1.00 60.29 ? 1406 U   B N1    1 
ATOM   523 C C2    . U   B 1 5  ? -2.176  5.591   16.690  1.00 59.20 ? 1406 U   B C2    1 
ATOM   524 O O2    . U   B 1 5  ? -3.050  4.808   17.022  1.00 58.01 ? 1406 U   B O2    1 
ATOM   525 N N3    . U   B 1 5  ? -2.462  6.813   16.137  1.00 60.16 ? 1406 U   B N3    1 
ATOM   526 C C4    . U   B 1 5  ? -1.554  7.763   15.696  1.00 61.15 ? 1406 U   B C4    1 
ATOM   527 O O4    . U   B 1 5  ? -1.963  8.834   15.251  1.00 60.98 ? 1406 U   B O4    1 
ATOM   528 C C5    . U   B 1 5  ? -0.181  7.390   15.841  1.00 61.12 ? 1406 U   B C5    1 
ATOM   529 C C6    . U   B 1 5  ? 0.130   6.212   16.387  1.00 60.58 ? 1406 U   B C6    1 
ATOM   530 P P     . C   B 1 6  ? 0.942   0.665   14.137  1.00 64.28 ? 1407 C   B P     1 
ATOM   531 O OP1   . C   B 1 6  ? 2.236   -0.061  14.234  1.00 64.42 ? 1407 C   B OP1   1 
ATOM   532 O OP2   . C   B 1 6  ? 0.827   1.825   13.212  1.00 62.46 ? 1407 C   B OP2   1 
ATOM   533 O "O5'" . C   B 1 6  ? -0.204  -0.385  13.794  1.00 64.58 ? 1407 C   B "O5'" 1 
ATOM   534 C "C5'" . C   B 1 6  ? -1.177  -0.100  12.806  1.00 64.64 ? 1407 C   B "C5'" 1 
ATOM   535 C "C4'" . C   B 1 6  ? -2.559  -0.161  13.400  1.00 64.32 ? 1407 C   B "C4'" 1 
ATOM   536 O "O4'" . C   B 1 6  ? -2.672  0.820   14.461  1.00 64.16 ? 1407 C   B "O4'" 1 
ATOM   537 C "C3'" . C   B 1 6  ? -3.641  0.227   12.412  1.00 64.91 ? 1407 C   B "C3'" 1 
ATOM   538 O "O3'" . C   B 1 6  ? -4.034  -0.906  11.663  1.00 66.45 ? 1407 C   B "O3'" 1 
ATOM   539 C "C2'" . C   B 1 6  ? -4.740  0.742   13.320  1.00 64.08 ? 1407 C   B "C2'" 1 
ATOM   540 O "O2'" . C   B 1 6  ? -5.447  -0.305  13.946  1.00 64.43 ? 1407 C   B "O2'" 1 
ATOM   541 C "C1'" . C   B 1 6  ? -3.911  1.504   14.352  1.00 62.51 ? 1407 C   B "C1'" 1 
ATOM   542 N N1    . C   B 1 6  ? -3.622  2.892   13.948  1.00 59.49 ? 1407 C   B N1    1 
ATOM   543 C C2    . C   B 1 6  ? -4.684  3.774   13.729  1.00 57.45 ? 1407 C   B C2    1 
ATOM   544 O O2    . C   B 1 6  ? -5.846  3.360   13.867  1.00 57.25 ? 1407 C   B O2    1 
ATOM   545 N N3    . C   B 1 6  ? -4.420  5.048   13.370  1.00 55.50 ? 1407 C   B N3    1 
ATOM   546 C C4    . C   B 1 6  ? -3.157  5.450   13.223  1.00 55.95 ? 1407 C   B C4    1 
ATOM   547 N N4    . C   B 1 6  ? -2.942  6.714   12.869  1.00 54.78 ? 1407 C   B N4    1 
ATOM   548 C C5    . C   B 1 6  ? -2.057  4.573   13.433  1.00 56.64 ? 1407 C   B C5    1 
ATOM   549 C C6    . C   B 1 6  ? -2.332  3.315   13.792  1.00 58.15 ? 1407 C   B C6    1 
ATOM   550 P P     . A   B 1 7  ? -3.808  -0.915  10.077  1.00 66.05 ? 1408 A   B P     1 
ATOM   551 O OP1   . A   B 1 7  ? -3.921  -2.337  9.660   1.00 68.13 ? 1408 A   B OP1   1 
ATOM   552 O OP2   . A   B 1 7  ? -2.572  -0.147  9.759   1.00 66.00 ? 1408 A   B OP2   1 
ATOM   553 O "O5'" . A   B 1 7  ? -5.062  -0.111  9.519   1.00 66.35 ? 1408 A   B "O5'" 1 
ATOM   554 C "C5'" . A   B 1 7  ? -6.378  -0.477  9.909   1.00 66.16 ? 1408 A   B "C5'" 1 
ATOM   555 C "C4'" . A   B 1 7  ? -7.325  0.674   9.697   1.00 65.28 ? 1408 A   B "C4'" 1 
ATOM   556 O "O4'" . A   B 1 7  ? -6.993  1.761   10.599  1.00 63.00 ? 1408 A   B "O4'" 1 
ATOM   557 C "C3'" . A   B 1 7  ? -7.261  1.321   8.327   1.00 65.43 ? 1408 A   B "C3'" 1 
ATOM   558 O "O3'" . A   B 1 7  ? -7.971  0.563   7.356   1.00 67.16 ? 1408 A   B "O3'" 1 
ATOM   559 C "C2'" . A   B 1 7  ? -7.885  2.688   8.594   1.00 64.27 ? 1408 A   B "C2'" 1 
ATOM   560 O "O2'" . A   B 1 7  ? -9.302  2.686   8.614   1.00 65.17 ? 1408 A   B "O2'" 1 
ATOM   561 C "C1'" . A   B 1 7  ? -7.345  2.993   9.992   1.00 62.18 ? 1408 A   B "C1'" 1 
ATOM   562 N N9    . A   B 1 7  ? -6.163  3.847   9.959   1.00 59.22 ? 1408 A   B N9    1 
ATOM   563 C C8    . A   B 1 7  ? -4.854  3.514   10.188  1.00 57.62 ? 1408 A   B C8    1 
ATOM   564 N N7    . A   B 1 7  ? -4.027  4.528   10.092  1.00 56.43 ? 1408 A   B N7    1 
ATOM   565 C C5    . A   B 1 7  ? -4.851  5.599   9.777   1.00 56.99 ? 1408 A   B C5    1 
ATOM   566 C C6    . A   B 1 7  ? -4.590  6.959   9.543   1.00 56.75 ? 1408 A   B C6    1 
ATOM   567 N N6    . A   B 1 7  ? -3.372  7.498   9.593   1.00 57.15 ? 1408 A   B N6    1 
ATOM   568 N N1    . A   B 1 7  ? -5.637  7.757   9.248   1.00 56.86 ? 1408 A   B N1    1 
ATOM   569 C C2    . A   B 1 7  ? -6.860  7.215   9.192   1.00 57.50 ? 1408 A   B C2    1 
ATOM   570 N N3    . A   B 1 7  ? -7.231  5.955   9.391   1.00 56.93 ? 1408 A   B N3    1 
ATOM   571 C C4    . A   B 1 7  ? -6.167  5.192   9.685   1.00 57.83 ? 1408 A   B C4    1 
ATOM   572 P P     . C   B 1 8  ? -7.408  0.483   5.852   1.00 68.99 ? 1409 C   B P     1 
ATOM   573 O OP1   . C   B 1 8  ? -8.239  -0.497  5.109   1.00 69.77 ? 1409 C   B OP1   1 
ATOM   574 O OP2   . C   B 1 8  ? -5.930  0.303   5.913   1.00 68.27 ? 1409 C   B OP2   1 
ATOM   575 O "O5'" . C   B 1 8  ? -7.721  1.920   5.253   1.00 66.27 ? 1409 C   B "O5'" 1 
ATOM   576 C "C5'" . C   B 1 8  ? -9.046  2.424   5.258   1.00 65.12 ? 1409 C   B "C5'" 1 
ATOM   577 C "C4'" . C   B 1 8  ? -9.032  3.899   4.974   1.00 63.79 ? 1409 C   B "C4'" 1 
ATOM   578 O "O4'" . C   B 1 8  ? -8.340  4.586   6.045   1.00 62.40 ? 1409 C   B "O4'" 1 
ATOM   579 C "C3'" . C   B 1 8  ? -8.243  4.293   3.743   1.00 63.50 ? 1409 C   B "C3'" 1 
ATOM   580 O "O3'" . C   B 1 8  ? -9.016  4.098   2.568   1.00 64.20 ? 1409 C   B "O3'" 1 
ATOM   581 C "C2'" . C   B 1 8  ? -7.939  5.760   4.019   1.00 62.38 ? 1409 C   B "C2'" 1 
ATOM   582 O "O2'" . C   B 1 8  ? -9.014  6.627   3.727   1.00 62.21 ? 1409 C   B "O2'" 1 
ATOM   583 C "C1'" . C   B 1 8  ? -7.697  5.735   5.529   1.00 61.26 ? 1409 C   B "C1'" 1 
ATOM   584 N N1    . C   B 1 8  ? -6.272  5.670   5.867   1.00 59.82 ? 1409 C   B N1    1 
ATOM   585 C C2    . C   B 1 8  ? -5.538  6.845   5.828   1.00 59.71 ? 1409 C   B C2    1 
ATOM   586 O O2    . C   B 1 8  ? -6.112  7.892   5.505   1.00 60.07 ? 1409 C   B O2    1 
ATOM   587 N N3    . C   B 1 8  ? -4.226  6.818   6.138   1.00 58.95 ? 1409 C   B N3    1 
ATOM   588 C C4    . C   B 1 8  ? -3.646  5.668   6.476   1.00 57.51 ? 1409 C   B C4    1 
ATOM   589 N N4    . C   B 1 8  ? -2.344  5.698   6.779   1.00 55.93 ? 1409 C   B N4    1 
ATOM   590 C C5    . C   B 1 8  ? -4.374  4.444   6.518   1.00 57.42 ? 1409 C   B C5    1 
ATOM   591 C C6    . C   B 1 8  ? -5.675  4.491   6.212   1.00 58.46 ? 1409 C   B C6    1 
ATOM   592 P P     . A   B 1 9  ? -8.286  3.708   1.193   1.00 64.06 ? 1410 A   B P     1 
ATOM   593 O OP1   . A   B 1 9  ? -9.362  3.254   0.279   1.00 64.65 ? 1410 A   B OP1   1 
ATOM   594 O OP2   . A   B 1 9  ? -7.151  2.802   1.495   1.00 63.48 ? 1410 A   B OP2   1 
ATOM   595 O "O5'" . A   B 1 9  ? -7.709  5.099   0.666   1.00 62.53 ? 1410 A   B "O5'" 1 
ATOM   596 C "C5'" . A   B 1 9  ? -8.577  6.214   0.488   1.00 61.69 ? 1410 A   B "C5'" 1 
ATOM   597 C "C4'" . A   B 1 9  ? -7.790  7.503   0.413   1.00 60.38 ? 1410 A   B "C4'" 1 
ATOM   598 O "O4'" . A   B 1 9  ? -7.148  7.776   1.680   1.00 61.07 ? 1410 A   B "O4'" 1 
ATOM   599 C "C3'" . A   B 1 9  ? -6.638  7.533   -0.567  1.00 60.83 ? 1410 A   B "C3'" 1 
ATOM   600 O "O3'" . A   B 1 9  ? -7.115  7.739   -1.887  1.00 61.22 ? 1410 A   B "O3'" 1 
ATOM   601 C "C2'" . A   B 1 9  ? -5.810  8.708   -0.052  1.00 60.37 ? 1410 A   B "C2'" 1 
ATOM   602 O "O2'" . A   B 1 9  ? -6.281  9.981   -0.458  1.00 61.82 ? 1410 A   B "O2'" 1 
ATOM   603 C "C1'" . A   B 1 9  ? -5.985  8.561   1.459   1.00 59.03 ? 1410 A   B "C1'" 1 
ATOM   604 N N9    . A   B 1 9  ? -4.857  7.897   2.106   1.00 57.07 ? 1410 A   B N9    1 
ATOM   605 C C8    . A   B 1 9  ? -4.770  6.585   2.489   1.00 55.79 ? 1410 A   B C8    1 
ATOM   606 N N7    . A   B 1 9  ? -3.636  6.280   3.064   1.00 56.44 ? 1410 A   B N7    1 
ATOM   607 C C5    . A   B 1 9  ? -2.927  7.472   3.060   1.00 54.03 ? 1410 A   B C5    1 
ATOM   608 C C6    . A   B 1 9  ? -1.655  7.810   3.533   1.00 53.23 ? 1410 A   B C6    1 
ATOM   609 N N6    . A   B 1 9  ? -0.843  6.952   4.141   1.00 53.15 ? 1410 A   B N6    1 
ATOM   610 N N1    . A   B 1 9  ? -1.239  9.081   3.361   1.00 54.11 ? 1410 A   B N1    1 
ATOM   611 C C2    . A   B 1 9  ? -2.064  9.946   2.758   1.00 54.70 ? 1410 A   B C2    1 
ATOM   612 N N3    . A   B 1 9  ? -3.289  9.747   2.278   1.00 53.93 ? 1410 A   B N3    1 
ATOM   613 C C4    . A   B 1 9  ? -3.665  8.474   2.464   1.00 54.88 ? 1410 A   B C4    1 
ATOM   614 P P     . C   B 1 10 ? -6.347  7.052   -3.116  1.00 60.86 ? 1411 C   B P     1 
ATOM   615 O OP1   . C   B 1 10 ? -7.172  7.267   -4.336  1.00 60.89 ? 1411 C   B OP1   1 
ATOM   616 O OP2   . C   B 1 10 ? -5.992  5.665   -2.699  1.00 58.33 ? 1411 C   B OP2   1 
ATOM   617 O "O5'" . C   B 1 10 ? -5.038  7.950   -3.260  1.00 56.66 ? 1411 C   B "O5'" 1 
ATOM   618 C "C5'" . C   B 1 10 ? -5.158  9.312   -3.634  1.00 55.59 ? 1411 C   B "C5'" 1 
ATOM   619 C "C4'" . C   B 1 10 ? -3.831  10.016  -3.521  1.00 54.65 ? 1411 C   B "C4'" 1 
ATOM   620 O "O4'" . C   B 1 10 ? -3.453  10.150  -2.128  1.00 54.46 ? 1411 C   B "O4'" 1 
ATOM   621 C "C3'" . C   B 1 10 ? -2.655  9.310   -4.161  1.00 53.42 ? 1411 C   B "C3'" 1 
ATOM   622 O "O3'" . C   B 1 10 ? -2.604  9.555   -5.562  1.00 53.61 ? 1411 C   B "O3'" 1 
ATOM   623 C "C2'" . C   B 1 10 ? -1.483  9.943   -3.430  1.00 52.76 ? 1411 C   B "C2'" 1 
ATOM   624 O "O2'" . C   B 1 10 ? -1.173  11.216  -3.948  1.00 51.96 ? 1411 C   B "O2'" 1 
ATOM   625 C "C1'" . C   B 1 10 ? -2.044  10.077  -2.012  1.00 53.25 ? 1411 C   B "C1'" 1 
ATOM   626 N N1    . C   B 1 10 ? -1.715  8.935   -1.140  1.00 52.75 ? 1411 C   B N1    1 
ATOM   627 C C2    . C   B 1 10 ? -0.503  8.944   -0.434  1.00 53.20 ? 1411 C   B C2    1 
ATOM   628 O O2    . C   B 1 10 ? 0.268   9.912   -0.572  1.00 51.83 ? 1411 C   B O2    1 
ATOM   629 N N3    . C   B 1 10 ? -0.202  7.899   0.377   1.00 52.59 ? 1411 C   B N3    1 
ATOM   630 C C4    . C   B 1 10 ? -1.053  6.875   0.486   1.00 53.78 ? 1411 C   B C4    1 
ATOM   631 N N4    . C   B 1 10 ? -0.718  5.863   1.291   1.00 54.53 ? 1411 C   B N4    1 
ATOM   632 C C5    . C   B 1 10 ? -2.287  6.840   -0.228  1.00 54.31 ? 1411 C   B C5    1 
ATOM   633 C C6    . C   B 1 10 ? -2.576  7.881   -1.019  1.00 53.36 ? 1411 C   B C6    1 
ATOM   634 P P     . C   B 1 11 ? -1.885  8.486   -6.524  1.00 54.24 ? 1412 C   B P     1 
ATOM   635 O OP1   . C   B 1 11 ? -2.161  8.869   -7.932  1.00 54.01 ? 1412 C   B OP1   1 
ATOM   636 O OP2   . C   B 1 11 ? -2.270  7.131   -6.045  1.00 53.32 ? 1412 C   B OP2   1 
ATOM   637 O "O5'" . C   B 1 11 ? -0.333  8.707   -6.226  1.00 52.21 ? 1412 C   B "O5'" 1 
ATOM   638 C "C5'" . C   B 1 11 ? 0.287   9.973   -6.470  1.00 51.03 ? 1412 C   B "C5'" 1 
ATOM   639 C "C4'" . C   B 1 11 ? 1.715   9.983   -5.959  1.00 49.05 ? 1412 C   B "C4'" 1 
ATOM   640 O "O4'" . C   B 1 11 ? 1.742   10.056  -4.504  1.00 49.59 ? 1412 C   B "O4'" 1 
ATOM   641 C "C3'" . C   B 1 11 ? 2.536   8.745   -6.256  1.00 49.41 ? 1412 C   B "C3'" 1 
ATOM   642 O "O3'" . C   B 1 11 ? 3.018   8.689   -7.582  1.00 49.81 ? 1412 C   B "O3'" 1 
ATOM   643 C "C2'" . C   B 1 11 ? 3.648   8.861   -5.224  1.00 49.31 ? 1412 C   B "C2'" 1 
ATOM   644 O "O2'" . C   B 1 11 ? 4.615   9.841   -5.556  1.00 49.37 ? 1412 C   B "O2'" 1 
ATOM   645 C "C1'" . C   B 1 11 ? 2.844   9.305   -4.006  1.00 47.64 ? 1412 C   B "C1'" 1 
ATOM   646 N N1    . C   B 1 11 ? 2.320   8.139   -3.277  1.00 45.02 ? 1412 C   B N1    1 
ATOM   647 C C2    . C   B 1 11 ? 3.131   7.535   -2.321  1.00 43.55 ? 1412 C   B C2    1 
ATOM   648 O O2    . C   B 1 11 ? 4.255   8.014   -2.108  1.00 43.59 ? 1412 C   B O2    1 
ATOM   649 N N3    . C   B 1 11 ? 2.678   6.451   -1.656  1.00 42.19 ? 1412 C   B N3    1 
ATOM   650 C C4    . C   B 1 11 ? 1.466   5.967   -1.927  1.00 43.46 ? 1412 C   B C4    1 
ATOM   651 N N4    . C   B 1 11 ? 1.065   4.874   -1.267  1.00 42.79 ? 1412 C   B N4    1 
ATOM   652 C C5    . C   B 1 11 ? 0.610   6.574   -2.892  1.00 42.51 ? 1412 C   B C5    1 
ATOM   653 C C6    . C   B 1 11 ? 1.073   7.649   -3.535  1.00 42.66 ? 1412 C   B C6    1 
ATOM   654 P P     . G   B 1 12 ? 3.217   7.255   -8.266  1.00 50.62 ? 1488 G   B P     1 
ATOM   655 O OP1   . G   B 1 12 ? 3.587   7.479   -9.678  1.00 51.45 ? 1488 G   B OP1   1 
ATOM   656 O OP2   . G   B 1 12 ? 2.012   6.454   -7.940  1.00 50.66 ? 1488 G   B OP2   1 
ATOM   657 O "O5'" . G   B 1 12 ? 4.474   6.650   -7.492  1.00 48.18 ? 1488 G   B "O5'" 1 
ATOM   658 C "C5'" . G   B 1 12 ? 5.719   7.347   -7.488  1.00 43.74 ? 1488 G   B "C5'" 1 
ATOM   659 C "C4'" . G   B 1 12 ? 6.694   6.733   -6.498  1.00 42.58 ? 1488 G   B "C4'" 1 
ATOM   660 O "O4'" . G   B 1 12 ? 6.186   6.837   -5.137  1.00 39.51 ? 1488 G   B "O4'" 1 
ATOM   661 C "C3'" . G   B 1 12 ? 7.008   5.250   -6.616  1.00 41.10 ? 1488 G   B "C3'" 1 
ATOM   662 O "O3'" . G   B 1 12 ? 7.905   4.960   -7.679  1.00 42.99 ? 1488 G   B "O3'" 1 
ATOM   663 C "C2'" . G   B 1 12 ? 7.649   4.992   -5.263  1.00 37.63 ? 1488 G   B "C2'" 1 
ATOM   664 O "O2'" . G   B 1 12 ? 8.946   5.540   -5.158  1.00 36.93 ? 1488 G   B "O2'" 1 
ATOM   665 C "C1'" . G   B 1 12 ? 6.711   5.776   -4.355  1.00 35.20 ? 1488 G   B "C1'" 1 
ATOM   666 N N9    . G   B 1 12 ? 5.609   4.921   -3.943  1.00 32.60 ? 1488 G   B N9    1 
ATOM   667 C C8    . G   B 1 12 ? 4.347   4.877   -4.466  1.00 29.38 ? 1488 G   B C8    1 
ATOM   668 N N7    . G   B 1 12 ? 3.583   4.000   -3.880  1.00 27.90 ? 1488 G   B N7    1 
ATOM   669 C C5    . G   B 1 12 ? 4.394   3.432   -2.910  1.00 27.82 ? 1488 G   B C5    1 
ATOM   670 C C6    . G   B 1 12 ? 4.114   2.440   -1.946  1.00 27.86 ? 1488 G   B C6    1 
ATOM   671 O O6    . G   B 1 12 ? 3.052   1.850   -1.728  1.00 29.35 ? 1488 G   B O6    1 
ATOM   672 N N1    . G   B 1 12 ? 5.228   2.156   -1.171  1.00 28.91 ? 1488 G   B N1    1 
ATOM   673 C C2    . G   B 1 12 ? 6.447   2.756   -1.298  1.00 28.51 ? 1488 G   B C2    1 
ATOM   674 N N2    . G   B 1 12 ? 7.389   2.334   -0.471  1.00 29.32 ? 1488 G   B N2    1 
ATOM   675 N N3    . G   B 1 12 ? 6.717   3.698   -2.175  1.00 29.77 ? 1488 G   B N3    1 
ATOM   676 C C4    . G   B 1 12 ? 5.649   3.985   -2.943  1.00 30.20 ? 1488 G   B C4    1 
ATOM   677 P P     . G   B 1 13 ? 7.801   3.543   -8.433  1.00 43.28 ? 1489 G   B P     1 
ATOM   678 O OP1   . G   B 1 13 ? 8.813   3.566   -9.511  1.00 44.00 ? 1489 G   B OP1   1 
ATOM   679 O OP2   . G   B 1 13 ? 6.381   3.291   -8.762  1.00 41.03 ? 1489 G   B OP2   1 
ATOM   680 O "O5'" . G   B 1 13 ? 8.243   2.474   -7.323  1.00 40.86 ? 1489 G   B "O5'" 1 
ATOM   681 C "C5'" . G   B 1 13 ? 9.574   2.448   -6.830  1.00 36.13 ? 1489 G   B "C5'" 1 
ATOM   682 C "C4'" . G   B 1 13 ? 9.680   1.593   -5.580  1.00 35.13 ? 1489 G   B "C4'" 1 
ATOM   683 O "O4'" . G   B 1 13 ? 8.625   1.957   -4.648  1.00 33.05 ? 1489 G   B "O4'" 1 
ATOM   684 C "C3'" . G   B 1 13 ? 9.497   0.086   -5.682  1.00 33.68 ? 1489 G   B "C3'" 1 
ATOM   685 O "O3'" . G   B 1 13 ? 10.628  -0.614  -6.186  1.00 32.22 ? 1489 G   B "O3'" 1 
ATOM   686 C "C2'" . G   B 1 13 ? 9.290   -0.267  -4.221  1.00 32.61 ? 1489 G   B "C2'" 1 
ATOM   687 O "O2'" . G   B 1 13 ? 10.481  -0.138  -3.491  1.00 32.46 ? 1489 G   B "O2'" 1 
ATOM   688 C "C1'" . G   B 1 13 ? 8.355   0.854   -3.787  1.00 31.91 ? 1489 G   B "C1'" 1 
ATOM   689 N N9    . G   B 1 13 ? 6.959   0.460   -3.936  1.00 31.39 ? 1489 G   B N9    1 
ATOM   690 C C8    . G   B 1 13 ? 6.048   0.948   -4.837  1.00 30.24 ? 1489 G   B C8    1 
ATOM   691 N N7    . G   B 1 13 ? 4.856   0.440   -4.686  1.00 30.98 ? 1489 G   B N7    1 
ATOM   692 C C5    . G   B 1 13 ? 4.993   -0.453  -3.630  1.00 30.63 ? 1489 G   B C5    1 
ATOM   693 C C6    . G   B 1 13 ? 4.034   -1.291  -3.001  1.00 30.57 ? 1489 G   B C6    1 
ATOM   694 O O6    . G   B 1 13 ? 2.835   -1.427  -3.265  1.00 30.20 ? 1489 G   B O6    1 
ATOM   695 N N1    . G   B 1 13 ? 4.598   -2.021  -1.962  1.00 30.46 ? 1489 G   B N1    1 
ATOM   696 C C2    . G   B 1 13 ? 5.916   -1.962  -1.584  1.00 29.88 ? 1489 G   B C2    1 
ATOM   697 N N2    . G   B 1 13 ? 6.281   -2.743  -0.544  1.00 26.96 ? 1489 G   B N2    1 
ATOM   698 N N3    . G   B 1 13 ? 6.813   -1.196  -2.171  1.00 28.94 ? 1489 G   B N3    1 
ATOM   699 C C4    . G   B 1 13 ? 6.287   -0.468  -3.170  1.00 29.83 ? 1489 G   B C4    1 
ATOM   700 P P     . U   B 1 14 ? 10.418  -2.048  -6.907  1.00 30.71 ? 1490 U   B P     1 
ATOM   701 O OP1   . U   B 1 14 ? 11.659  -2.333  -7.652  1.00 29.35 ? 1490 U   B OP1   1 
ATOM   702 O OP2   . U   B 1 14 ? 9.128   -2.020  -7.637  1.00 30.85 ? 1490 U   B OP2   1 
ATOM   703 O "O5'" . U   B 1 14 ? 10.272  -3.063  -5.687  1.00 28.14 ? 1490 U   B "O5'" 1 
ATOM   704 C "C5'" . U   B 1 14 ? 11.336  -3.238  -4.764  1.00 27.44 ? 1490 U   B "C5'" 1 
ATOM   705 C "C4'" . U   B 1 14 ? 10.962  -4.244  -3.703  1.00 28.55 ? 1490 U   B "C4'" 1 
ATOM   706 O "O4'" . U   B 1 14 ? 9.851   -3.735  -2.922  1.00 28.02 ? 1490 U   B "O4'" 1 
ATOM   707 C "C3'" . U   B 1 14 ? 10.452  -5.595  -4.189  1.00 29.20 ? 1490 U   B "C3'" 1 
ATOM   708 O "O3'" . U   B 1 14 ? 11.502  -6.464  -4.578  1.00 30.68 ? 1490 U   B "O3'" 1 
ATOM   709 C "C2'" . U   B 1 14 ? 9.725   -6.101  -2.956  1.00 26.42 ? 1490 U   B "C2'" 1 
ATOM   710 O "O2'" . U   B 1 14 ? 10.603  -6.506  -1.939  1.00 27.17 ? 1490 U   B "O2'" 1 
ATOM   711 C "C1'" . U   B 1 14 ? 9.044   -4.822  -2.487  1.00 27.03 ? 1490 U   B "C1'" 1 
ATOM   712 N N1    . U   B 1 14 ? 7.712   -4.684  -3.083  1.00 25.29 ? 1490 U   B N1    1 
ATOM   713 C C2    . U   B 1 14 ? 6.683   -5.362  -2.473  1.00 24.74 ? 1490 U   B C2    1 
ATOM   714 O O2    . U   B 1 14 ? 6.853   -6.094  -1.515  1.00 26.34 ? 1490 U   B O2    1 
ATOM   715 N N3    . U   B 1 14 ? 5.449   -5.167  -3.031  1.00 25.65 ? 1490 U   B N3    1 
ATOM   716 C C4    . U   B 1 14 ? 5.156   -4.408  -4.131  1.00 25.51 ? 1490 U   B C4    1 
ATOM   717 O O4    . U   B 1 14 ? 4.002   -4.358  -4.523  1.00 27.80 ? 1490 U   B O4    1 
ATOM   718 C C5    . U   B 1 14 ? 6.283   -3.757  -4.732  1.00 26.59 ? 1490 U   B C5    1 
ATOM   719 C C6    . U   B 1 14 ? 7.495   -3.912  -4.197  1.00 25.46 ? 1490 U   B C6    1 
ATOM   720 P P     . G   B 1 15 ? 11.227  -7.578  -5.697  1.00 34.60 ? 1491 G   B P     1 
ATOM   721 O OP1   . G   B 1 15 ? 12.514  -8.294  -5.873  1.00 34.89 ? 1491 G   B OP1   1 
ATOM   722 O OP2   . G   B 1 15 ? 10.569  -6.940  -6.876  1.00 31.63 ? 1491 G   B OP2   1 
ATOM   723 O "O5'" . G   B 1 15 ? 10.197  -8.564  -4.987  1.00 29.13 ? 1491 G   B "O5'" 1 
ATOM   724 C "C5'" . G   B 1 15 ? 10.585  -9.286  -3.838  1.00 26.28 ? 1491 G   B "C5'" 1 
ATOM   725 C "C4'" . G   B 1 15 ? 9.443   -10.115 -3.331  1.00 26.28 ? 1491 G   B "C4'" 1 
ATOM   726 O "O4'" . G   B 1 15 ? 8.407   -9.255  -2.802  1.00 28.16 ? 1491 G   B "O4'" 1 
ATOM   727 C "C3'" . G   B 1 15 ? 8.710   -10.985 -4.336  1.00 29.13 ? 1491 G   B "C3'" 1 
ATOM   728 O "O3'" . G   B 1 15 ? 9.408   -12.202 -4.550  1.00 33.71 ? 1491 G   B "O3'" 1 
ATOM   729 C "C2'" . G   B 1 15 ? 7.416   -11.256 -3.581  1.00 27.40 ? 1491 G   B "C2'" 1 
ATOM   730 O "O2'" . G   B 1 15 ? 7.633   -12.193 -2.548  1.00 27.61 ? 1491 G   B "O2'" 1 
ATOM   731 C "C1'" . G   B 1 15 ? 7.145   -9.883  -2.948  1.00 26.44 ? 1491 G   B "C1'" 1 
ATOM   732 N N9    . G   B 1 15 ? 6.302   -9.028  -3.780  1.00 24.60 ? 1491 G   B N9    1 
ATOM   733 C C8    . G   B 1 15 ? 6.722   -8.076  -4.678  1.00 23.74 ? 1491 G   B C8    1 
ATOM   734 N N7    . G   B 1 15 ? 5.738   -7.487  -5.299  1.00 23.04 ? 1491 G   B N7    1 
ATOM   735 C C5    . G   B 1 15 ? 4.598   -8.090  -4.785  1.00 23.67 ? 1491 G   B C5    1 
ATOM   736 C C6    . G   B 1 15 ? 3.221   -7.886  -5.105  1.00 24.69 ? 1491 G   B C6    1 
ATOM   737 O O6    . G   B 1 15 ? 2.731   -7.120  -5.935  1.00 26.32 ? 1491 G   B O6    1 
ATOM   738 N N1    . G   B 1 15 ? 2.393   -8.709  -4.349  1.00 24.36 ? 1491 G   B N1    1 
ATOM   739 C C2    . G   B 1 15 ? 2.829   -9.635  -3.418  1.00 23.92 ? 1491 G   B C2    1 
ATOM   740 N N2    . G   B 1 15 ? 1.877   -10.355 -2.799  1.00 24.53 ? 1491 G   B N2    1 
ATOM   741 N N3    . G   B 1 15 ? 4.106   -9.840  -3.121  1.00 22.51 ? 1491 G   B N3    1 
ATOM   742 C C4    . G   B 1 15 ? 4.929   -9.037  -3.837  1.00 23.33 ? 1491 G   B C4    1 
ATOM   743 P P     . A   B 1 16 ? 9.893   -12.599 -6.028  1.00 34.70 ? 1492 A   B P     1 
ATOM   744 O OP1   . A   B 1 16 ? 11.345  -12.309 -6.095  1.00 38.66 ? 1492 A   B OP1   1 
ATOM   745 O OP2   . A   B 1 16 ? 8.986   -12.039 -7.052  1.00 35.49 ? 1492 A   B OP2   1 
ATOM   746 O "O5'" . A   B 1 16 ? 9.728   -14.174 -6.037  1.00 36.21 ? 1492 A   B "O5'" 1 
ATOM   747 C "C5'" . A   B 1 16 ? 8.491   -14.769 -5.671  1.00 35.93 ? 1492 A   B "C5'" 1 
ATOM   748 C "C4'" . A   B 1 16 ? 8.404   -16.149 -6.260  1.00 35.70 ? 1492 A   B "C4'" 1 
ATOM   749 O "O4'" . A   B 1 16 ? 8.963   -17.111 -5.338  1.00 34.88 ? 1492 A   B "O4'" 1 
ATOM   750 C "C3'" . A   B 1 16 ? 7.003   -16.676 -6.505  1.00 34.19 ? 1492 A   B "C3'" 1 
ATOM   751 O "O3'" . A   B 1 16 ? 6.550   -16.159 -7.747  1.00 30.95 ? 1492 A   B "O3'" 1 
ATOM   752 C "C2'" . A   B 1 16 ? 7.246   -18.179 -6.598  1.00 33.85 ? 1492 A   B "C2'" 1 
ATOM   753 O "O2'" . A   B 1 16 ? 7.724   -18.576 -7.867  1.00 33.39 ? 1492 A   B "O2'" 1 
ATOM   754 C "C1'" . A   B 1 16 ? 8.361   -18.373 -5.570  1.00 34.47 ? 1492 A   B "C1'" 1 
ATOM   755 N N9    . A   B 1 16 ? 7.881   -18.903 -4.297  1.00 32.52 ? 1492 A   B N9    1 
ATOM   756 C C8    . A   B 1 16 ? 7.445   -18.232 -3.194  1.00 31.02 ? 1492 A   B C8    1 
ATOM   757 N N7    . A   B 1 16 ? 7.103   -19.014 -2.200  1.00 31.36 ? 1492 A   B N7    1 
ATOM   758 C C5    . A   B 1 16 ? 7.329   -20.288 -2.690  1.00 29.66 ? 1492 A   B C5    1 
ATOM   759 C C6    . A   B 1 16 ? 7.164   -21.553 -2.124  1.00 28.63 ? 1492 A   B C6    1 
ATOM   760 N N6    . A   B 1 16 ? 6.715   -21.754 -0.886  1.00 28.37 ? 1492 A   B N6    1 
ATOM   761 N N1    . A   B 1 16 ? 7.473   -22.623 -2.884  1.00 29.46 ? 1492 A   B N1    1 
ATOM   762 C C2    . A   B 1 16 ? 7.910   -22.417 -4.136  1.00 32.11 ? 1492 A   B C2    1 
ATOM   763 N N3    . A   B 1 16 ? 8.107   -21.269 -4.780  1.00 29.73 ? 1492 A   B N3    1 
ATOM   764 C C4    . A   B 1 16 ? 7.796   -20.234 -3.987  1.00 31.80 ? 1492 A   B C4    1 
ATOM   765 P P     . A   B 1 17 ? 5.036   -15.695 -7.905  1.00 31.60 ? 1493 A   B P     1 
ATOM   766 O OP1   . A   B 1 17 ? 5.016   -14.711 -9.028  1.00 34.47 ? 1493 A   B OP1   1 
ATOM   767 O OP2   . A   B 1 17 ? 4.500   -15.316 -6.584  1.00 28.95 ? 1493 A   B OP2   1 
ATOM   768 O "O5'" . A   B 1 17 ? 4.274   -17.014 -8.361  1.00 29.98 ? 1493 A   B "O5'" 1 
ATOM   769 C "C5'" . A   B 1 17 ? 4.544   -17.614 -9.619  1.00 30.57 ? 1493 A   B "C5'" 1 
ATOM   770 C "C4'" . A   B 1 17 ? 4.017   -19.016 -9.617  1.00 32.59 ? 1493 A   B "C4'" 1 
ATOM   771 O "O4'" . A   B 1 17 ? 4.746   -19.732 -8.593  1.00 31.50 ? 1493 A   B "O4'" 1 
ATOM   772 C "C3'" . A   B 1 17 ? 2.549   -19.132 -9.215  1.00 35.36 ? 1493 A   B "C3'" 1 
ATOM   773 O "O3'" . A   B 1 17 ? 1.704   -19.107 -10.370 1.00 43.16 ? 1493 A   B "O3'" 1 
ATOM   774 C "C2'" . A   B 1 17 ? 2.500   -20.517 -8.581  1.00 31.87 ? 1493 A   B "C2'" 1 
ATOM   775 O "O2'" . A   B 1 17 ? 2.407   -21.534 -9.543  1.00 34.41 ? 1493 A   B "O2'" 1 
ATOM   776 C "C1'" . A   B 1 17 ? 3.877   -20.616 -7.925  1.00 29.67 ? 1493 A   B "C1'" 1 
ATOM   777 N N9    . A   B 1 17 ? 3.888   -20.284 -6.508  1.00 27.44 ? 1493 A   B N9    1 
ATOM   778 C C8    . A   B 1 17 ? 3.658   -19.075 -5.906  1.00 26.58 ? 1493 A   B C8    1 
ATOM   779 N N7    . A   B 1 17 ? 3.674   -19.128 -4.594  1.00 27.67 ? 1493 A   B N7    1 
ATOM   780 C C5    . A   B 1 17 ? 3.951   -20.458 -4.319  1.00 27.70 ? 1493 A   B C5    1 
ATOM   781 C C6    . A   B 1 17 ? 4.088   -21.167 -3.122  1.00 28.89 ? 1493 A   B C6    1 
ATOM   782 N N6    . A   B 1 17 ? 3.918   -20.624 -1.917  1.00 25.91 ? 1493 A   B N6    1 
ATOM   783 N N1    . A   B 1 17 ? 4.398   -22.489 -3.203  1.00 30.26 ? 1493 A   B N1    1 
ATOM   784 C C2    . A   B 1 17 ? 4.530   -23.041 -4.408  1.00 24.86 ? 1493 A   B C2    1 
ATOM   785 N N3    . A   B 1 17 ? 4.402   -22.484 -5.604  1.00 27.30 ? 1493 A   B N3    1 
ATOM   786 C C4    . A   B 1 17 ? 4.108   -21.176 -5.490  1.00 28.22 ? 1493 A   B C4    1 
ATOM   787 P P     . G   B 1 18 ? 1.111   -17.705 -10.931 1.00 49.03 ? 1494 G   B P     1 
ATOM   788 O OP1   . G   B 1 18 ? 0.661   -17.987 -12.322 1.00 50.86 ? 1494 G   B OP1   1 
ATOM   789 O OP2   . G   B 1 18 ? 2.077   -16.602 -10.702 1.00 48.93 ? 1494 G   B OP2   1 
ATOM   790 O "O5'" . G   B 1 18 ? -0.194  -17.454 -10.058 1.00 41.87 ? 1494 G   B "O5'" 1 
ATOM   791 C "C5'" . G   B 1 18 ? -1.244  -18.408 -10.058 1.00 36.64 ? 1494 G   B "C5'" 1 
ATOM   792 C "C4'" . G   B 1 18 ? -2.578  -17.721 -10.018 1.00 32.50 ? 1494 G   B "C4'" 1 
ATOM   793 O "O4'" . G   B 1 18 ? -2.538  -16.710 -8.979  1.00 32.25 ? 1494 G   B "O4'" 1 
ATOM   794 C "C3'" . G   B 1 18 ? -2.986  -16.953 -11.264 1.00 33.28 ? 1494 G   B "C3'" 1 
ATOM   795 O "O3'" . G   B 1 18 ? -3.636  -17.811 -12.182 1.00 35.16 ? 1494 G   B "O3'" 1 
ATOM   796 C "C2'" . G   B 1 18 ? -3.977  -15.959 -10.693 1.00 30.97 ? 1494 G   B "C2'" 1 
ATOM   797 O "O2'" . G   B 1 18 ? -5.218  -16.576 -10.417 1.00 29.16 ? 1494 G   B "O2'" 1 
ATOM   798 C "C1'" . G   B 1 18 ? -3.269  -15.566 -9.393  1.00 30.24 ? 1494 G   B "C1'" 1 
ATOM   799 N N9    . G   B 1 18 ? -2.302  -14.495 -9.610  1.00 27.36 ? 1494 G   B N9    1 
ATOM   800 C C8    . G   B 1 18 ? -0.937  -14.589 -9.498  1.00 24.63 ? 1494 G   B C8    1 
ATOM   801 N N7    . G   B 1 18 ? -0.322  -13.481 -9.788  1.00 25.03 ? 1494 G   B N7    1 
ATOM   802 C C5    . G   B 1 18 ? -1.344  -12.595 -10.103 1.00 27.66 ? 1494 G   B C5    1 
ATOM   803 C C6    . G   B 1 18 ? -1.289  -11.247 -10.494 1.00 24.49 ? 1494 G   B C6    1 
ATOM   804 O O6    . G   B 1 18 ? -0.309  -10.548 -10.653 1.00 22.97 ? 1494 G   B O6    1 
ATOM   805 N N1    . G   B 1 18 ? -2.554  -10.721 -10.710 1.00 26.13 ? 1494 G   B N1    1 
ATOM   806 C C2    . G   B 1 18 ? -3.728  -11.412 -10.571 1.00 26.97 ? 1494 G   B C2    1 
ATOM   807 N N2    . G   B 1 18 ? -4.843  -10.726 -10.830 1.00 26.85 ? 1494 G   B N2    1 
ATOM   808 N N3    . G   B 1 18 ? -3.797  -12.679 -10.207 1.00 27.10 ? 1494 G   B N3    1 
ATOM   809 C C4    . G   B 1 18 ? -2.573  -13.204 -9.990  1.00 27.36 ? 1494 G   B C4    1 
ATOM   810 P P     . U   B 1 19 ? -3.495  -17.548 -13.757 1.00 35.73 ? 1495 U   B P     1 
ATOM   811 O OP1   . U   B 1 19 ? -3.956  -18.789 -14.424 1.00 40.36 ? 1495 U   B OP1   1 
ATOM   812 O OP2   . U   B 1 19 ? -2.167  -16.997 -14.076 1.00 37.32 ? 1495 U   B OP2   1 
ATOM   813 O "O5'" . U   B 1 19 ? -4.552  -16.403 -14.040 1.00 35.52 ? 1495 U   B "O5'" 1 
ATOM   814 C "C5'" . U   B 1 19 ? -5.845  -16.475 -13.495 1.00 32.41 ? 1495 U   B "C5'" 1 
ATOM   815 C "C4'" . U   B 1 19 ? -6.531  -15.151 -13.652 1.00 31.58 ? 1495 U   B "C4'" 1 
ATOM   816 O "O4'" . U   B 1 19 ? -5.894  -14.152 -12.819 1.00 28.06 ? 1495 U   B "O4'" 1 
ATOM   817 C "C3'" . U   B 1 19 ? -6.435  -14.576 -15.050 1.00 30.27 ? 1495 U   B "C3'" 1 
ATOM   818 O "O3'" . U   B 1 19 ? -7.408  -15.196 -15.858 1.00 29.52 ? 1495 U   B "O3'" 1 
ATOM   819 C "C2'" . U   B 1 19 ? -6.687  -13.096 -14.800 1.00 29.24 ? 1495 U   B "C2'" 1 
ATOM   820 O "O2'" . U   B 1 19 ? -8.046  -12.763 -14.597 1.00 31.34 ? 1495 U   B "O2'" 1 
ATOM   821 C "C1'" . U   B 1 19 ? -5.945  -12.897 -13.479 1.00 30.31 ? 1495 U   B "C1'" 1 
ATOM   822 N N1    . U   B 1 19 ? -4.575  -12.422 -13.684 1.00 29.21 ? 1495 U   B N1    1 
ATOM   823 C C2    . U   B 1 19 ? -4.411  -11.092 -13.965 1.00 28.51 ? 1495 U   B C2    1 
ATOM   824 O O2    . U   B 1 19 ? -5.350  -10.334 -14.086 1.00 30.09 ? 1495 U   B O2    1 
ATOM   825 N N3    . U   B 1 19 ? -3.112  -10.687 -14.116 1.00 26.06 ? 1495 U   B N3    1 
ATOM   826 C C4    . U   B 1 19 ? -1.992  -11.473 -14.030 1.00 25.57 ? 1495 U   B C4    1 
ATOM   827 O O4    . U   B 1 19 ? -0.896  -10.968 -14.188 1.00 25.05 ? 1495 U   B O4    1 
ATOM   828 C C5    . U   B 1 19 ? -2.245  -12.850 -13.758 1.00 28.57 ? 1495 U   B C5    1 
ATOM   829 C C6    . U   B 1 19 ? -3.499  -13.269 -13.597 1.00 28.26 ? 1495 U   B C6    1 
ATOM   830 P P     . C   B 1 20 ? -7.303  -15.079 -17.448 1.00 30.90 ? 1496 C   B P     1 
ATOM   831 O OP1   . C   B 1 20 ? -8.207  -16.110 -18.015 1.00 27.76 ? 1496 C   B OP1   1 
ATOM   832 O OP2   . C   B 1 20 ? -5.885  -15.025 -17.880 1.00 24.81 ? 1496 C   B OP2   1 
ATOM   833 O "O5'" . C   B 1 20 ? -7.950  -13.655 -17.698 1.00 31.10 ? 1496 C   B "O5'" 1 
ATOM   834 C "C5'" . C   B 1 20 ? -7.582  -12.926 -18.821 1.00 33.40 ? 1496 C   B "C5'" 1 
ATOM   835 C "C4'" . C   B 1 20 ? -8.088  -11.521 -18.717 1.00 35.46 ? 1496 C   B "C4'" 1 
ATOM   836 O "O4'" . C   B 1 20 ? -7.556  -10.852 -17.545 1.00 34.78 ? 1496 C   B "O4'" 1 
ATOM   837 C "C3'" . C   B 1 20 ? -7.554  -10.742 -19.891 1.00 35.52 ? 1496 C   B "C3'" 1 
ATOM   838 O "O3'" . C   B 1 20 ? -8.420  -10.968 -20.969 1.00 35.70 ? 1496 C   B "O3'" 1 
ATOM   839 C "C2'" . C   B 1 20 ? -7.448  -9.332  -19.345 1.00 35.60 ? 1496 C   B "C2'" 1 
ATOM   840 O "O2'" . C   B 1 20 ? -8.683  -8.652  -19.288 1.00 37.31 ? 1496 C   B "O2'" 1 
ATOM   841 C "C1'" . C   B 1 20 ? -6.940  -9.632  -17.934 1.00 34.05 ? 1496 C   B "C1'" 1 
ATOM   842 N N1    . C   B 1 20 ? -5.487  -9.854  -17.882 1.00 29.89 ? 1496 C   B N1    1 
ATOM   843 C C2    . C   B 1 20 ? -4.617  -8.781  -18.090 1.00 28.87 ? 1496 C   B C2    1 
ATOM   844 O O2    . C   B 1 20 ? -5.097  -7.672  -18.364 1.00 33.20 ? 1496 C   B O2    1 
ATOM   845 N N3    . C   B 1 20 ? -3.276  -8.983  -17.982 1.00 24.60 ? 1496 C   B N3    1 
ATOM   846 C C4    . C   B 1 20 ? -2.810  -10.203 -17.671 1.00 27.06 ? 1496 C   B C4    1 
ATOM   847 N N4    . C   B 1 20 ? -1.493  -10.367 -17.512 1.00 26.52 ? 1496 C   B N4    1 
ATOM   848 C C5    . C   B 1 20 ? -3.680  -11.316 -17.495 1.00 26.24 ? 1496 C   B C5    1 
ATOM   849 C C6    . C   B 1 20 ? -4.995  -11.100 -17.610 1.00 28.52 ? 1496 C   B C6    1 
ATOM   850 P P     . G   B 1 21 ? -7.827  -11.606 -22.290 1.00 37.82 ? 1497 G   B P     1 
ATOM   851 O OP1   . G   B 1 21 ? -8.959  -11.986 -23.163 1.00 40.69 ? 1497 G   B OP1   1 
ATOM   852 O OP2   . G   B 1 21 ? -6.815  -12.621 -21.916 1.00 39.44 ? 1497 G   B OP2   1 
ATOM   853 O "O5'" . G   B 1 21 ? -7.072  -10.366 -22.930 1.00 40.92 ? 1497 G   B "O5'" 1 
ATOM   854 C "C5'" . G   B 1 21 ? -7.732  -9.115  -23.024 1.00 40.70 ? 1497 G   B "C5'" 1 
ATOM   855 C "C4'" . G   B 1 21 ? -6.728  -8.003  -23.096 1.00 42.37 ? 1497 G   B "C4'" 1 
ATOM   856 O "O4'" . G   B 1 21 ? -5.943  -7.984  -21.877 1.00 42.07 ? 1497 G   B "O4'" 1 
ATOM   857 C "C3'" . G   B 1 21 ? -5.669  -8.131  -24.172 1.00 43.60 ? 1497 G   B "C3'" 1 
ATOM   858 O "O3'" . G   B 1 21 ? -6.172  -7.762  -25.450 1.00 46.06 ? 1497 G   B "O3'" 1 
ATOM   859 C "C2'" . G   B 1 21 ? -4.618  -7.162  -23.657 1.00 42.10 ? 1497 G   B "C2'" 1 
ATOM   860 O "O2'" . G   B 1 21 ? -5.003  -5.820  -23.827 1.00 43.22 ? 1497 G   B "O2'" 1 
ATOM   861 C "C1'" . G   B 1 21 ? -4.659  -7.459  -22.160 1.00 41.10 ? 1497 G   B "C1'" 1 
ATOM   862 N N9    . G   B 1 21 ? -3.651  -8.434  -21.762 1.00 37.85 ? 1497 G   B N9    1 
ATOM   863 C C8    . G   B 1 21 ? -3.846  -9.742  -21.393 1.00 36.45 ? 1497 G   B C8    1 
ATOM   864 N N7    . G   B 1 21 ? -2.736  -10.350 -21.073 1.00 35.29 ? 1497 G   B N7    1 
ATOM   865 C C5    . G   B 1 21 ? -1.756  -9.382  -21.245 1.00 34.76 ? 1497 G   B C5    1 
ATOM   866 C C6    . G   B 1 21 ? -0.364  -9.446  -21.046 1.00 33.84 ? 1497 G   B C6    1 
ATOM   867 O O6    . G   B 1 21 ? 0.309   -10.391 -20.654 1.00 35.67 ? 1497 G   B O6    1 
ATOM   868 N N1    . G   B 1 21 ? 0.252   -8.244  -21.354 1.00 34.94 ? 1497 G   B N1    1 
ATOM   869 C C2    . G   B 1 21 ? -0.394  -7.121  -21.803 1.00 33.68 ? 1497 G   B C2    1 
ATOM   870 N N2    . G   B 1 21 ? 0.376   -6.061  -22.079 1.00 33.96 ? 1497 G   B N2    1 
ATOM   871 N N3    . G   B 1 21 ? -1.692  -7.046  -21.976 1.00 32.90 ? 1497 G   B N3    1 
ATOM   872 C C4    . G   B 1 21 ? -2.305  -8.202  -21.682 1.00 34.84 ? 1497 G   B C4    1 
ATOM   873 P P     . C   B 1 22 ? -5.600  -8.488  -26.764 1.00 49.72 ? 1498 C   B P     1 
ATOM   874 O OP1   . C   B 1 22 ? -6.490  -8.080  -27.883 1.00 48.24 ? 1498 C   B OP1   1 
ATOM   875 O OP2   . C   B 1 22 ? -5.403  -9.934  -26.479 1.00 48.71 ? 1498 C   B OP2   1 
ATOM   876 O "O5'" . C   B 1 22 ? -4.168  -7.818  -26.959 1.00 47.44 ? 1498 C   B "O5'" 1 
ATOM   877 C "C5'" . C   B 1 22 ? -4.042  -6.401  -27.015 1.00 48.57 ? 1498 C   B "C5'" 1 
ATOM   878 C "C4'" . C   B 1 22 ? -2.586  -5.998  -27.006 1.00 49.57 ? 1498 C   B "C4'" 1 
ATOM   879 O "O4'" . C   B 1 22 ? -1.982  -6.280  -25.716 1.00 49.71 ? 1498 C   B "O4'" 1 
ATOM   880 C "C3'" . C   B 1 22 ? -1.677  -6.732  -27.974 1.00 50.01 ? 1498 C   B "C3'" 1 
ATOM   881 O "O3'" . C   B 1 22 ? -1.824  -6.353  -29.336 1.00 52.18 ? 1498 C   B "O3'" 1 
ATOM   882 C "C2'" . C   B 1 22 ? -0.309  -6.411  -27.395 1.00 50.97 ? 1498 C   B "C2'" 1 
ATOM   883 O "O2'" . C   B 1 22 ? 0.095   -5.084  -27.695 1.00 50.12 ? 1498 C   B "O2'" 1 
ATOM   884 C "C1'" . C   B 1 22 ? -0.594  -6.527  -25.894 1.00 49.10 ? 1498 C   B "C1'" 1 
ATOM   885 N N1    . C   B 1 22 ? -0.275  -7.858  -25.347 1.00 47.67 ? 1498 C   B N1    1 
ATOM   886 C C2    . C   B 1 22 ? 1.061   -8.161  -25.042 1.00 46.93 ? 1498 C   B C2    1 
ATOM   887 O O2    . C   B 1 22 ? 1.939   -7.304  -25.256 1.00 46.19 ? 1498 C   B O2    1 
ATOM   888 N N3    . C   B 1 22 ? 1.363   -9.376  -24.521 1.00 46.53 ? 1498 C   B N3    1 
ATOM   889 C C4    . C   B 1 22 ? 0.390   -10.265 -24.298 1.00 45.53 ? 1498 C   B C4    1 
ATOM   890 N N4    . C   B 1 22 ? 0.726   -11.435 -23.751 1.00 43.80 ? 1498 C   B N4    1 
ATOM   891 C C5    . C   B 1 22 ? -0.972  -9.987  -24.615 1.00 45.64 ? 1498 C   B C5    1 
ATOM   892 C C6    . C   B 1 22 ? -1.257  -8.784  -25.133 1.00 46.11 ? 1498 C   B C6    1 
HETATM 893 C C5    . BDG C 2 .  ? 2.992   -11.983 -6.990  1.00 27.22 ? 2499 BDG B C5    1 
HETATM 894 O O5    . BDG C 2 .  ? 2.567   -10.821 -7.717  1.00 23.69 ? 2499 BDG B O5    1 
HETATM 895 C C1    . BDG C 2 .  ? 3.487   -10.335 -8.751  1.00 23.85 ? 2499 BDG B C1    1 
HETATM 896 O O1    . BDG C 2 .  ? 3.708   -11.357 -9.770  1.00 25.70 ? 2499 BDG B O1    1 
HETATM 897 C C2    . BDG C 2 .  ? 4.895   -10.023 -8.122  1.00 24.45 ? 2499 BDG B C2    1 
HETATM 898 N N2    . BDG C 2 .  ? 5.863   -9.553  -9.129  1.00 22.79 ? 2499 BDG B N2    1 
HETATM 899 C C3    . BDG C 2 .  ? 5.430   -11.314 -7.393  1.00 26.58 ? 2499 BDG B C3    1 
HETATM 900 O O3    . BDG C 2 .  ? 6.711   -11.055 -6.810  1.00 26.50 ? 2499 BDG B O3    1 
HETATM 901 C C4    . BDG C 2 .  ? 4.371   -11.744 -6.326  1.00 28.17 ? 2499 BDG B C4    1 
HETATM 902 O O4    . BDG C 2 .  ? 4.751   -12.929 -5.608  1.00 29.13 ? 2499 BDG B O4    1 
HETATM 903 C C6    . BDG C 2 .  ? 1.939   -12.344 -5.974  1.00 29.00 ? 2499 BDG B C6    1 
HETATM 904 N N6    . BDG C 2 .  ? 0.729   -12.543 -6.594  1.00 29.63 ? 2499 BDG B N6    1 
HETATM 905 C C1    . PA2 D 3 .  ? 2.267   -12.261 -13.761 1.00 29.51 ? 2500 PA2 B C1    1 
HETATM 906 N N1    . PA2 D 3 .  ? 1.330   -12.426 -14.907 1.00 29.49 ? 2500 PA2 B N1    1 
HETATM 907 C C2    . PA2 D 3 .  ? 2.236   -10.808 -13.306 1.00 30.68 ? 2500 PA2 B C2    1 
HETATM 908 O O2    . PA2 D 3 .  ? 2.577   -10.009 -14.399 1.00 35.52 ? 2500 PA2 B O2    1 
HETATM 909 C C3    . PA2 D 3 .  ? 3.219   -10.583 -12.115 1.00 29.87 ? 2500 PA2 B C3    1 
HETATM 910 O O3    . PA2 D 3 .  ? 3.164   -9.191  -11.674 1.00 30.36 ? 2500 PA2 B O3    1 
HETATM 911 C C4    . PA2 D 3 .  ? 2.808   -11.516 -10.904 1.00 27.48 ? 2500 PA2 B C4    1 
HETATM 912 C C5    . PA2 D 3 .  ? 2.854   -12.972 -11.341 1.00 27.04 ? 2500 PA2 B C5    1 
HETATM 913 N N5    . PA2 D 3 .  ? 2.488   -13.812 -10.210 1.00 26.83 ? 2500 PA2 B N5    1 
HETATM 914 C C6    . PA2 D 3 .  ? 1.891   -13.192 -12.538 1.00 28.14 ? 2500 PA2 B C6    1 
HETATM 915 C C2    . P24 E 4 .  ? 2.619   -9.543  -15.766 1.00 40.58 ? 2501 P24 B C2    1 
HETATM 916 C C3    . P24 E 4 .  ? 3.137   -8.123  -15.792 1.00 44.07 ? 2501 P24 B C3    1 
HETATM 917 N N4    . P24 E 4 .  ? 4.533   -7.997  -16.259 1.00 47.03 ? 2501 P24 B N4    1 
HETATM 918 C C5    . P24 E 4 .  ? 5.971   -7.653  -16.324 1.00 49.40 ? 2501 P24 B C5    1 
HETATM 919 C C6    . P24 E 4 .  ? 5.811   -6.127  -16.323 1.00 51.98 ? 2501 P24 B C6    1 
HETATM 920 C C7    . P24 E 4 .  ? 5.466   -5.575  -14.927 1.00 52.99 ? 2501 P24 B C7    1 
HETATM 921 C C8    . P24 E 4 .  ? 5.977   -4.148  -14.760 1.00 55.45 ? 2501 P24 B C8    1 
HETATM 922 N N9    . P24 E 4 .  ? 5.629   -3.644  -13.439 1.00 55.73 ? 2501 P24 B N9    1 
HETATM 923 N N1    . 42B F 5 .  ? 0.360   -13.738 -20.764 1.00 34.38 ? 2502 42B B N1    1 
HETATM 924 C C3    . 42B F 5 .  ? 2.134   -13.176 -16.300 1.00 30.44 ? 2502 42B B C3    1 
HETATM 925 O O3    . 42B F 5 .  ? 3.128   -13.544 -16.499 1.00 34.38 ? 2502 42B B O3    1 
HETATM 926 C C4    . 42B F 5 .  ? 0.811   -13.025 -17.010 1.00 29.43 ? 2502 42B B C4    1 
HETATM 927 O O4    . 42B F 5 .  ? -0.161  -13.792 -16.419 1.00 28.91 ? 2502 42B B O4    1 
HETATM 928 C C5    . 42B F 5 .  ? 1.002   -13.569 -18.421 1.00 31.61 ? 2502 42B B C5    1 
HETATM 929 C C6    . 42B F 5 .  ? -0.020  -13.124 -19.483 1.00 33.99 ? 2502 42B B C6    1 
HETATM 930 O O     . HOH G 6 .  ? 9.957   -14.145 -19.410 1.00 54.12 ? 2001 HOH A O     1 
HETATM 931 O O     . HOH G 6 .  ? 3.197   -13.292 -20.940 1.00 45.24 ? 2002 HOH A O     1 
HETATM 932 O O     . HOH G 6 .  ? 3.597   -4.060  -26.403 1.00 55.01 ? 2003 HOH A O     1 
HETATM 933 O O     . HOH G 6 .  ? 7.769   0.543   -20.217 1.00 44.65 ? 2004 HOH A O     1 
HETATM 934 O O     . HOH G 6 .  ? 2.409   -5.875  -11.735 1.00 17.55 ? 2005 HOH A O     1 
HETATM 935 O O     . HOH G 6 .  ? -8.719  -1.702  -10.943 1.00 52.77 ? 2006 HOH A O     1 
HETATM 936 O O     . HOH G 6 .  ? 1.291   -6.231  -8.643  1.00 30.02 ? 2007 HOH A O     1 
HETATM 937 O O     . HOH G 6 .  ? -1.769  -13.204 -0.403  1.00 54.94 ? 2008 HOH A O     1 
HETATM 938 O O     . HOH G 6 .  ? -6.046  -11.973 0.960   1.00 53.46 ? 2009 HOH A O     1 
HETATM 939 O O     . HOH G 6 .  ? -1.037  -3.698  -4.340  1.00 31.95 ? 2010 HOH A O     1 
HETATM 940 O O     . HOH G 6 .  ? -8.644  -2.969  -0.706  1.00 58.07 ? 2011 HOH A O     1 
HETATM 941 O O     . HOH G 6 .  ? 3.874   -10.319 0.995   1.00 44.98 ? 2012 HOH A O     1 
HETATM 942 O O     . HOH G 6 .  ? -5.553  -3.705  3.337   1.00 44.14 ? 2013 HOH A O     1 
HETATM 943 O O     . HOH G 6 .  ? -1.664  -1.528  -2.323  1.00 59.59 ? 2014 HOH A O     1 
HETATM 944 O O     . HOH G 6 .  ? 0.270   -0.385  2.022   1.00 58.63 ? 2015 HOH A O     1 
HETATM 945 O O     . HOH G 6 .  ? -0.296  -3.311  7.717   1.00 47.85 ? 2016 HOH A O     1 
HETATM 946 O O     . HOH G 6 .  ? 3.951   -2.566  11.764  1.00 54.88 ? 2017 HOH A O     1 
HETATM 947 O O     . HOH G 6 .  ? 12.010  3.659   8.005   1.00 58.28 ? 2018 HOH A O     1 
HETATM 948 O O     . HOH G 6 .  ? 9.412   8.596   -1.128  1.00 38.42 ? 2019 HOH A O     1 
HETATM 949 O O     . HOH G 6 .  ? 2.520   4.532   4.849   1.00 51.26 ? 2020 HOH A O     1 
HETATM 950 O O     . HOH G 6 .  ? 1.697   6.466   7.934   1.00 51.30 ? 2021 HOH A O     1 
HETATM 951 O O     . HOH G 6 .  ? 6.179   8.086   7.455   1.00 56.41 ? 2022 HOH A O     1 
HETATM 952 O O     . HOH G 6 .  ? 0.409   12.754  0.628   1.00 58.63 ? 2023 HOH A O     1 
HETATM 953 O O     . HOH G 6 .  ? 2.537   9.712   8.886   1.00 54.64 ? 2024 HOH A O     1 
HETATM 954 O O     . HOH G 6 .  ? 7.899   18.094  7.405   1.00 49.73 ? 2025 HOH A O     1 
HETATM 955 O O     . HOH G 6 .  ? -5.173  23.100  10.931  1.00 59.69 ? 2026 HOH A O     1 
HETATM 956 O O     . HOH G 6 .  ? -15.508 14.276  9.602   1.00 59.37 ? 2027 HOH A O     1 
HETATM 957 O O     . HOH G 6 .  ? -8.166  17.911  14.174  1.00 53.40 ? 2028 HOH A O     1 
HETATM 958 O O     . HOH G 6 .  ? -13.904 10.877  11.128  1.00 47.21 ? 2029 HOH A O     1 
HETATM 959 O O     . HOH G 6 .  ? -16.155 7.174   19.773  1.00 49.74 ? 2030 HOH A O     1 
HETATM 960 O O     . HOH H 6 .  ? 1.397   -0.893  -8.515  1.00 47.61 ? 2001 HOH B O     1 
HETATM 961 O O     . HOH H 6 .  ? 10.698  -12.446 -10.975 1.00 45.41 ? 2002 HOH B O     1 
HETATM 962 O O     . HOH H 6 .  ? -0.717  20.925  20.633  1.00 52.84 ? 2003 HOH B O     1 
HETATM 963 O O     . HOH H 6 .  ? -4.125  13.636  18.665  1.00 57.86 ? 2004 HOH B O     1 
HETATM 964 O O     . HOH H 6 .  ? -4.261  2.358   17.468  1.00 50.60 ? 2005 HOH B O     1 
HETATM 965 O O     . HOH H 6 .  ? -3.758  10.706  15.243  1.00 44.29 ? 2006 HOH B O     1 
HETATM 966 O O     . HOH H 6 .  ? -5.390  -3.648  14.065  1.00 48.15 ? 2007 HOH B O     1 
HETATM 967 O O     . HOH H 6 .  ? -4.087  0.545   0.179   1.00 48.67 ? 2008 HOH B O     1 
HETATM 968 O O     . HOH H 6 .  ? -1.301  3.612   -2.361  1.00 39.07 ? 2009 HOH B O     1 
HETATM 969 O O     . HOH H 6 .  ? 6.328   9.707   -3.331  1.00 37.74 ? 2010 HOH B O     1 
HETATM 970 O O     . HOH H 6 .  ? 11.567  4.720   -4.927  1.00 57.76 ? 2011 HOH B O     1 
HETATM 971 O O     . HOH H 6 .  ? 9.877   3.641   -0.861  1.00 45.76 ? 2012 HOH B O     1 
HETATM 972 O O     . HOH H 6 .  ? 0.910   0.758   -3.285  1.00 45.22 ? 2013 HOH B O     1 
HETATM 973 O O     . HOH H 6 .  ? 8.751   5.985   -11.615 1.00 59.28 ? 2014 HOH B O     1 
HETATM 974 O O     . HOH H 6 .  ? 1.542   -2.625  -5.751  1.00 49.44 ? 2015 HOH B O     1 
HETATM 975 O O     . HOH H 6 .  ? 2.317   0.733   -6.104  1.00 45.44 ? 2016 HOH B O     1 
HETATM 976 O O     . HOH H 6 .  ? 5.995   -1.799  -7.915  1.00 36.43 ? 2017 HOH B O     1 
HETATM 977 O O     . HOH H 6 .  ? 14.477  -8.639  -4.088  1.00 45.20 ? 2018 HOH B O     1 
HETATM 978 O O     . HOH H 6 .  ? 3.164   -4.724  -7.052  1.00 25.43 ? 2019 HOH B O     1 
HETATM 979 O O     . HOH H 6 .  ? 3.111   -12.368 -1.277  1.00 50.68 ? 2020 HOH B O     1 
HETATM 980 O O     . HOH H 6 .  ? 9.545   -10.500 -8.934  1.00 42.73 ? 2021 HOH B O     1 
HETATM 981 O O     . HOH H 6 .  ? 6.129   -23.983 0.457   1.00 45.05 ? 2022 HOH B O     1 
HETATM 982 O O     . HOH H 6 .  ? 12.587  -10.742 -7.658  1.00 39.58 ? 2023 HOH B O     1 
HETATM 983 O O     . HOH H 6 .  ? 4.843   -18.376 -0.749  1.00 44.75 ? 2024 HOH B O     1 
HETATM 984 O O     . HOH H 6 .  ? -7.903  -11.962 -9.941  1.00 41.23 ? 2025 HOH B O     1 
HETATM 985 O O     . HOH H 6 .  ? -2.139  -15.502 -16.189 1.00 39.11 ? 2026 HOH B O     1 
HETATM 986 O O     . HOH H 6 .  ? -9.748  -10.887 -14.212 1.00 38.22 ? 2027 HOH B O     1 
HETATM 987 O O     . HOH H 6 .  ? -10.815 -9.012  -21.051 1.00 40.69 ? 2028 HOH B O     1 
HETATM 988 O O     . HOH H 6 .  ? -0.957  -13.479 -4.316  1.00 56.10 ? 2029 HOH B O     1 
HETATM 989 O O     . HOH H 6 .  ? 1.561   -15.105 -7.465  1.00 36.32 ? 2030 HOH B O     1 
HETATM 990 O O     . HOH H 6 .  ? 5.907   -8.257  -12.333 1.00 59.66 ? 2031 HOH B O     1 
HETATM 991 O O     . HOH H 6 .  ? 3.426   -16.597 -17.947 1.00 46.68 ? 2032 HOH B O     1 
HETATM 992 O O     . HOH H 6 .  ? -1.016  -14.145 -23.280 1.00 34.49 ? 2033 HOH B O     1 
# 
loop_
_pdbx_poly_seq_scheme.asym_id 
_pdbx_poly_seq_scheme.entity_id 
_pdbx_poly_seq_scheme.seq_id 
_pdbx_poly_seq_scheme.mon_id 
_pdbx_poly_seq_scheme.ndb_seq_num 
_pdbx_poly_seq_scheme.pdb_seq_num 
_pdbx_poly_seq_scheme.auth_seq_num 
_pdbx_poly_seq_scheme.pdb_mon_id 
_pdbx_poly_seq_scheme.auth_mon_id 
_pdbx_poly_seq_scheme.pdb_strand_id 
_pdbx_poly_seq_scheme.pdb_ins_code 
_pdbx_poly_seq_scheme.hetero 
A 1 1  C 1  1402 ?    ? ? A . n 
A 1 2  G 2  1403 1403 G G A . n 
A 1 3  C 3  1404 1404 C C A . n 
A 1 4  G 4  1405 1405 G G A . n 
A 1 5  U 5  1406 1406 U U A . n 
A 1 6  C 6  1407 1407 C C A . n 
A 1 7  A 7  1408 1408 A A A . n 
A 1 8  C 8  1409 1409 C C A . n 
A 1 9  A 9  1410 1410 A A A . n 
A 1 10 C 10 1411 1411 C C A . n 
A 1 11 C 11 1412 1412 C C A . n 
A 1 12 G 12 1488 1488 G G A . n 
A 1 13 G 13 1489 1489 G G A . n 
A 1 14 U 14 1490 1490 U U A . n 
A 1 15 G 15 1491 1491 G G A . n 
A 1 16 A 16 1492 1492 A A A . n 
A 1 17 A 17 1493 1493 A A A . n 
A 1 18 G 18 1494 1494 G G A . n 
A 1 19 U 19 1495 1495 U U A . n 
A 1 20 C 20 1496 1496 C C A . n 
A 1 21 G 21 1497 1497 G G A . n 
A 1 22 C 22 1498 1498 C C A . n 
B 1 1  C 1  1402 ?    ? ? B . n 
B 1 2  G 2  1403 1403 G G B . n 
B 1 3  C 3  1404 1404 C C B . n 
B 1 4  G 4  1405 1405 G G B . n 
B 1 5  U 5  1406 1406 U U B . n 
B 1 6  C 6  1407 1407 C C B . n 
B 1 7  A 7  1408 1408 A A B . n 
B 1 8  C 8  1409 1409 C C B . n 
B 1 9  A 9  1410 1410 A A B . n 
B 1 10 C 10 1411 1411 C C B . n 
B 1 11 C 11 1412 1412 C C B . n 
B 1 12 G 12 1488 1488 G G B . n 
B 1 13 G 13 1489 1489 G G B . n 
B 1 14 U 14 1490 1490 U U B . n 
B 1 15 G 15 1491 1491 G G B . n 
B 1 16 A 16 1492 1492 A A B . n 
B 1 17 A 17 1493 1493 A A B . n 
B 1 18 G 18 1494 1494 G G B . n 
B 1 19 U 19 1495 1495 U U B . n 
B 1 20 C 20 1496 1496 C C B . n 
B 1 21 G 21 1497 1497 G G B . n 
B 1 22 C 22 1498 1498 C C B . n 
# 
loop_
_pdbx_nonpoly_scheme.asym_id 
_pdbx_nonpoly_scheme.entity_id 
_pdbx_nonpoly_scheme.mon_id 
_pdbx_nonpoly_scheme.ndb_seq_num 
_pdbx_nonpoly_scheme.pdb_seq_num 
_pdbx_nonpoly_scheme.auth_seq_num 
_pdbx_nonpoly_scheme.pdb_mon_id 
_pdbx_nonpoly_scheme.auth_mon_id 
_pdbx_nonpoly_scheme.pdb_strand_id 
_pdbx_nonpoly_scheme.pdb_ins_code 
C 2 BDG 1  2499 2499 BDG BDG B . 
D 3 PA2 1  2500 2500 PA2 PA2 B . 
E 4 P24 1  2501 2501 P24 P24 B . 
F 5 42B 1  2502 2502 42B 42B B . 
G 6 HOH 1  2001 2001 HOH HOH A . 
G 6 HOH 2  2002 2002 HOH HOH A . 
G 6 HOH 3  2003 2003 HOH HOH A . 
G 6 HOH 4  2004 2004 HOH HOH A . 
G 6 HOH 5  2005 2005 HOH HOH A . 
G 6 HOH 6  2006 2006 HOH HOH A . 
G 6 HOH 7  2007 2007 HOH HOH A . 
G 6 HOH 8  2008 2008 HOH HOH A . 
G 6 HOH 9  2009 2009 HOH HOH A . 
G 6 HOH 10 2010 2010 HOH HOH A . 
G 6 HOH 11 2011 2011 HOH HOH A . 
G 6 HOH 12 2012 2012 HOH HOH A . 
G 6 HOH 13 2013 2013 HOH HOH A . 
G 6 HOH 14 2014 2014 HOH HOH A . 
G 6 HOH 15 2015 2015 HOH HOH A . 
G 6 HOH 16 2016 2016 HOH HOH A . 
G 6 HOH 17 2017 2017 HOH HOH A . 
G 6 HOH 18 2018 2018 HOH HOH A . 
G 6 HOH 19 2019 2019 HOH HOH A . 
G 6 HOH 20 2020 2020 HOH HOH A . 
G 6 HOH 21 2021 2021 HOH HOH A . 
G 6 HOH 22 2022 2022 HOH HOH A . 
G 6 HOH 23 2023 2023 HOH HOH A . 
G 6 HOH 24 2024 2024 HOH HOH A . 
G 6 HOH 25 2025 2025 HOH HOH A . 
G 6 HOH 26 2026 2026 HOH HOH A . 
G 6 HOH 27 2027 2027 HOH HOH A . 
G 6 HOH 28 2028 2028 HOH HOH A . 
G 6 HOH 29 2029 2029 HOH HOH A . 
G 6 HOH 30 2030 2030 HOH HOH A . 
H 6 HOH 1  2001 2001 HOH HOH B . 
H 6 HOH 2  2002 2002 HOH HOH B . 
H 6 HOH 3  2003 2003 HOH HOH B . 
H 6 HOH 4  2004 2004 HOH HOH B . 
H 6 HOH 5  2005 2005 HOH HOH B . 
H 6 HOH 6  2006 2006 HOH HOH B . 
H 6 HOH 7  2007 2007 HOH HOH B . 
H 6 HOH 8  2008 2008 HOH HOH B . 
H 6 HOH 9  2009 2009 HOH HOH B . 
H 6 HOH 10 2010 2010 HOH HOH B . 
H 6 HOH 11 2011 2011 HOH HOH B . 
H 6 HOH 12 2012 2012 HOH HOH B . 
H 6 HOH 13 2013 2013 HOH HOH B . 
H 6 HOH 14 2014 2014 HOH HOH B . 
H 6 HOH 15 2015 2015 HOH HOH B . 
H 6 HOH 16 2016 2016 HOH HOH B . 
H 6 HOH 17 2017 2017 HOH HOH B . 
H 6 HOH 18 2018 2018 HOH HOH B . 
H 6 HOH 19 2019 2019 HOH HOH B . 
H 6 HOH 20 2020 2020 HOH HOH B . 
H 6 HOH 21 2021 2021 HOH HOH B . 
H 6 HOH 22 2022 2022 HOH HOH B . 
H 6 HOH 23 2023 2023 HOH HOH B . 
H 6 HOH 24 2024 2024 HOH HOH B . 
H 6 HOH 25 2025 2025 HOH HOH B . 
H 6 HOH 26 2026 2026 HOH HOH B . 
H 6 HOH 27 2027 2027 HOH HOH B . 
H 6 HOH 28 2028 2028 HOH HOH B . 
H 6 HOH 29 2029 2029 HOH HOH B . 
H 6 HOH 30 2030 2030 HOH HOH B . 
H 6 HOH 31 2031 2031 HOH HOH B . 
H 6 HOH 32 2032 2032 HOH HOH B . 
H 6 HOH 33 2033 2033 HOH HOH B . 
# 
_pdbx_struct_assembly.id                   1 
_pdbx_struct_assembly.details              author_and_software_defined_assembly 
_pdbx_struct_assembly.method_details       PQS 
_pdbx_struct_assembly.oligomeric_details   dimeric 
_pdbx_struct_assembly.oligomeric_count     2 
# 
_pdbx_struct_assembly_gen.assembly_id       1 
_pdbx_struct_assembly_gen.oper_expression   1 
_pdbx_struct_assembly_gen.asym_id_list      A,B,C,D,E,F,G,H 
# 
_pdbx_struct_oper_list.id                   1 
_pdbx_struct_oper_list.type                 'identity operation' 
_pdbx_struct_oper_list.name                 1_555 
_pdbx_struct_oper_list.symmetry_operation   x,y,z 
_pdbx_struct_oper_list.matrix[1][1]         1.0000000000 
_pdbx_struct_oper_list.matrix[1][2]         0.0000000000 
_pdbx_struct_oper_list.matrix[1][3]         0.0000000000 
_pdbx_struct_oper_list.vector[1]            0.0000000000 
_pdbx_struct_oper_list.matrix[2][1]         0.0000000000 
_pdbx_struct_oper_list.matrix[2][2]         1.0000000000 
_pdbx_struct_oper_list.matrix[2][3]         0.0000000000 
_pdbx_struct_oper_list.vector[2]            0.0000000000 
_pdbx_struct_oper_list.matrix[3][1]         0.0000000000 
_pdbx_struct_oper_list.matrix[3][2]         0.0000000000 
_pdbx_struct_oper_list.matrix[3][3]         1.0000000000 
_pdbx_struct_oper_list.vector[3]            0.0000000000 
# 
loop_
_pdbx_audit_revision_history.ordinal 
_pdbx_audit_revision_history.data_content_type 
_pdbx_audit_revision_history.major_revision 
_pdbx_audit_revision_history.minor_revision 
_pdbx_audit_revision_history.revision_date 
1 'Structure model' 1 0 2003-03-27 
2 'Structure model' 1 1 2011-05-08 
3 'Structure model' 1 2 2011-07-13 
4 'Structure model' 1 3 2020-07-29 
5 'Structure model' 1 4 2023-12-13 
# 
loop_
_pdbx_audit_revision_details.ordinal 
_pdbx_audit_revision_details.revision_ordinal 
_pdbx_audit_revision_details.data_content_type 
_pdbx_audit_revision_details.provider 
_pdbx_audit_revision_details.type 
_pdbx_audit_revision_details.description 
_pdbx_audit_revision_details.details 
1 1 'Structure model' repository 'Initial release' ?                          ? 
2 4 'Structure model' repository Remediation       'Carbohydrate remediation' ? 
# 
loop_
_pdbx_audit_revision_group.ordinal 
_pdbx_audit_revision_group.revision_ordinal 
_pdbx_audit_revision_group.data_content_type 
_pdbx_audit_revision_group.group 
1 2 'Structure model' 'Version format compliance' 
2 3 'Structure model' 'Version format compliance' 
3 4 'Structure model' 'Data collection'           
4 4 'Structure model' 'Derived calculations'      
5 4 'Structure model' 'Structure summary'         
6 5 'Structure model' 'Data collection'           
7 5 'Structure model' 'Database references'       
8 5 'Structure model' 'Refinement description'    
9 5 'Structure model' 'Structure summary'         
# 
loop_
_pdbx_audit_revision_category.ordinal 
_pdbx_audit_revision_category.revision_ordinal 
_pdbx_audit_revision_category.data_content_type 
_pdbx_audit_revision_category.category 
1  4 'Structure model' chem_comp                     
2  4 'Structure model' entity                        
3  4 'Structure model' pdbx_chem_comp_identifier     
4  4 'Structure model' pdbx_entity_nonpoly           
5  4 'Structure model' struct_conn                   
6  4 'Structure model' struct_site                   
7  4 'Structure model' struct_site_gen               
8  5 'Structure model' chem_comp                     
9  5 'Structure model' chem_comp_atom                
10 5 'Structure model' chem_comp_bond                
11 5 'Structure model' database_2                    
12 5 'Structure model' pdbx_initial_refinement_model 
# 
loop_
_pdbx_audit_revision_item.ordinal 
_pdbx_audit_revision_item.revision_ordinal 
_pdbx_audit_revision_item.data_content_type 
_pdbx_audit_revision_item.item 
1  4 'Structure model' '_chem_comp.name'                     
2  4 'Structure model' '_chem_comp.type'                     
3  4 'Structure model' '_entity.pdbx_description'            
4  4 'Structure model' '_pdbx_entity_nonpoly.name'           
5  4 'Structure model' '_struct_conn.pdbx_dist_value'        
6  4 'Structure model' '_struct_conn.pdbx_leaving_atom_flag' 
7  4 'Structure model' '_struct_conn.ptnr1_label_atom_id'    
8  4 'Structure model' '_struct_conn.ptnr2_auth_comp_id'     
9  4 'Structure model' '_struct_conn.ptnr2_auth_seq_id'      
10 4 'Structure model' '_struct_conn.ptnr2_label_asym_id'    
11 4 'Structure model' '_struct_conn.ptnr2_label_atom_id'    
12 4 'Structure model' '_struct_conn.ptnr2_label_comp_id'    
13 5 'Structure model' '_chem_comp.pdbx_synonyms'            
14 5 'Structure model' '_database_2.pdbx_DOI'                
15 5 'Structure model' '_database_2.pdbx_database_accession' 
# 
loop_
_software.name 
_software.classification 
_software.version 
_software.citation_id 
_software.pdbx_ordinal 
CNS       refinement       . ? 1 
DENZO     'data reduction' . ? 2 
SCALEPACK 'data scaling'   . ? 3 
MOLREP    phasing          . ? 4 
# 
loop_
_pdbx_unobs_or_zero_occ_atoms.id 
_pdbx_unobs_or_zero_occ_atoms.PDB_model_num 
_pdbx_unobs_or_zero_occ_atoms.polymer_flag 
_pdbx_unobs_or_zero_occ_atoms.occupancy_flag 
_pdbx_unobs_or_zero_occ_atoms.auth_asym_id 
_pdbx_unobs_or_zero_occ_atoms.auth_comp_id 
_pdbx_unobs_or_zero_occ_atoms.auth_seq_id 
_pdbx_unobs_or_zero_occ_atoms.PDB_ins_code 
_pdbx_unobs_or_zero_occ_atoms.auth_atom_id 
_pdbx_unobs_or_zero_occ_atoms.label_alt_id 
_pdbx_unobs_or_zero_occ_atoms.label_asym_id 
_pdbx_unobs_or_zero_occ_atoms.label_comp_id 
_pdbx_unobs_or_zero_occ_atoms.label_seq_id 
_pdbx_unobs_or_zero_occ_atoms.label_atom_id 
1 1 Y 1 A G 1403 ? P   ? A G 2 P   
2 1 Y 1 A G 1403 ? OP1 ? A G 2 OP1 
3 1 Y 1 A G 1403 ? OP2 ? A G 2 OP2 
4 1 Y 1 B G 1403 ? P   ? B G 2 P   
5 1 Y 1 B G 1403 ? OP1 ? B G 2 OP1 
6 1 Y 1 B G 1403 ? OP2 ? B G 2 OP2 
# 
loop_
_pdbx_unobs_or_zero_occ_residues.id 
_pdbx_unobs_or_zero_occ_residues.PDB_model_num 
_pdbx_unobs_or_zero_occ_residues.polymer_flag 
_pdbx_unobs_or_zero_occ_residues.occupancy_flag 
_pdbx_unobs_or_zero_occ_residues.auth_asym_id 
_pdbx_unobs_or_zero_occ_residues.auth_comp_id 
_pdbx_unobs_or_zero_occ_residues.auth_seq_id 
_pdbx_unobs_or_zero_occ_residues.PDB_ins_code 
_pdbx_unobs_or_zero_occ_residues.label_asym_id 
_pdbx_unobs_or_zero_occ_residues.label_comp_id 
_pdbx_unobs_or_zero_occ_residues.label_seq_id 
1 1 Y 1 A C 1402 ? A C 1 
2 1 Y 1 B C 1402 ? B C 1 
# 
loop_
_chem_comp_atom.comp_id 
_chem_comp_atom.atom_id 
_chem_comp_atom.type_symbol 
_chem_comp_atom.pdbx_aromatic_flag 
_chem_comp_atom.pdbx_stereo_config 
_chem_comp_atom.pdbx_ordinal 
42B N1     N N N 1   
42B C3     C N N 2   
42B O3     O N N 3   
42B C4     C N R 4   
42B O4     O N N 5   
42B C5     C N N 6   
42B C6     C N N 7   
42B O31    O N N 8   
42B H1N1   H N N 9   
42B H1N2   H N N 10  
42B H4     H N N 11  
42B HA     H N N 12  
42B H5C1   H N N 13  
42B H5C2   H N N 14  
42B H6C1   H N N 15  
42B H6C2   H N N 16  
42B "HO'"  H N N 17  
A   OP3    O N N 18  
A   P      P N N 19  
A   OP1    O N N 20  
A   OP2    O N N 21  
A   "O5'"  O N N 22  
A   "C5'"  C N N 23  
A   "C4'"  C N R 24  
A   "O4'"  O N N 25  
A   "C3'"  C N S 26  
A   "O3'"  O N N 27  
A   "C2'"  C N R 28  
A   "O2'"  O N N 29  
A   "C1'"  C N R 30  
A   N9     N Y N 31  
A   C8     C Y N 32  
A   N7     N Y N 33  
A   C5     C Y N 34  
A   C6     C Y N 35  
A   N6     N N N 36  
A   N1     N Y N 37  
A   C2     C Y N 38  
A   N3     N Y N 39  
A   C4     C Y N 40  
A   HOP3   H N N 41  
A   HOP2   H N N 42  
A   "H5'"  H N N 43  
A   "H5''" H N N 44  
A   "H4'"  H N N 45  
A   "H3'"  H N N 46  
A   "HO3'" H N N 47  
A   "H2'"  H N N 48  
A   "HO2'" H N N 49  
A   "H1'"  H N N 50  
A   H8     H N N 51  
A   H61    H N N 52  
A   H62    H N N 53  
A   H2     H N N 54  
BDG C5     C N R 55  
BDG O5     O N N 56  
BDG C1     C N S 57  
BDG O1     O N N 58  
BDG C2     C N R 59  
BDG N2     N N N 60  
BDG C3     C N R 61  
BDG O3     O N N 62  
BDG C4     C N S 63  
BDG O4     O N N 64  
BDG C6     C N N 65  
BDG N6     N N N 66  
BDG H5     H N N 67  
BDG H1     H N N 68  
BDG HO1    H N N 69  
BDG H2     H N N 70  
BDG HN21   H N N 71  
BDG HN22   H N N 72  
BDG H3     H N N 73  
BDG HO3    H N N 74  
BDG H4     H N N 75  
BDG HO4    H N N 76  
BDG H61    H N N 77  
BDG H62    H N N 78  
BDG HN61   H N N 79  
BDG HN62   H N N 80  
C   OP3    O N N 81  
C   P      P N N 82  
C   OP1    O N N 83  
C   OP2    O N N 84  
C   "O5'"  O N N 85  
C   "C5'"  C N N 86  
C   "C4'"  C N R 87  
C   "O4'"  O N N 88  
C   "C3'"  C N S 89  
C   "O3'"  O N N 90  
C   "C2'"  C N R 91  
C   "O2'"  O N N 92  
C   "C1'"  C N R 93  
C   N1     N N N 94  
C   C2     C N N 95  
C   O2     O N N 96  
C   N3     N N N 97  
C   C4     C N N 98  
C   N4     N N N 99  
C   C5     C N N 100 
C   C6     C N N 101 
C   HOP3   H N N 102 
C   HOP2   H N N 103 
C   "H5'"  H N N 104 
C   "H5''" H N N 105 
C   "H4'"  H N N 106 
C   "H3'"  H N N 107 
C   "HO3'" H N N 108 
C   "H2'"  H N N 109 
C   "HO2'" H N N 110 
C   "H1'"  H N N 111 
C   H41    H N N 112 
C   H42    H N N 113 
C   H5     H N N 114 
C   H6     H N N 115 
G   OP3    O N N 116 
G   P      P N N 117 
G   OP1    O N N 118 
G   OP2    O N N 119 
G   "O5'"  O N N 120 
G   "C5'"  C N N 121 
G   "C4'"  C N R 122 
G   "O4'"  O N N 123 
G   "C3'"  C N S 124 
G   "O3'"  O N N 125 
G   "C2'"  C N R 126 
G   "O2'"  O N N 127 
G   "C1'"  C N R 128 
G   N9     N Y N 129 
G   C8     C Y N 130 
G   N7     N Y N 131 
G   C5     C Y N 132 
G   C6     C N N 133 
G   O6     O N N 134 
G   N1     N N N 135 
G   C2     C N N 136 
G   N2     N N N 137 
G   N3     N N N 138 
G   C4     C Y N 139 
G   HOP3   H N N 140 
G   HOP2   H N N 141 
G   "H5'"  H N N 142 
G   "H5''" H N N 143 
G   "H4'"  H N N 144 
G   "H3'"  H N N 145 
G   "HO3'" H N N 146 
G   "H2'"  H N N 147 
G   "HO2'" H N N 148 
G   "H1'"  H N N 149 
G   H8     H N N 150 
G   H1     H N N 151 
G   H21    H N N 152 
G   H22    H N N 153 
HOH O      O N N 154 
HOH H1     H N N 155 
HOH H2     H N N 156 
P24 N1     N N N 157 
P24 C2     C N N 158 
P24 C3     C N N 159 
P24 N4     N N N 160 
P24 C5     C N N 161 
P24 C6     C N N 162 
P24 C7     C N N 163 
P24 C8     C N N 164 
P24 N9     N N N 165 
P24 HN11   H N N 166 
P24 HN12   H N N 167 
P24 H21    H N N 168 
P24 H22    H N N 169 
P24 H31    H N N 170 
P24 H32    H N N 171 
P24 HN4    H N N 172 
P24 H51    H N N 173 
P24 H52    H N N 174 
P24 H61    H N N 175 
P24 H62    H N N 176 
P24 H71    H N N 177 
P24 H72    H N N 178 
P24 H81    H N N 179 
P24 H82    H N N 180 
P24 HN91   H N N 181 
P24 HN92   H N N 182 
PA2 C1     C N R 183 
PA2 N1     N N N 184 
PA2 C2     C N S 185 
PA2 O2     O N N 186 
PA2 C3     C N S 187 
PA2 O3     O N N 188 
PA2 C4     C N N 189 
PA2 C5     C N S 190 
PA2 N5     N N N 191 
PA2 C6     C N N 192 
PA2 H1     H N N 193 
PA2 HN11   H N N 194 
PA2 HN12   H N N 195 
PA2 H2     H N N 196 
PA2 HO2    H N N 197 
PA2 H3     H N N 198 
PA2 HO3    H N N 199 
PA2 H41    H N N 200 
PA2 H42    H N N 201 
PA2 H5     H N N 202 
PA2 HN51   H N N 203 
PA2 HN52   H N N 204 
PA2 H61    H N N 205 
PA2 H62    H N N 206 
U   OP3    O N N 207 
U   P      P N N 208 
U   OP1    O N N 209 
U   OP2    O N N 210 
U   "O5'"  O N N 211 
U   "C5'"  C N N 212 
U   "C4'"  C N R 213 
U   "O4'"  O N N 214 
U   "C3'"  C N S 215 
U   "O3'"  O N N 216 
U   "C2'"  C N R 217 
U   "O2'"  O N N 218 
U   "C1'"  C N R 219 
U   N1     N N N 220 
U   C2     C N N 221 
U   O2     O N N 222 
U   N3     N N N 223 
U   C4     C N N 224 
U   O4     O N N 225 
U   C5     C N N 226 
U   C6     C N N 227 
U   HOP3   H N N 228 
U   HOP2   H N N 229 
U   "H5'"  H N N 230 
U   "H5''" H N N 231 
U   "H4'"  H N N 232 
U   "H3'"  H N N 233 
U   "HO3'" H N N 234 
U   "H2'"  H N N 235 
U   "HO2'" H N N 236 
U   "H1'"  H N N 237 
U   H3     H N N 238 
U   H5     H N N 239 
U   H6     H N N 240 
# 
loop_
_chem_comp_bond.comp_id 
_chem_comp_bond.atom_id_1 
_chem_comp_bond.atom_id_2 
_chem_comp_bond.value_order 
_chem_comp_bond.pdbx_aromatic_flag 
_chem_comp_bond.pdbx_stereo_config 
_chem_comp_bond.pdbx_ordinal 
42B N1    C6     sing N N 1   
42B N1    H1N1   sing N N 2   
42B N1    H1N2   sing N N 3   
42B C3    O3     doub N N 4   
42B C3    C4     sing N N 5   
42B C3    O31    sing N N 6   
42B C4    O4     sing N N 7   
42B C4    C5     sing N N 8   
42B C4    H4     sing N N 9   
42B O4    HA     sing N N 10  
42B C5    C6     sing N N 11  
42B C5    H5C1   sing N N 12  
42B C5    H5C2   sing N N 13  
42B C6    H6C1   sing N N 14  
42B C6    H6C2   sing N N 15  
42B O31   "HO'"  sing N N 16  
A   OP3   P      sing N N 17  
A   OP3   HOP3   sing N N 18  
A   P     OP1    doub N N 19  
A   P     OP2    sing N N 20  
A   P     "O5'"  sing N N 21  
A   OP2   HOP2   sing N N 22  
A   "O5'" "C5'"  sing N N 23  
A   "C5'" "C4'"  sing N N 24  
A   "C5'" "H5'"  sing N N 25  
A   "C5'" "H5''" sing N N 26  
A   "C4'" "O4'"  sing N N 27  
A   "C4'" "C3'"  sing N N 28  
A   "C4'" "H4'"  sing N N 29  
A   "O4'" "C1'"  sing N N 30  
A   "C3'" "O3'"  sing N N 31  
A   "C3'" "C2'"  sing N N 32  
A   "C3'" "H3'"  sing N N 33  
A   "O3'" "HO3'" sing N N 34  
A   "C2'" "O2'"  sing N N 35  
A   "C2'" "C1'"  sing N N 36  
A   "C2'" "H2'"  sing N N 37  
A   "O2'" "HO2'" sing N N 38  
A   "C1'" N9     sing N N 39  
A   "C1'" "H1'"  sing N N 40  
A   N9    C8     sing Y N 41  
A   N9    C4     sing Y N 42  
A   C8    N7     doub Y N 43  
A   C8    H8     sing N N 44  
A   N7    C5     sing Y N 45  
A   C5    C6     sing Y N 46  
A   C5    C4     doub Y N 47  
A   C6    N6     sing N N 48  
A   C6    N1     doub Y N 49  
A   N6    H61    sing N N 50  
A   N6    H62    sing N N 51  
A   N1    C2     sing Y N 52  
A   C2    N3     doub Y N 53  
A   C2    H2     sing N N 54  
A   N3    C4     sing Y N 55  
BDG C5    O5     sing N N 56  
BDG C5    C4     sing N N 57  
BDG C5    C6     sing N N 58  
BDG C5    H5     sing N N 59  
BDG O5    C1     sing N N 60  
BDG C1    O1     sing N N 61  
BDG C1    C2     sing N N 62  
BDG C1    H1     sing N N 63  
BDG O1    HO1    sing N N 64  
BDG C2    N2     sing N N 65  
BDG C2    C3     sing N N 66  
BDG C2    H2     sing N N 67  
BDG N2    HN21   sing N N 68  
BDG N2    HN22   sing N N 69  
BDG C3    O3     sing N N 70  
BDG C3    C4     sing N N 71  
BDG C3    H3     sing N N 72  
BDG O3    HO3    sing N N 73  
BDG C4    O4     sing N N 74  
BDG C4    H4     sing N N 75  
BDG O4    HO4    sing N N 76  
BDG C6    N6     sing N N 77  
BDG C6    H61    sing N N 78  
BDG C6    H62    sing N N 79  
BDG N6    HN61   sing N N 80  
BDG N6    HN62   sing N N 81  
C   OP3   P      sing N N 82  
C   OP3   HOP3   sing N N 83  
C   P     OP1    doub N N 84  
C   P     OP2    sing N N 85  
C   P     "O5'"  sing N N 86  
C   OP2   HOP2   sing N N 87  
C   "O5'" "C5'"  sing N N 88  
C   "C5'" "C4'"  sing N N 89  
C   "C5'" "H5'"  sing N N 90  
C   "C5'" "H5''" sing N N 91  
C   "C4'" "O4'"  sing N N 92  
C   "C4'" "C3'"  sing N N 93  
C   "C4'" "H4'"  sing N N 94  
C   "O4'" "C1'"  sing N N 95  
C   "C3'" "O3'"  sing N N 96  
C   "C3'" "C2'"  sing N N 97  
C   "C3'" "H3'"  sing N N 98  
C   "O3'" "HO3'" sing N N 99  
C   "C2'" "O2'"  sing N N 100 
C   "C2'" "C1'"  sing N N 101 
C   "C2'" "H2'"  sing N N 102 
C   "O2'" "HO2'" sing N N 103 
C   "C1'" N1     sing N N 104 
C   "C1'" "H1'"  sing N N 105 
C   N1    C2     sing N N 106 
C   N1    C6     sing N N 107 
C   C2    O2     doub N N 108 
C   C2    N3     sing N N 109 
C   N3    C4     doub N N 110 
C   C4    N4     sing N N 111 
C   C4    C5     sing N N 112 
C   N4    H41    sing N N 113 
C   N4    H42    sing N N 114 
C   C5    C6     doub N N 115 
C   C5    H5     sing N N 116 
C   C6    H6     sing N N 117 
G   OP3   P      sing N N 118 
G   OP3   HOP3   sing N N 119 
G   P     OP1    doub N N 120 
G   P     OP2    sing N N 121 
G   P     "O5'"  sing N N 122 
G   OP2   HOP2   sing N N 123 
G   "O5'" "C5'"  sing N N 124 
G   "C5'" "C4'"  sing N N 125 
G   "C5'" "H5'"  sing N N 126 
G   "C5'" "H5''" sing N N 127 
G   "C4'" "O4'"  sing N N 128 
G   "C4'" "C3'"  sing N N 129 
G   "C4'" "H4'"  sing N N 130 
G   "O4'" "C1'"  sing N N 131 
G   "C3'" "O3'"  sing N N 132 
G   "C3'" "C2'"  sing N N 133 
G   "C3'" "H3'"  sing N N 134 
G   "O3'" "HO3'" sing N N 135 
G   "C2'" "O2'"  sing N N 136 
G   "C2'" "C1'"  sing N N 137 
G   "C2'" "H2'"  sing N N 138 
G   "O2'" "HO2'" sing N N 139 
G   "C1'" N9     sing N N 140 
G   "C1'" "H1'"  sing N N 141 
G   N9    C8     sing Y N 142 
G   N9    C4     sing Y N 143 
G   C8    N7     doub Y N 144 
G   C8    H8     sing N N 145 
G   N7    C5     sing Y N 146 
G   C5    C6     sing N N 147 
G   C5    C4     doub Y N 148 
G   C6    O6     doub N N 149 
G   C6    N1     sing N N 150 
G   N1    C2     sing N N 151 
G   N1    H1     sing N N 152 
G   C2    N2     sing N N 153 
G   C2    N3     doub N N 154 
G   N2    H21    sing N N 155 
G   N2    H22    sing N N 156 
G   N3    C4     sing N N 157 
HOH O     H1     sing N N 158 
HOH O     H2     sing N N 159 
P24 N1    C2     sing N N 160 
P24 N1    HN11   sing N N 161 
P24 N1    HN12   sing N N 162 
P24 C2    C3     sing N N 163 
P24 C2    H21    sing N N 164 
P24 C2    H22    sing N N 165 
P24 C3    N4     sing N N 166 
P24 C3    H31    sing N N 167 
P24 C3    H32    sing N N 168 
P24 N4    C5     sing N N 169 
P24 N4    HN4    sing N N 170 
P24 C5    C6     sing N N 171 
P24 C5    H51    sing N N 172 
P24 C5    H52    sing N N 173 
P24 C6    C7     sing N N 174 
P24 C6    H61    sing N N 175 
P24 C6    H62    sing N N 176 
P24 C7    C8     sing N N 177 
P24 C7    H71    sing N N 178 
P24 C7    H72    sing N N 179 
P24 C8    N9     sing N N 180 
P24 C8    H81    sing N N 181 
P24 C8    H82    sing N N 182 
P24 N9    HN91   sing N N 183 
P24 N9    HN92   sing N N 184 
PA2 C1    N1     sing N N 185 
PA2 C1    C2     sing N N 186 
PA2 C1    C6     sing N N 187 
PA2 C1    H1     sing N N 188 
PA2 N1    HN11   sing N N 189 
PA2 N1    HN12   sing N N 190 
PA2 C2    O2     sing N N 191 
PA2 C2    C3     sing N N 192 
PA2 C2    H2     sing N N 193 
PA2 O2    HO2    sing N N 194 
PA2 C3    O3     sing N N 195 
PA2 C3    C4     sing N N 196 
PA2 C3    H3     sing N N 197 
PA2 O3    HO3    sing N N 198 
PA2 C4    C5     sing N N 199 
PA2 C4    H41    sing N N 200 
PA2 C4    H42    sing N N 201 
PA2 C5    N5     sing N N 202 
PA2 C5    C6     sing N N 203 
PA2 C5    H5     sing N N 204 
PA2 N5    HN51   sing N N 205 
PA2 N5    HN52   sing N N 206 
PA2 C6    H61    sing N N 207 
PA2 C6    H62    sing N N 208 
U   OP3   P      sing N N 209 
U   OP3   HOP3   sing N N 210 
U   P     OP1    doub N N 211 
U   P     OP2    sing N N 212 
U   P     "O5'"  sing N N 213 
U   OP2   HOP2   sing N N 214 
U   "O5'" "C5'"  sing N N 215 
U   "C5'" "C4'"  sing N N 216 
U   "C5'" "H5'"  sing N N 217 
U   "C5'" "H5''" sing N N 218 
U   "C4'" "O4'"  sing N N 219 
U   "C4'" "C3'"  sing N N 220 
U   "C4'" "H4'"  sing N N 221 
U   "O4'" "C1'"  sing N N 222 
U   "C3'" "O3'"  sing N N 223 
U   "C3'" "C2'"  sing N N 224 
U   "C3'" "H3'"  sing N N 225 
U   "O3'" "HO3'" sing N N 226 
U   "C2'" "O2'"  sing N N 227 
U   "C2'" "C1'"  sing N N 228 
U   "C2'" "H2'"  sing N N 229 
U   "O2'" "HO2'" sing N N 230 
U   "C1'" N1     sing N N 231 
U   "C1'" "H1'"  sing N N 232 
U   N1    C2     sing N N 233 
U   N1    C6     sing N N 234 
U   C2    O2     doub N N 235 
U   C2    N3     sing N N 236 
U   N3    C4     sing N N 237 
U   N3    H3     sing N N 238 
U   C4    O4     doub N N 239 
U   C4    C5     sing N N 240 
U   C5    C6     doub N N 241 
U   C5    H5     sing N N 242 
U   C6    H6     sing N N 243 
# 
loop_
_ndb_struct_conf_na.entry_id 
_ndb_struct_conf_na.feature 
1O9M 'double helix'        
1O9M 'a-form double helix' 
# 
loop_
_ndb_struct_na_base_pair.model_number 
_ndb_struct_na_base_pair.i_label_asym_id 
_ndb_struct_na_base_pair.i_label_comp_id 
_ndb_struct_na_base_pair.i_label_seq_id 
_ndb_struct_na_base_pair.i_symmetry 
_ndb_struct_na_base_pair.j_label_asym_id 
_ndb_struct_na_base_pair.j_label_comp_id 
_ndb_struct_na_base_pair.j_label_seq_id 
_ndb_struct_na_base_pair.j_symmetry 
_ndb_struct_na_base_pair.shear 
_ndb_struct_na_base_pair.stretch 
_ndb_struct_na_base_pair.stagger 
_ndb_struct_na_base_pair.buckle 
_ndb_struct_na_base_pair.propeller 
_ndb_struct_na_base_pair.opening 
_ndb_struct_na_base_pair.pair_number 
_ndb_struct_na_base_pair.pair_name 
_ndb_struct_na_base_pair.i_auth_asym_id 
_ndb_struct_na_base_pair.i_auth_seq_id 
_ndb_struct_na_base_pair.i_PDB_ins_code 
_ndb_struct_na_base_pair.j_auth_asym_id 
_ndb_struct_na_base_pair.j_auth_seq_id 
_ndb_struct_na_base_pair.j_PDB_ins_code 
_ndb_struct_na_base_pair.hbond_type_28 
_ndb_struct_na_base_pair.hbond_type_12 
1 A G 2  1_555 B C 22 1_555 -0.581 -0.409 0.267  0.569   -6.556  -4.368 1  A_G1403:C1498_B A 1403 ? B 1498 ? 19 1 
1 A C 3  1_555 B G 21 1_555 0.027  -0.141 0.302  -2.884  -7.979  1.337  2  A_C1404:G1497_B A 1404 ? B 1497 ? 19 1 
1 A G 4  1_555 B C 20 1_555 0.405  -0.109 0.035  -1.092  -4.779  -3.307 3  A_G1405:C1496_B A 1405 ? B 1496 ? 19 1 
1 A C 6  1_555 B G 18 1_555 0.277  -0.317 -0.081 2.967   -1.338  -1.973 4  A_C1407:G1494_B A 1407 ? B 1494 ? 19 1 
1 A C 8  1_555 B G 15 1_555 0.003  -0.126 0.037  8.611   -22.657 0.871  5  A_C1409:G1491_B A 1409 ? B 1491 ? 19 1 
1 A A 9  1_555 B U 14 1_555 0.437  0.027  0.134  0.667   -16.865 2.585  6  A_A1410:U1490_B A 1410 ? B 1490 ? 20 1 
1 A C 10 1_555 B G 13 1_555 0.225  -0.073 0.264  6.391   -18.838 6.135  7  A_C1411:G1489_B A 1411 ? B 1489 ? 19 1 
1 A C 11 1_555 B G 12 1_555 0.178  -0.117 0.182  -0.731  -12.754 0.281  8  A_C1412:G1488_B A 1412 ? B 1488 ? 19 1 
1 A G 12 1_555 B C 11 1_555 -0.170 -0.087 0.203  -1.579  -14.532 0.589  9  A_G1488:C1412_B A 1488 ? B 1412 ? 19 1 
1 A G 13 1_555 B C 10 1_555 -0.760 -0.252 -0.071 -4.334  -15.333 1.476  10 A_G1489:C1411_B A 1489 ? B 1411 ? 19 1 
1 A U 14 1_555 B A 9  1_555 0.599  -0.391 0.327  -7.650  -15.334 1.018  11 A_U1490:A1410_B A 1490 ? B 1410 ? 20 1 
1 A G 15 1_555 B C 8  1_555 -0.011 -0.527 0.763  -4.514  -13.911 -0.460 12 A_G1491:C1409_B A 1491 ? B 1409 ? 19 1 
1 A A 17 1_555 B A 7  1_555 -2.936 -2.754 0.885  -25.657 -26.049 79.607 13 A_A1493:A1408_B A 1493 ? B 1408 ? ?  ? 
1 A G 18 1_555 B C 6  1_555 0.455  -0.302 -0.136 9.167   -7.417  -1.576 14 A_G1494:C1407_B A 1494 ? B 1407 ? 19 1 
1 A U 19 1_555 B U 5  1_555 -1.589 -2.171 0.190  -2.263  -9.948  1.660  15 A_U1495:U1406_B A 1495 ? B 1406 ? 16 1 
1 A C 20 1_555 B G 4  1_555 -0.141 -0.475 0.184  4.415   -14.206 0.211  16 A_C1496:G1405_B A 1496 ? B 1405 ? 19 1 
1 A G 21 1_555 B C 3  1_555 0.412  -0.251 0.159  -4.234  -8.191  4.103  17 A_G1497:C1404_B A 1497 ? B 1404 ? 19 1 
1 A C 22 1_555 B G 2  1_555 0.846  -0.457 -0.045 1.642   -3.935  -3.306 18 A_C1498:G1403_B A 1498 ? B 1403 ? 19 1 
# 
loop_
_ndb_struct_na_base_pair_step.model_number 
_ndb_struct_na_base_pair_step.i_label_asym_id_1 
_ndb_struct_na_base_pair_step.i_label_comp_id_1 
_ndb_struct_na_base_pair_step.i_label_seq_id_1 
_ndb_struct_na_base_pair_step.i_symmetry_1 
_ndb_struct_na_base_pair_step.j_label_asym_id_1 
_ndb_struct_na_base_pair_step.j_label_comp_id_1 
_ndb_struct_na_base_pair_step.j_label_seq_id_1 
_ndb_struct_na_base_pair_step.j_symmetry_1 
_ndb_struct_na_base_pair_step.i_label_asym_id_2 
_ndb_struct_na_base_pair_step.i_label_comp_id_2 
_ndb_struct_na_base_pair_step.i_label_seq_id_2 
_ndb_struct_na_base_pair_step.i_symmetry_2 
_ndb_struct_na_base_pair_step.j_label_asym_id_2 
_ndb_struct_na_base_pair_step.j_label_comp_id_2 
_ndb_struct_na_base_pair_step.j_label_seq_id_2 
_ndb_struct_na_base_pair_step.j_symmetry_2 
_ndb_struct_na_base_pair_step.shift 
_ndb_struct_na_base_pair_step.slide 
_ndb_struct_na_base_pair_step.rise 
_ndb_struct_na_base_pair_step.tilt 
_ndb_struct_na_base_pair_step.roll 
_ndb_struct_na_base_pair_step.twist 
_ndb_struct_na_base_pair_step.x_displacement 
_ndb_struct_na_base_pair_step.y_displacement 
_ndb_struct_na_base_pair_step.helical_rise 
_ndb_struct_na_base_pair_step.inclination 
_ndb_struct_na_base_pair_step.tip 
_ndb_struct_na_base_pair_step.helical_twist 
_ndb_struct_na_base_pair_step.step_number 
_ndb_struct_na_base_pair_step.step_name 
_ndb_struct_na_base_pair_step.i_auth_asym_id_1 
_ndb_struct_na_base_pair_step.i_auth_seq_id_1 
_ndb_struct_na_base_pair_step.i_PDB_ins_code_1 
_ndb_struct_na_base_pair_step.j_auth_asym_id_1 
_ndb_struct_na_base_pair_step.j_auth_seq_id_1 
_ndb_struct_na_base_pair_step.j_PDB_ins_code_1 
_ndb_struct_na_base_pair_step.i_auth_asym_id_2 
_ndb_struct_na_base_pair_step.i_auth_seq_id_2 
_ndb_struct_na_base_pair_step.i_PDB_ins_code_2 
_ndb_struct_na_base_pair_step.j_auth_asym_id_2 
_ndb_struct_na_base_pair_step.j_auth_seq_id_2 
_ndb_struct_na_base_pair_step.j_PDB_ins_code_2 
1 A G 2  1_555 B C 22 1_555 A C 3  1_555 B G 21 1_555 0.153  -1.975 3.408 -0.985   2.869   35.918   -3.607 -0.390 3.241 4.642  
1.593  36.042   1  AA_G1403C1404:G1497C1498_BB A 1403 ? B 1498 ? A 1404 ? B 1497 ? 
1 A C 3  1_555 B G 21 1_555 A G 4  1_555 B C 20 1_555 -0.799 -1.700 3.181 1.448    7.389   31.518   -4.233 1.665  2.685 13.365 
-2.619 32.383   2  AA_C1404G1405:C1496G1497_BB A 1404 ? B 1497 ? A 1405 ? B 1496 ? 
1 A C 6  1_555 B G 18 1_555 A C 8  1_555 B G 15 1_555 1.835  -3.369 6.237 -7.947   17.254  79.026   -3.400 -1.785 5.365 13.382 
6.163  80.912   3  AA_C1407C1409:G1491G1494_BB A 1407 ? B 1494 ? A 1409 ? B 1491 ? 
1 A C 8  1_555 B G 15 1_555 A A 9  1_555 B U 14 1_555 -0.195 -1.407 3.278 -0.838   14.639  35.435   -3.848 0.200  2.528 22.880 
1.309  38.259   4  AA_C1409A1410:U1490G1491_BB A 1409 ? B 1491 ? A 1410 ? B 1490 ? 
1 A A 9  1_555 B U 14 1_555 A C 10 1_555 B G 13 1_555 0.917  -2.044 3.068 0.867    -0.120  28.732   -4.092 -1.663 3.102 -0.242 
-1.746 28.745   5  AA_A1410C1411:G1489U1490_BB A 1410 ? B 1490 ? A 1411 ? B 1489 ? 
1 A C 10 1_555 B G 13 1_555 A C 11 1_555 B G 12 1_555 -0.896 -1.999 3.434 -1.856   6.929   28.838   -5.339 1.363  2.935 13.647 
3.656  29.699   6  AA_C1411C1412:G1488G1489_BB A 1411 ? B 1489 ? A 1412 ? B 1488 ? 
1 A C 11 1_555 B G 12 1_555 A G 12 1_555 B C 11 1_555 -0.317 -1.852 3.192 -1.681   6.606   27.157   -5.259 0.292  2.689 13.794 
3.511  27.984   7  AA_C1412G1488:C1412G1488_BB A 1412 ? B 1488 ? A 1488 ? B 1412 ? 
1 A G 12 1_555 B C 11 1_555 A G 13 1_555 B C 10 1_555 -0.090 -1.262 3.214 0.881    7.721   32.898   -3.347 0.289  2.849 13.401 
-1.529 33.778   8  AA_G1488G1489:C1411C1412_BB A 1488 ? B 1412 ? A 1489 ? B 1411 ? 
1 A G 13 1_555 B C 10 1_555 A U 14 1_555 B A 9  1_555 0.590  -1.197 3.253 -0.777   12.338  37.161   -3.181 -0.970 2.722 18.735 
1.179  39.095   9  AA_G1489U1490:A1410C1411_BB A 1489 ? B 1411 ? A 1490 ? B 1410 ? 
1 A U 14 1_555 B A 9  1_555 A G 15 1_555 B C 8  1_555 0.302  -1.518 2.935 -0.431   9.184   27.355   -4.737 -0.685 2.309 18.760 
0.880  28.830   10 AA_U1490G1491:C1409A1410_BB A 1490 ? B 1410 ? A 1491 ? B 1409 ? 
1 A G 15 1_555 B C 8  1_555 A A 17 1_555 B A 7  1_555 -1.119 2.280  2.659 152.290  5.068   -113.120 -1.177 0.242  2.801 -2.608 
78.363 -164.880 11 AA_G1491A1493:A1408C1409_BB A 1491 ? B 1409 ? A 1493 ? B 1408 ? 
1 A A 17 1_555 B A 7  1_555 A G 18 1_555 B C 6  1_555 5.044  0.543  1.849 -130.756 109.016 140.443  0.138  -2.683 0.551 54.691 
65.598 176.701  12 AA_A1493G1494:C1407A1408_BB A 1493 ? B 1408 ? A 1494 ? B 1407 ? 
1 A G 18 1_555 B C 6  1_555 A U 19 1_555 B U 5  1_555 0.012  -1.911 3.237 -9.451   6.818   29.935   -4.598 -1.601 2.626 12.614 
17.485 32.075   13 AA_G1494U1495:U1406C1407_BB A 1494 ? B 1407 ? A 1495 ? B 1406 ? 
1 A U 19 1_555 B U 5  1_555 A C 20 1_555 B G 4  1_555 -0.344 -1.118 3.064 -0.235   -2.658  40.223   -1.338 0.475  3.130 -3.860 
0.341  40.308   14 AA_U1495C1496:G1405U1406_BB A 1495 ? B 1406 ? A 1496 ? B 1405 ? 
1 A C 20 1_555 B G 4  1_555 A G 21 1_555 B C 3  1_555 -0.200 -1.917 3.357 0.346    7.176   29.499   -5.046 0.449  2.820 13.835 
-0.667 30.342   15 AA_C1496G1497:C1404G1405_BB A 1496 ? B 1405 ? A 1497 ? B 1404 ? 
1 A G 21 1_555 B C 3  1_555 A C 22 1_555 B G 2  1_555 -0.265 -2.058 3.231 2.038    1.850   32.850   -3.932 0.802  3.092 3.263  
-3.595 32.962   16 AA_G1497C1498:G1403C1404_BB A 1497 ? B 1404 ? A 1498 ? B 1403 ? 
# 
loop_
_pdbx_chem_comp_identifier.comp_id 
_pdbx_chem_comp_identifier.type 
_pdbx_chem_comp_identifier.program 
_pdbx_chem_comp_identifier.program_version 
_pdbx_chem_comp_identifier.identifier 
BDG 'CONDENSED IUPAC CARBOHYDRATE SYMBOL' GMML     1.0 'DGlcpN[6N]a' 
BDG 'IUPAC CARBOHYDRATE SYMBOL'           PDB-CARE 1.0 a-D-GlcpN6N   
# 
loop_
_pdbx_entity_nonpoly.entity_id 
_pdbx_entity_nonpoly.name 
_pdbx_entity_nonpoly.comp_id 
2 2,6-diamino-2,6-dideoxy-alpha-D-glucopyranose BDG 
3 'PAROMOMYCIN (RING 2)'                        PA2 
4 '1-(AMINOETHYL)AMINO-4-AMINOBUTANE'           P24 
5 '4-AMINO-2-HYDROXYBUTANOIC ACID'              42B 
6 water                                         HOH 
# 
_pdbx_initial_refinement_model.id               1 
_pdbx_initial_refinement_model.entity_id_list   ? 
_pdbx_initial_refinement_model.type             'experimental model' 
_pdbx_initial_refinement_model.source_name      PDB 
_pdbx_initial_refinement_model.accession_code   1J7T 
_pdbx_initial_refinement_model.details          'PDB ENTRY 1J7T' 
# 
